data_2RV7
#
_entry.id   2RV7
#
loop_
_entity.id
_entity.type
_entity.pdbx_description
1 polymer 'Zinc finger protein ZFAT'
2 non-polymer 'ZINC ION'
#
_entity_poly.entity_id   1
_entity_poly.type   'polypeptide(L)'
_entity_poly.pdbx_seq_one_letter_code
;GSSGSSGKPYKCPQCSYASAIKANLNVHLRKHTGEKFACDYCSFTCLSKGHLKVHIERVHKKIKQHCRFCKKKYSDVKNL
IKHIRDAHDPQD
;
_entity_poly.pdbx_strand_id   A
#
loop_
_chem_comp.id
_chem_comp.type
_chem_comp.name
_chem_comp.formula
ZN non-polymer 'ZINC ION' 'Zn 2'
#
# COMPACT_ATOMS: atom_id res chain seq x y z
N GLY A 1 8.27 -27.07 -36.30
CA GLY A 1 8.03 -26.49 -34.97
C GLY A 1 7.17 -27.41 -34.10
N SER A 2 7.37 -27.37 -32.78
CA SER A 2 6.67 -28.21 -31.79
C SER A 2 5.34 -27.61 -31.28
N SER A 3 5.02 -26.36 -31.62
CA SER A 3 3.79 -25.65 -31.24
C SER A 3 2.53 -26.16 -31.97
N GLY A 4 1.36 -25.94 -31.37
CA GLY A 4 0.06 -26.33 -31.91
C GLY A 4 -0.44 -25.46 -33.08
N SER A 5 -1.52 -25.91 -33.72
CA SER A 5 -2.15 -25.25 -34.88
C SER A 5 -2.78 -23.88 -34.53
N SER A 6 -2.90 -23.00 -35.54
CA SER A 6 -3.49 -21.66 -35.42
C SER A 6 -4.99 -21.68 -35.08
N GLY A 7 -5.47 -20.60 -34.44
CA GLY A 7 -6.89 -20.41 -34.09
C GLY A 7 -7.16 -19.34 -33.03
N LYS A 8 -6.18 -19.10 -32.14
CA LYS A 8 -6.19 -18.06 -31.09
C LYS A 8 -7.48 -18.04 -30.22
N PRO A 9 -7.78 -19.14 -29.51
CA PRO A 9 -9.00 -19.30 -28.70
C PRO A 9 -9.13 -18.32 -27.53
N TYR A 10 -8.02 -17.92 -26.91
CA TYR A 10 -8.00 -17.06 -25.73
C TYR A 10 -8.15 -15.59 -26.14
N LYS A 11 -9.34 -15.04 -25.96
CA LYS A 11 -9.77 -13.72 -26.48
C LYS A 11 -10.08 -12.73 -25.37
N CYS A 12 -9.80 -11.44 -25.62
CA CYS A 12 -10.00 -10.35 -24.67
C CYS A 12 -11.50 -9.97 -24.57
N PRO A 13 -12.04 -9.76 -23.36
CA PRO A 13 -13.40 -9.28 -23.13
C PRO A 13 -13.53 -7.75 -23.39
N GLN A 14 -12.40 -7.04 -23.55
CA GLN A 14 -12.38 -5.58 -23.64
C GLN A 14 -11.96 -5.05 -25.02
N CYS A 15 -11.15 -5.81 -25.79
CA CYS A 15 -10.72 -5.42 -27.14
C CYS A 15 -10.63 -6.61 -28.12
N SER A 16 -10.20 -6.33 -29.37
CA SER A 16 -10.09 -7.31 -30.46
C SER A 16 -8.94 -8.31 -30.30
N TYR A 17 -8.17 -8.24 -29.20
CA TYR A 17 -7.03 -9.12 -28.92
C TYR A 17 -7.39 -10.60 -28.81
N ALA A 18 -6.48 -11.46 -29.29
CA ALA A 18 -6.55 -12.92 -29.16
C ALA A 18 -5.14 -13.55 -29.10
N SER A 19 -5.02 -14.70 -28.44
CA SER A 19 -3.79 -15.52 -28.40
C SER A 19 -4.10 -17.02 -28.29
N ALA A 20 -3.10 -17.86 -28.53
CA ALA A 20 -3.16 -19.32 -28.40
C ALA A 20 -2.82 -19.85 -26.99
N ILE A 21 -2.51 -18.95 -26.04
CA ILE A 21 -1.99 -19.28 -24.70
C ILE A 21 -2.76 -18.50 -23.63
N LYS A 22 -3.18 -19.16 -22.54
CA LYS A 22 -3.90 -18.54 -21.42
C LYS A 22 -3.10 -17.47 -20.70
N ALA A 23 -1.80 -17.72 -20.48
CA ALA A 23 -0.87 -16.76 -19.88
C ALA A 23 -0.73 -15.46 -20.69
N ASN A 24 -0.81 -15.53 -22.03
CA ASN A 24 -0.79 -14.35 -22.89
C ASN A 24 -2.08 -13.52 -22.74
N LEU A 25 -3.24 -14.16 -22.59
CA LEU A 25 -4.48 -13.44 -22.24
C LEU A 25 -4.39 -12.81 -20.84
N ASN A 26 -3.90 -13.54 -19.83
CA ASN A 26 -3.72 -12.99 -18.47
C ASN A 26 -2.83 -11.73 -18.50
N VAL A 27 -1.70 -11.79 -19.20
CA VAL A 27 -0.71 -10.69 -19.25
C VAL A 27 -1.26 -9.47 -19.97
N HIS A 28 -2.06 -9.72 -20.99
CA HIS A 28 -2.72 -8.68 -21.79
C HIS A 28 -3.75 -7.89 -20.98
N LEU A 29 -4.54 -8.56 -20.13
CA LEU A 29 -5.59 -7.93 -19.30
C LEU A 29 -5.01 -6.93 -18.29
N ARG A 30 -3.73 -7.06 -17.91
CA ARG A 30 -3.02 -6.14 -17.01
C ARG A 30 -2.94 -4.69 -17.51
N LYS A 31 -3.17 -4.48 -18.81
CA LYS A 31 -3.25 -3.16 -19.45
C LYS A 31 -4.62 -2.50 -19.28
N HIS A 32 -5.67 -3.32 -19.14
CA HIS A 32 -7.06 -2.91 -18.93
C HIS A 32 -7.46 -2.70 -17.46
N THR A 33 -6.65 -3.15 -16.49
CA THR A 33 -6.92 -3.03 -15.05
C THR A 33 -6.77 -1.61 -14.50
N GLY A 34 -7.33 -1.37 -13.31
CA GLY A 34 -7.19 -0.11 -12.57
C GLY A 34 -5.79 0.09 -11.96
N GLU A 35 -5.62 1.19 -11.22
CA GLU A 35 -4.36 1.54 -10.57
C GLU A 35 -4.04 0.66 -9.36
N LYS A 36 -2.78 0.20 -9.30
CA LYS A 36 -2.23 -0.52 -8.15
C LYS A 36 -1.66 0.44 -7.12
N PHE A 37 -2.32 0.43 -5.96
CA PHE A 37 -1.86 1.07 -4.74
C PHE A 37 -1.14 0.02 -3.87
N ALA A 38 0.13 0.24 -3.57
CA ALA A 38 0.96 -0.65 -2.75
C ALA A 38 0.96 -0.26 -1.26
N CYS A 39 1.09 -1.25 -0.38
CA CYS A 39 1.31 -1.04 1.06
C CYS A 39 2.69 -0.42 1.33
N ASP A 40 2.73 0.48 2.32
CA ASP A 40 3.96 1.12 2.79
C ASP A 40 4.73 0.21 3.78
N TYR A 41 4.15 -0.93 4.16
CA TYR A 41 4.65 -1.80 5.24
C TYR A 41 4.93 -3.25 4.78
N CYS A 42 4.25 -3.73 3.74
CA CYS A 42 4.53 -5.02 3.10
C CYS A 42 4.44 -4.96 1.56
N SER A 43 4.65 -6.12 0.91
CA SER A 43 4.55 -6.31 -0.54
C SER A 43 3.10 -6.30 -1.08
N PHE A 44 2.09 -6.06 -0.23
CA PHE A 44 0.68 -6.03 -0.63
C PHE A 44 0.39 -4.95 -1.68
N THR A 45 -0.56 -5.25 -2.56
CA THR A 45 -1.14 -4.32 -3.53
C THR A 45 -2.64 -4.50 -3.68
N CYS A 46 -3.31 -3.41 -4.05
CA CYS A 46 -4.77 -3.35 -4.19
C CYS A 46 -5.19 -2.46 -5.37
N LEU A 47 -6.35 -2.76 -5.98
CA LEU A 47 -7.01 -1.91 -6.98
C LEU A 47 -7.97 -0.86 -6.36
N SER A 48 -8.13 -0.90 -5.03
CA SER A 48 -9.00 0.00 -4.24
C SER A 48 -8.25 0.58 -3.04
N LYS A 49 -7.99 1.88 -3.09
CA LYS A 49 -7.26 2.63 -2.06
C LYS A 49 -7.93 2.61 -0.68
N GLY A 50 -9.26 2.54 -0.63
CA GLY A 50 -10.01 2.40 0.62
C GLY A 50 -9.81 1.04 1.31
N HIS A 51 -9.64 -0.04 0.54
CA HIS A 51 -9.28 -1.36 1.08
C HIS A 51 -7.81 -1.40 1.52
N LEU A 52 -6.91 -0.71 0.81
CA LEU A 52 -5.52 -0.52 1.24
C LEU A 52 -5.42 0.25 2.56
N LYS A 53 -6.25 1.27 2.79
CA LYS A 53 -6.36 1.94 4.09
C LYS A 53 -6.76 0.96 5.19
N VAL A 54 -7.81 0.15 4.97
CA VAL A 54 -8.24 -0.87 5.95
C VAL A 54 -7.14 -1.90 6.21
N HIS A 55 -6.41 -2.32 5.18
CA HIS A 55 -5.25 -3.23 5.32
C HIS A 55 -4.19 -2.66 6.27
N ILE A 56 -3.83 -1.39 6.13
CA ILE A 56 -2.85 -0.76 7.04
C ILE A 56 -3.44 -0.55 8.43
N GLU A 57 -4.69 -0.09 8.54
CA GLU A 57 -5.39 0.16 9.82
C GLU A 57 -5.62 -1.10 10.66
N ARG A 58 -5.57 -2.28 10.04
CA ARG A 58 -5.74 -3.58 10.71
C ARG A 58 -4.45 -4.38 10.88
N VAL A 59 -3.59 -4.40 9.84
CA VAL A 59 -2.39 -5.23 9.84
C VAL A 59 -1.18 -4.49 10.42
N HIS A 60 -1.01 -3.21 10.05
CA HIS A 60 0.20 -2.42 10.34
C HIS A 60 -0.02 -1.24 11.31
N LYS A 61 -1.14 -1.23 12.00
CA LYS A 61 -1.51 -0.29 13.08
C LYS A 61 -0.91 -0.75 14.41
N LYS A 62 -0.27 0.15 15.15
CA LYS A 62 0.55 -0.14 16.36
C LYS A 62 1.59 -1.25 16.10
N ILE A 63 2.31 -1.11 14.98
CA ILE A 63 3.33 -2.05 14.51
C ILE A 63 4.67 -1.85 15.26
N LYS A 64 5.33 -2.95 15.62
CA LYS A 64 6.67 -2.94 16.22
C LYS A 64 7.73 -2.46 15.21
N GLN A 65 8.68 -1.64 15.67
CA GLN A 65 9.74 -1.03 14.87
C GLN A 65 11.07 -1.02 15.65
N HIS A 66 12.19 -0.76 14.96
CA HIS A 66 13.49 -0.49 15.60
C HIS A 66 14.20 0.73 15.00
N CYS A 67 14.96 1.44 15.82
CA CYS A 67 15.75 2.61 15.46
C CYS A 67 16.95 2.25 14.56
N ARG A 68 17.16 3.03 13.50
CA ARG A 68 18.27 2.86 12.56
C ARG A 68 19.60 3.47 13.04
N PHE A 69 19.60 4.11 14.22
CA PHE A 69 20.79 4.74 14.82
C PHE A 69 21.28 4.04 16.10
N CYS A 70 20.36 3.53 16.95
CA CYS A 70 20.67 2.88 18.24
C CYS A 70 20.03 1.49 18.46
N LYS A 71 19.31 0.96 17.46
CA LYS A 71 18.61 -0.35 17.47
C LYS A 71 17.61 -0.56 18.61
N LYS A 72 17.19 0.51 19.30
CA LYS A 72 16.12 0.50 20.30
C LYS A 72 14.78 0.11 19.66
N LYS A 73 13.99 -0.72 20.34
CA LYS A 73 12.65 -1.15 19.87
C LYS A 73 11.56 -0.14 20.27
N TYR A 74 10.60 0.04 19.37
CA TYR A 74 9.49 1.00 19.47
C TYR A 74 8.13 0.35 19.17
N SER A 75 7.08 0.79 19.89
CA SER A 75 5.72 0.26 19.85
C SER A 75 4.86 0.76 18.69
N ASP A 76 5.29 1.86 18.05
CA ASP A 76 4.67 2.47 16.87
C ASP A 76 5.77 3.20 16.08
N VAL A 77 5.68 3.22 14.75
CA VAL A 77 6.57 4.05 13.93
C VAL A 77 6.47 5.53 14.31
N LYS A 78 5.27 6.04 14.65
CA LYS A 78 5.09 7.45 15.07
C LYS A 78 5.85 7.79 16.36
N ASN A 79 6.01 6.82 17.27
CA ASN A 79 6.81 6.98 18.49
C ASN A 79 8.32 6.97 18.19
N LEU A 80 8.75 6.16 17.21
CA LEU A 80 10.13 6.13 16.73
C LEU A 80 10.56 7.48 16.11
N ILE A 81 9.69 8.15 15.37
CA ILE A 81 10.01 9.46 14.76
C ILE A 81 10.33 10.50 15.84
N LYS A 82 9.51 10.57 16.90
CA LYS A 82 9.73 11.49 18.03
C LYS A 82 11.07 11.22 18.72
N HIS A 83 11.45 9.96 18.90
CA HIS A 83 12.78 9.57 19.38
C HIS A 83 13.92 10.01 18.45
N ILE A 84 13.78 9.83 17.14
CA ILE A 84 14.80 10.29 16.17
C ILE A 84 14.91 11.83 16.21
N ARG A 85 13.80 12.56 16.27
CA ARG A 85 13.75 14.03 16.40
C ARG A 85 14.35 14.56 17.71
N ASP A 86 14.42 13.75 18.76
CA ASP A 86 14.97 14.13 20.07
C ASP A 86 16.44 13.70 20.27
N ALA A 87 16.79 12.47 19.89
CA ALA A 87 18.09 11.83 20.17
C ALA A 87 19.05 11.79 18.97
N HIS A 88 18.52 11.82 17.73
CA HIS A 88 19.27 11.65 16.48
C HIS A 88 18.96 12.76 15.45
N ASP A 89 18.63 13.96 15.93
CA ASP A 89 18.08 15.06 15.12
C ASP A 89 18.99 15.51 13.94
N PRO A 90 18.40 15.95 12.82
CA PRO A 90 19.12 16.26 11.57
C PRO A 90 19.78 17.65 11.52
N GLN A 91 19.78 18.39 12.64
CA GLN A 91 20.28 19.77 12.77
C GLN A 91 19.62 20.76 11.78
N ASP A 92 18.34 20.55 11.46
CA ASP A 92 17.52 21.33 10.50
C ASP A 92 16.08 21.57 11.00
ZN ZN B . -7.68 -6.34 -24.54
ZN ZN C . 0.70 -4.35 4.28
ZN ZN D . 17.63 5.69 18.39
N GLY A 1 4.11 -23.56 4.85
CA GLY A 1 3.03 -24.53 4.53
C GLY A 1 3.57 -25.94 4.34
N SER A 2 2.74 -26.82 3.77
CA SER A 2 3.08 -28.24 3.52
C SER A 2 4.19 -28.42 2.46
N SER A 3 5.00 -29.47 2.60
CA SER A 3 6.08 -29.81 1.66
C SER A 3 5.55 -30.42 0.35
N GLY A 4 6.21 -30.14 -0.77
CA GLY A 4 5.87 -30.62 -2.12
C GLY A 4 6.55 -29.82 -3.24
N SER A 5 6.29 -30.20 -4.49
CA SER A 5 6.73 -29.47 -5.69
C SER A 5 5.88 -28.23 -5.97
N SER A 6 6.45 -27.24 -6.66
CA SER A 6 5.81 -25.93 -6.89
C SER A 6 4.65 -25.97 -7.88
N GLY A 7 4.76 -26.77 -8.94
CA GLY A 7 3.77 -26.87 -10.02
C GLY A 7 3.51 -25.53 -10.73
N LYS A 8 2.23 -25.22 -10.95
CA LYS A 8 1.71 -23.91 -11.41
C LYS A 8 2.39 -23.41 -12.71
N PRO A 9 2.24 -24.11 -13.83
CA PRO A 9 2.90 -23.79 -15.10
C PRO A 9 2.51 -22.44 -15.71
N TYR A 10 1.30 -21.96 -15.47
CA TYR A 10 0.79 -20.72 -16.05
C TYR A 10 1.25 -19.49 -15.23
N LYS A 11 2.30 -18.81 -15.70
CA LYS A 11 2.91 -17.64 -15.07
C LYS A 11 2.35 -16.31 -15.62
N CYS A 12 2.34 -15.28 -14.78
CA CYS A 12 2.02 -13.91 -15.16
C CYS A 12 3.23 -13.24 -15.86
N PRO A 13 3.02 -12.50 -16.97
CA PRO A 13 4.06 -11.70 -17.62
C PRO A 13 4.32 -10.37 -16.89
N GLN A 14 3.47 -10.00 -15.92
CA GLN A 14 3.51 -8.69 -15.24
C GLN A 14 4.01 -8.77 -13.80
N CYS A 15 3.80 -9.90 -13.10
CA CYS A 15 4.27 -10.11 -11.72
C CYS A 15 4.69 -11.56 -11.43
N SER A 16 5.05 -11.84 -10.17
CA SER A 16 5.51 -13.16 -9.69
C SER A 16 4.41 -14.23 -9.60
N TYR A 17 3.17 -13.90 -9.95
CA TYR A 17 2.01 -14.82 -9.91
C TYR A 17 2.17 -16.05 -10.82
N ALA A 18 1.62 -17.18 -10.36
CA ALA A 18 1.47 -18.40 -11.14
C ALA A 18 0.24 -19.20 -10.69
N SER A 19 -0.36 -19.99 -11.60
CA SER A 19 -1.46 -20.93 -11.31
C SER A 19 -1.37 -22.21 -12.15
N ALA A 20 -2.17 -23.22 -11.80
CA ALA A 20 -2.27 -24.51 -12.49
C ALA A 20 -3.31 -24.52 -13.65
N ILE A 21 -4.01 -23.40 -13.88
CA ILE A 21 -5.16 -23.31 -14.81
C ILE A 21 -5.03 -22.04 -15.66
N LYS A 22 -5.28 -22.14 -16.97
CA LYS A 22 -5.25 -21.00 -17.92
C LYS A 22 -6.31 -19.93 -17.59
N ALA A 23 -7.52 -20.34 -17.20
CA ALA A 23 -8.57 -19.44 -16.73
C ALA A 23 -8.16 -18.63 -15.48
N ASN A 24 -7.39 -19.21 -14.56
CA ASN A 24 -6.86 -18.51 -13.39
C ASN A 24 -5.76 -17.50 -13.75
N LEU A 25 -5.05 -17.69 -14.86
CA LEU A 25 -4.16 -16.67 -15.42
C LEU A 25 -4.95 -15.57 -16.14
N ASN A 26 -5.94 -15.91 -16.96
CA ASN A 26 -6.80 -14.93 -17.63
C ASN A 26 -7.44 -13.96 -16.63
N VAL A 27 -8.02 -14.51 -15.55
CA VAL A 27 -8.74 -13.73 -14.52
C VAL A 27 -7.81 -12.80 -13.75
N HIS A 28 -6.58 -13.25 -13.55
CA HIS A 28 -5.53 -12.51 -12.87
C HIS A 28 -5.05 -11.29 -13.68
N LEU A 29 -4.94 -11.43 -15.00
CA LEU A 29 -4.51 -10.35 -15.90
C LEU A 29 -5.50 -9.18 -15.94
N ARG A 30 -6.79 -9.42 -15.62
CA ARG A 30 -7.81 -8.38 -15.49
C ARG A 30 -7.45 -7.35 -14.39
N LYS A 31 -6.82 -7.80 -13.30
CA LYS A 31 -6.42 -6.95 -12.16
C LYS A 31 -5.36 -5.92 -12.56
N HIS A 32 -4.44 -6.33 -13.43
CA HIS A 32 -3.38 -5.46 -13.98
C HIS A 32 -3.88 -4.34 -14.92
N THR A 33 -5.16 -4.35 -15.34
CA THR A 33 -5.75 -3.23 -16.12
C THR A 33 -6.03 -1.99 -15.26
N GLY A 34 -6.24 -2.18 -13.95
CA GLY A 34 -6.61 -1.14 -13.00
C GLY A 34 -5.43 -0.58 -12.19
N GLU A 35 -5.69 0.42 -11.34
CA GLU A 35 -4.69 1.00 -10.43
C GLU A 35 -4.37 0.06 -9.27
N LYS A 36 -3.06 -0.19 -9.08
CA LYS A 36 -2.54 -1.01 -7.96
C LYS A 36 -2.04 -0.11 -6.83
N PHE A 37 -2.76 -0.13 -5.73
CA PHE A 37 -2.53 0.63 -4.50
C PHE A 37 -1.67 -0.22 -3.55
N ALA A 38 -0.39 0.14 -3.39
CA ALA A 38 0.61 -0.63 -2.64
C ALA A 38 0.74 -0.22 -1.16
N CYS A 39 1.00 -1.20 -0.28
CA CYS A 39 1.34 -0.97 1.12
C CYS A 39 2.71 -0.31 1.28
N ASP A 40 2.80 0.58 2.28
CA ASP A 40 4.05 1.23 2.69
C ASP A 40 4.85 0.36 3.68
N TYR A 41 4.27 -0.74 4.16
CA TYR A 41 4.80 -1.59 5.23
C TYR A 41 5.12 -3.02 4.78
N CYS A 42 4.42 -3.52 3.75
CA CYS A 42 4.72 -4.81 3.10
C CYS A 42 4.60 -4.76 1.57
N SER A 43 4.79 -5.92 0.91
CA SER A 43 4.66 -6.11 -0.54
C SER A 43 3.21 -6.18 -1.03
N PHE A 44 2.22 -5.97 -0.14
CA PHE A 44 0.79 -5.99 -0.46
C PHE A 44 0.39 -4.95 -1.51
N THR A 45 -0.59 -5.32 -2.34
CA THR A 45 -1.27 -4.43 -3.27
C THR A 45 -2.77 -4.75 -3.38
N CYS A 46 -3.56 -3.73 -3.72
CA CYS A 46 -5.01 -3.84 -3.90
C CYS A 46 -5.51 -2.97 -5.07
N LEU A 47 -6.78 -3.13 -5.46
CA LEU A 47 -7.46 -2.39 -6.54
C LEU A 47 -8.23 -1.14 -6.04
N SER A 48 -8.10 -0.79 -4.75
CA SER A 48 -8.67 0.43 -4.15
C SER A 48 -7.77 1.00 -3.05
N LYS A 49 -7.63 2.33 -3.07
CA LYS A 49 -7.01 3.14 -2.01
C LYS A 49 -7.73 2.98 -0.66
N GLY A 50 -9.05 2.77 -0.67
CA GLY A 50 -9.85 2.54 0.53
C GLY A 50 -9.57 1.16 1.14
N HIS A 51 -9.42 0.12 0.31
CA HIS A 51 -9.02 -1.21 0.79
C HIS A 51 -7.55 -1.25 1.24
N LEU A 52 -6.66 -0.47 0.60
CA LEU A 52 -5.29 -0.26 1.07
C LEU A 52 -5.25 0.42 2.46
N LYS A 53 -6.09 1.43 2.70
CA LYS A 53 -6.24 2.03 4.03
C LYS A 53 -6.67 0.98 5.06
N VAL A 54 -7.70 0.19 4.76
CA VAL A 54 -8.17 -0.89 5.66
C VAL A 54 -7.07 -1.92 5.93
N HIS A 55 -6.26 -2.28 4.93
CA HIS A 55 -5.12 -3.18 5.10
C HIS A 55 -4.12 -2.65 6.14
N ILE A 56 -3.74 -1.37 6.08
CA ILE A 56 -2.82 -0.77 7.06
C ILE A 56 -3.50 -0.62 8.44
N GLU A 57 -4.77 -0.24 8.46
CA GLU A 57 -5.58 -0.06 9.69
C GLU A 57 -5.91 -1.36 10.42
N ARG A 58 -5.66 -2.52 9.79
CA ARG A 58 -5.84 -3.87 10.39
C ARG A 58 -4.55 -4.65 10.58
N VAL A 59 -3.63 -4.59 9.60
CA VAL A 59 -2.41 -5.41 9.61
C VAL A 59 -1.25 -4.67 10.31
N HIS A 60 -1.03 -3.41 9.95
CA HIS A 60 0.05 -2.55 10.46
C HIS A 60 -0.42 -1.52 11.50
N LYS A 61 -1.54 -1.80 12.16
CA LYS A 61 -2.11 -1.03 13.27
C LYS A 61 -1.27 -1.21 14.55
N LYS A 62 -1.11 -0.12 15.31
CA LYS A 62 -0.28 -0.01 16.53
C LYS A 62 1.18 -0.50 16.34
N ILE A 63 1.79 -0.04 15.24
CA ILE A 63 3.16 -0.40 14.83
C ILE A 63 4.21 0.64 15.29
N LYS A 64 5.43 0.18 15.53
CA LYS A 64 6.60 1.03 15.84
C LYS A 64 7.02 1.93 14.66
N GLN A 65 7.62 3.08 14.99
CA GLN A 65 8.07 4.11 14.05
C GLN A 65 9.39 4.75 14.54
N HIS A 66 10.00 5.65 13.76
CA HIS A 66 11.11 6.50 14.22
C HIS A 66 11.00 7.96 13.74
N CYS A 67 11.59 8.87 14.53
CA CYS A 67 11.60 10.31 14.30
C CYS A 67 12.54 10.71 13.16
N ARG A 68 12.05 11.56 12.24
CA ARG A 68 12.83 12.10 11.11
C ARG A 68 13.76 13.27 11.49
N PHE A 69 13.71 13.73 12.74
CA PHE A 69 14.52 14.86 13.23
C PHE A 69 15.66 14.43 14.17
N CYS A 70 15.45 13.40 15.00
CA CYS A 70 16.42 12.92 16.01
C CYS A 70 16.67 11.37 15.99
N LYS A 71 16.07 10.64 15.04
CA LYS A 71 16.18 9.18 14.86
C LYS A 71 15.72 8.33 16.06
N LYS A 72 15.06 8.93 17.05
CA LYS A 72 14.48 8.24 18.22
C LYS A 72 13.36 7.28 17.79
N LYS A 73 13.33 6.06 18.33
CA LYS A 73 12.27 5.06 18.08
C LYS A 73 11.05 5.31 18.97
N TYR A 74 9.87 5.10 18.39
CA TYR A 74 8.56 5.33 19.02
C TYR A 74 7.65 4.10 18.90
N SER A 75 6.90 3.83 19.98
CA SER A 75 6.05 2.64 20.15
C SER A 75 4.77 2.65 19.31
N ASP A 76 4.32 3.84 18.91
CA ASP A 76 3.14 4.09 18.09
C ASP A 76 3.36 5.36 17.25
N VAL A 77 2.78 5.42 16.04
CA VAL A 77 2.80 6.65 15.24
C VAL A 77 2.15 7.82 15.97
N LYS A 78 1.05 7.61 16.71
CA LYS A 78 0.37 8.69 17.46
C LYS A 78 1.24 9.26 18.58
N ASN A 79 2.08 8.42 19.20
CA ASN A 79 3.06 8.87 20.19
C ASN A 79 4.20 9.68 19.55
N LEU A 80 4.62 9.30 18.34
CA LEU A 80 5.62 10.02 17.56
C LEU A 80 5.16 11.45 17.19
N ILE A 81 3.88 11.64 16.83
CA ILE A 81 3.35 12.97 16.50
C ILE A 81 3.46 13.91 17.69
N LYS A 82 3.11 13.44 18.89
CA LYS A 82 3.21 14.22 20.12
C LYS A 82 4.67 14.58 20.47
N HIS A 83 5.61 13.67 20.25
CA HIS A 83 7.06 13.96 20.34
C HIS A 83 7.50 15.04 19.34
N ILE A 84 7.07 14.96 18.08
CA ILE A 84 7.36 15.99 17.07
C ILE A 84 6.76 17.34 17.51
N ARG A 85 5.53 17.36 18.00
CA ARG A 85 4.87 18.57 18.52
C ARG A 85 5.46 19.14 19.81
N ASP A 86 6.23 18.35 20.57
CA ASP A 86 6.88 18.78 21.81
C ASP A 86 8.36 19.20 21.62
N ALA A 87 9.11 18.48 20.77
CA ALA A 87 10.56 18.66 20.57
C ALA A 87 10.94 19.33 19.24
N HIS A 88 10.10 19.19 18.20
CA HIS A 88 10.38 19.61 16.81
C HIS A 88 9.20 20.39 16.18
N ASP A 89 8.46 21.14 17.01
CA ASP A 89 7.16 21.72 16.65
C ASP A 89 7.13 22.63 15.39
N PRO A 90 6.06 22.58 14.57
CA PRO A 90 5.93 23.34 13.33
C PRO A 90 5.35 24.75 13.48
N GLN A 91 5.10 25.19 14.72
CA GLN A 91 4.37 26.41 15.09
C GLN A 91 2.98 26.52 14.42
N ASP A 92 2.28 25.37 14.30
CA ASP A 92 0.97 25.21 13.63
C ASP A 92 0.06 24.17 14.35
ZN ZN B . 0.25 -10.63 -12.38
ZN ZN C . 0.93 -4.21 4.43
ZN ZN D . 12.59 13.55 17.48
N GLY A 1 -9.12 36.51 -22.01
CA GLY A 1 -10.45 36.42 -22.69
C GLY A 1 -11.59 36.70 -21.72
N SER A 2 -12.78 36.18 -22.02
CA SER A 2 -13.99 36.29 -21.19
C SER A 2 -13.98 35.37 -19.97
N SER A 3 -14.78 35.70 -18.94
CA SER A 3 -14.95 34.91 -17.72
C SER A 3 -15.85 33.68 -17.90
N GLY A 4 -15.67 32.66 -17.04
CA GLY A 4 -16.47 31.44 -17.04
C GLY A 4 -17.92 31.65 -16.56
N SER A 5 -18.84 30.81 -17.03
CA SER A 5 -20.28 30.86 -16.71
C SER A 5 -20.64 30.26 -15.33
N SER A 6 -19.75 29.49 -14.72
CA SER A 6 -19.91 28.88 -13.39
C SER A 6 -18.57 28.76 -12.65
N GLY A 7 -18.59 28.87 -11.31
CA GLY A 7 -17.39 28.87 -10.45
C GLY A 7 -16.77 27.49 -10.20
N LYS A 8 -17.56 26.41 -10.36
CA LYS A 8 -17.16 24.99 -10.23
C LYS A 8 -16.28 24.72 -8.99
N PRO A 9 -16.80 24.95 -7.76
CA PRO A 9 -16.04 24.86 -6.52
C PRO A 9 -15.56 23.46 -6.15
N TYR A 10 -16.25 22.42 -6.59
CA TYR A 10 -15.94 21.04 -6.24
C TYR A 10 -14.83 20.48 -7.15
N LYS A 11 -13.58 20.57 -6.66
CA LYS A 11 -12.35 20.14 -7.34
C LYS A 11 -11.99 18.69 -7.01
N CYS A 12 -11.36 17.99 -7.95
CA CYS A 12 -10.78 16.67 -7.75
C CYS A 12 -9.42 16.79 -7.02
N PRO A 13 -9.17 15.96 -5.99
CA PRO A 13 -7.88 15.86 -5.33
C PRO A 13 -6.87 15.02 -6.14
N GLN A 14 -7.31 14.39 -7.23
CA GLN A 14 -6.53 13.40 -8.01
C GLN A 14 -6.15 13.88 -9.42
N CYS A 15 -6.95 14.79 -10.00
CA CYS A 15 -6.65 15.45 -11.28
C CYS A 15 -7.16 16.91 -11.35
N SER A 16 -7.04 17.55 -12.51
CA SER A 16 -7.41 18.96 -12.78
C SER A 16 -8.94 19.20 -12.87
N TYR A 17 -9.77 18.16 -12.70
CA TYR A 17 -11.22 18.23 -12.79
C TYR A 17 -11.89 19.15 -11.75
N ALA A 18 -12.99 19.78 -12.15
CA ALA A 18 -13.89 20.53 -11.26
C ALA A 18 -15.35 20.49 -11.75
N SER A 19 -16.30 20.59 -10.83
CA SER A 19 -17.74 20.71 -11.12
C SER A 19 -18.47 21.65 -10.13
N ALA A 20 -19.70 22.03 -10.47
CA ALA A 20 -20.57 22.88 -9.64
C ALA A 20 -21.44 22.10 -8.64
N ILE A 21 -21.34 20.76 -8.62
CA ILE A 21 -22.20 19.84 -7.86
C ILE A 21 -21.34 18.80 -7.12
N LYS A 22 -21.63 18.54 -5.84
CA LYS A 22 -20.92 17.53 -5.02
C LYS A 22 -21.08 16.10 -5.56
N ALA A 23 -22.29 15.75 -6.03
CA ALA A 23 -22.56 14.47 -6.69
C ALA A 23 -21.72 14.25 -7.96
N ASN A 24 -21.46 15.31 -8.74
CA ASN A 24 -20.59 15.24 -9.91
C ASN A 24 -19.11 15.05 -9.55
N LEU A 25 -18.68 15.47 -8.35
CA LEU A 25 -17.35 15.12 -7.83
C LEU A 25 -17.33 13.67 -7.31
N ASN A 26 -18.34 13.24 -6.55
CA ASN A 26 -18.45 11.85 -6.07
C ASN A 26 -18.35 10.84 -7.22
N VAL A 27 -19.11 11.09 -8.30
CA VAL A 27 -19.19 10.20 -9.46
C VAL A 27 -17.88 10.13 -10.23
N HIS A 28 -17.18 11.26 -10.26
CA HIS A 28 -15.89 11.41 -10.91
C HIS A 28 -14.76 10.64 -10.20
N LEU A 29 -14.78 10.60 -8.86
CA LEU A 29 -13.77 9.89 -8.06
C LEU A 29 -13.81 8.37 -8.27
N ARG A 30 -14.96 7.83 -8.72
CA ARG A 30 -15.11 6.40 -9.09
C ARG A 30 -14.14 5.99 -10.22
N LYS A 31 -13.89 6.88 -11.17
CA LYS A 31 -13.01 6.65 -12.35
C LYS A 31 -11.54 6.47 -11.98
N HIS A 32 -11.13 7.10 -10.87
CA HIS A 32 -9.80 6.97 -10.29
C HIS A 32 -9.56 5.65 -9.51
N THR A 33 -10.57 4.78 -9.34
CA THR A 33 -10.38 3.41 -8.81
C THR A 33 -9.84 2.44 -9.87
N GLY A 34 -9.39 1.25 -9.45
CA GLY A 34 -8.84 0.22 -10.34
C GLY A 34 -7.34 0.33 -10.63
N GLU A 35 -6.68 1.35 -10.09
CA GLU A 35 -5.22 1.52 -10.08
C GLU A 35 -4.57 0.70 -8.95
N LYS A 36 -3.34 0.22 -9.18
CA LYS A 36 -2.55 -0.51 -8.17
C LYS A 36 -1.94 0.41 -7.13
N PHE A 37 -2.50 0.34 -5.93
CA PHE A 37 -1.96 0.96 -4.72
C PHE A 37 -1.21 -0.11 -3.90
N ALA A 38 0.07 0.13 -3.66
CA ALA A 38 0.94 -0.73 -2.82
C ALA A 38 0.96 -0.30 -1.34
N CYS A 39 1.10 -1.26 -0.43
CA CYS A 39 1.33 -1.01 0.99
C CYS A 39 2.71 -0.38 1.23
N ASP A 40 2.76 0.55 2.18
CA ASP A 40 4.00 1.19 2.64
C ASP A 40 4.77 0.32 3.66
N TYR A 41 4.18 -0.81 4.08
CA TYR A 41 4.68 -1.64 5.17
C TYR A 41 4.97 -3.10 4.77
N CYS A 42 4.30 -3.61 3.73
CA CYS A 42 4.60 -4.91 3.11
C CYS A 42 4.48 -4.89 1.57
N SER A 43 4.70 -6.06 0.95
CA SER A 43 4.59 -6.28 -0.50
C SER A 43 3.14 -6.32 -1.03
N PHE A 44 2.14 -6.05 -0.19
CA PHE A 44 0.72 -6.04 -0.57
C PHE A 44 0.40 -4.99 -1.64
N THR A 45 -0.55 -5.33 -2.50
CA THR A 45 -1.15 -4.41 -3.48
C THR A 45 -2.66 -4.61 -3.60
N CYS A 46 -3.34 -3.54 -4.02
CA CYS A 46 -4.79 -3.48 -4.10
C CYS A 46 -5.27 -2.60 -5.27
N LEU A 47 -6.46 -2.89 -5.80
CA LEU A 47 -7.16 -2.08 -6.82
C LEU A 47 -8.02 -0.94 -6.21
N SER A 48 -8.07 -0.85 -4.88
CA SER A 48 -8.79 0.17 -4.12
C SER A 48 -7.92 0.74 -3.00
N LYS A 49 -7.78 2.08 -3.02
CA LYS A 49 -7.12 2.88 -1.99
C LYS A 49 -7.81 2.77 -0.62
N GLY A 50 -9.13 2.61 -0.62
CA GLY A 50 -9.92 2.49 0.60
C GLY A 50 -9.79 1.11 1.27
N HIS A 51 -9.64 0.04 0.48
CA HIS A 51 -9.29 -1.29 1.02
C HIS A 51 -7.82 -1.33 1.47
N LEU A 52 -6.91 -0.64 0.78
CA LEU A 52 -5.52 -0.47 1.24
C LEU A 52 -5.43 0.28 2.58
N LYS A 53 -6.27 1.30 2.80
CA LYS A 53 -6.41 1.95 4.12
C LYS A 53 -6.81 0.92 5.19
N VAL A 54 -7.85 0.12 4.94
CA VAL A 54 -8.28 -0.94 5.89
C VAL A 54 -7.15 -1.95 6.16
N HIS A 55 -6.39 -2.34 5.13
CA HIS A 55 -5.23 -3.22 5.28
C HIS A 55 -4.21 -2.66 6.26
N ILE A 56 -3.84 -1.38 6.15
CA ILE A 56 -2.88 -0.75 7.07
C ILE A 56 -3.50 -0.55 8.47
N GLU A 57 -4.77 -0.14 8.53
CA GLU A 57 -5.54 0.09 9.78
C GLU A 57 -5.82 -1.18 10.59
N ARG A 58 -5.59 -2.36 10.01
CA ARG A 58 -5.75 -3.66 10.68
C ARG A 58 -4.45 -4.45 10.83
N VAL A 59 -3.60 -4.48 9.79
CA VAL A 59 -2.39 -5.31 9.77
C VAL A 59 -1.19 -4.57 10.37
N HIS A 60 -0.99 -3.30 9.99
CA HIS A 60 0.14 -2.46 10.39
C HIS A 60 -0.22 -1.39 11.43
N LYS A 61 -1.37 -1.57 12.10
CA LYS A 61 -1.90 -0.70 13.14
C LYS A 61 -0.97 -0.66 14.37
N LYS A 62 -0.57 0.56 14.77
CA LYS A 62 0.34 0.86 15.90
C LYS A 62 1.67 0.09 15.86
N ILE A 63 2.24 0.00 14.66
CA ILE A 63 3.55 -0.60 14.40
C ILE A 63 4.68 0.33 14.91
N LYS A 64 5.75 -0.25 15.46
CA LYS A 64 6.82 0.51 16.13
C LYS A 64 7.91 0.93 15.15
N GLN A 65 7.97 2.23 14.87
CA GLN A 65 9.05 2.90 14.13
C GLN A 65 10.22 3.21 15.09
N HIS A 66 11.39 3.56 14.56
CA HIS A 66 12.52 4.07 15.35
C HIS A 66 13.20 5.29 14.74
N CYS A 67 13.72 6.17 15.60
CA CYS A 67 14.48 7.36 15.24
C CYS A 67 15.88 7.00 14.69
N ARG A 68 16.28 7.66 13.58
CA ARG A 68 17.59 7.48 12.94
C ARG A 68 18.72 8.27 13.62
N PHE A 69 18.41 9.07 14.64
CA PHE A 69 19.39 9.88 15.38
C PHE A 69 19.64 9.33 16.80
N CYS A 70 18.57 9.13 17.58
CA CYS A 70 18.62 8.73 19.01
C CYS A 70 18.12 7.31 19.31
N LYS A 71 17.68 6.57 18.27
CA LYS A 71 17.20 5.17 18.32
C LYS A 71 15.99 4.95 19.25
N LYS A 72 15.29 6.02 19.64
CA LYS A 72 14.02 6.00 20.37
C LYS A 72 12.92 5.35 19.52
N LYS A 73 12.07 4.50 20.11
CA LYS A 73 10.93 3.87 19.43
C LYS A 73 9.66 4.73 19.51
N TYR A 74 8.87 4.69 18.44
CA TYR A 74 7.66 5.50 18.23
C TYR A 74 6.50 4.65 17.71
N SER A 75 5.34 4.74 18.38
CA SER A 75 4.12 3.97 18.07
C SER A 75 3.29 4.55 16.91
N ASP A 76 3.66 5.74 16.42
CA ASP A 76 3.12 6.35 15.20
C ASP A 76 4.25 7.01 14.42
N VAL A 77 4.30 6.79 13.09
CA VAL A 77 5.27 7.47 12.21
C VAL A 77 5.09 8.99 12.25
N LYS A 78 3.86 9.52 12.33
CA LYS A 78 3.61 10.97 12.39
C LYS A 78 4.17 11.60 13.65
N ASN A 79 4.17 10.89 14.78
CA ASN A 79 4.80 11.36 16.01
C ASN A 79 6.34 11.31 15.93
N LEU A 80 6.91 10.35 15.20
CA LEU A 80 8.34 10.32 14.90
C LEU A 80 8.79 11.55 14.10
N ILE A 81 8.01 11.99 13.11
CA ILE A 81 8.32 13.20 12.32
C ILE A 81 8.35 14.43 13.23
N LYS A 82 7.32 14.59 14.07
CA LYS A 82 7.24 15.71 15.03
C LYS A 82 8.43 15.72 16.00
N HIS A 83 8.85 14.56 16.48
CA HIS A 83 10.07 14.40 17.28
C HIS A 83 11.34 14.81 16.53
N ILE A 84 11.51 14.40 15.27
CA ILE A 84 12.66 14.82 14.45
C ILE A 84 12.65 16.34 14.22
N ARG A 85 11.48 16.93 13.93
CA ARG A 85 11.30 18.39 13.78
C ARG A 85 11.54 19.20 15.06
N ASP A 86 11.41 18.59 16.23
CA ASP A 86 11.62 19.25 17.54
C ASP A 86 13.02 19.03 18.13
N ALA A 87 13.58 17.80 18.03
CA ALA A 87 14.81 17.39 18.69
C ALA A 87 16.03 17.29 17.74
N HIS A 88 15.80 17.07 16.44
CA HIS A 88 16.84 16.80 15.42
C HIS A 88 16.72 17.71 14.17
N ASP A 89 16.15 18.91 14.35
CA ASP A 89 15.81 19.85 13.28
C ASP A 89 16.99 20.19 12.33
N PRO A 90 16.74 20.28 11.00
CA PRO A 90 17.73 20.68 9.99
C PRO A 90 18.41 22.03 10.29
N GLN A 91 19.73 22.08 10.07
CA GLN A 91 20.58 23.27 10.31
C GLN A 91 20.90 24.08 9.03
N ASP A 92 20.47 23.59 7.86
CA ASP A 92 20.66 24.21 6.53
C ASP A 92 19.46 24.01 5.59
ZN ZN B . -10.17 13.43 -11.04
ZN ZN C . 0.78 -4.23 4.32
ZN ZN D . 15.33 11.03 17.95
N GLY A 1 -20.08 -36.03 8.00
CA GLY A 1 -19.17 -36.18 6.85
C GLY A 1 -19.28 -35.00 5.90
N SER A 2 -18.15 -34.54 5.36
CA SER A 2 -18.04 -33.35 4.50
C SER A 2 -17.11 -33.59 3.30
N SER A 3 -17.34 -32.85 2.20
CA SER A 3 -16.61 -33.02 0.92
C SER A 3 -15.18 -32.44 0.90
N GLY A 4 -14.83 -31.61 1.89
CA GLY A 4 -13.53 -30.95 2.00
C GLY A 4 -13.29 -29.82 0.99
N SER A 5 -12.03 -29.37 0.89
CA SER A 5 -11.59 -28.24 0.04
C SER A 5 -11.14 -28.64 -1.38
N SER A 6 -11.29 -29.91 -1.75
CA SER A 6 -10.85 -30.49 -3.03
C SER A 6 -11.54 -29.89 -4.27
N GLY A 7 -10.86 -29.97 -5.42
CA GLY A 7 -11.33 -29.42 -6.70
C GLY A 7 -10.95 -27.94 -6.93
N LYS A 8 -11.13 -27.48 -8.17
CA LYS A 8 -10.75 -26.13 -8.66
C LYS A 8 -9.34 -25.70 -8.22
N PRO A 9 -8.28 -26.44 -8.62
CA PRO A 9 -6.90 -26.21 -8.19
C PRO A 9 -6.32 -24.84 -8.53
N TYR A 10 -6.73 -24.26 -9.66
CA TYR A 10 -6.19 -22.99 -10.16
C TYR A 10 -6.86 -21.81 -9.46
N LYS A 11 -6.14 -21.16 -8.53
CA LYS A 11 -6.64 -20.04 -7.70
C LYS A 11 -6.21 -18.68 -8.25
N CYS A 12 -7.03 -17.64 -8.02
CA CYS A 12 -6.67 -16.26 -8.29
C CYS A 12 -5.73 -15.73 -7.17
N PRO A 13 -4.62 -15.05 -7.53
CA PRO A 13 -3.74 -14.39 -6.58
C PRO A 13 -4.33 -13.06 -6.06
N GLN A 14 -5.43 -12.58 -6.65
CA GLN A 14 -6.00 -11.25 -6.40
C GLN A 14 -7.38 -11.26 -5.75
N CYS A 15 -8.16 -12.35 -5.91
CA CYS A 15 -9.45 -12.53 -5.21
C CYS A 15 -9.70 -14.01 -4.82
N SER A 16 -10.91 -14.30 -4.31
CA SER A 16 -11.35 -15.63 -3.85
C SER A 16 -11.69 -16.62 -4.99
N TYR A 17 -11.56 -16.21 -6.25
CA TYR A 17 -11.84 -17.03 -7.44
C TYR A 17 -10.97 -18.29 -7.53
N ALA A 18 -11.56 -19.36 -8.08
CA ALA A 18 -10.87 -20.59 -8.47
C ALA A 18 -11.54 -21.26 -9.68
N SER A 19 -10.77 -22.05 -10.45
CA SER A 19 -11.27 -22.88 -11.56
C SER A 19 -10.48 -24.20 -11.71
N ALA A 20 -11.01 -25.13 -12.50
CA ALA A 20 -10.39 -26.41 -12.84
C ALA A 20 -9.44 -26.36 -14.07
N ILE A 21 -9.28 -25.19 -14.70
CA ILE A 21 -8.57 -25.01 -15.98
C ILE A 21 -7.65 -23.77 -15.90
N LYS A 22 -6.40 -23.88 -16.38
CA LYS A 22 -5.43 -22.76 -16.41
C LYS A 22 -5.91 -21.61 -17.30
N ALA A 23 -6.50 -21.90 -18.46
CA ALA A 23 -7.08 -20.91 -19.36
C ALA A 23 -8.23 -20.09 -18.69
N ASN A 24 -9.03 -20.72 -17.83
CA ASN A 24 -10.07 -20.03 -17.05
C ASN A 24 -9.48 -19.12 -15.97
N LEU A 25 -8.27 -19.40 -15.47
CA LEU A 25 -7.54 -18.47 -14.61
C LEU A 25 -6.90 -17.34 -15.43
N ASN A 26 -6.27 -17.62 -16.57
CA ASN A 26 -5.70 -16.61 -17.47
C ASN A 26 -6.76 -15.55 -17.85
N VAL A 27 -7.96 -16.01 -18.23
CA VAL A 27 -9.04 -15.14 -18.70
C VAL A 27 -9.61 -14.27 -17.59
N HIS A 28 -9.63 -14.82 -16.38
CA HIS A 28 -10.15 -14.17 -15.18
C HIS A 28 -9.29 -12.98 -14.73
N LEU A 29 -7.95 -13.09 -14.81
CA LEU A 29 -7.01 -12.04 -14.39
C LEU A 29 -7.18 -10.73 -15.19
N ARG A 30 -7.77 -10.79 -16.39
CA ARG A 30 -7.99 -9.65 -17.30
C ARG A 30 -8.86 -8.53 -16.71
N LYS A 31 -9.68 -8.83 -15.69
CA LYS A 31 -10.51 -7.85 -14.96
C LYS A 31 -9.77 -7.07 -13.87
N HIS A 32 -8.68 -7.63 -13.36
CA HIS A 32 -7.90 -7.12 -12.23
C HIS A 32 -6.82 -6.08 -12.60
N THR A 33 -6.65 -5.73 -13.88
CA THR A 33 -5.72 -4.68 -14.31
C THR A 33 -6.28 -3.28 -14.05
N GLY A 34 -5.42 -2.37 -13.60
CA GLY A 34 -5.81 -1.03 -13.13
C GLY A 34 -4.76 -0.35 -12.26
N GLU A 35 -5.14 0.69 -11.53
CA GLU A 35 -4.27 1.38 -10.58
C GLU A 35 -3.97 0.52 -9.35
N LYS A 36 -2.70 0.44 -8.96
CA LYS A 36 -2.19 -0.47 -7.93
C LYS A 36 -1.78 0.30 -6.68
N PHE A 37 -2.64 0.22 -5.69
CA PHE A 37 -2.51 0.82 -4.36
C PHE A 37 -1.66 -0.10 -3.48
N ALA A 38 -0.39 0.23 -3.31
CA ALA A 38 0.61 -0.58 -2.61
C ALA A 38 0.76 -0.21 -1.12
N CYS A 39 0.99 -1.22 -0.28
CA CYS A 39 1.32 -1.03 1.13
C CYS A 39 2.70 -0.41 1.31
N ASP A 40 2.80 0.50 2.27
CA ASP A 40 4.07 1.12 2.70
C ASP A 40 4.82 0.23 3.72
N TYR A 41 4.21 -0.88 4.15
CA TYR A 41 4.67 -1.74 5.25
C TYR A 41 4.97 -3.18 4.82
N CYS A 42 4.31 -3.68 3.76
CA CYS A 42 4.62 -4.97 3.12
C CYS A 42 4.51 -4.92 1.58
N SER A 43 4.72 -6.06 0.92
CA SER A 43 4.64 -6.23 -0.54
C SER A 43 3.19 -6.24 -1.08
N PHE A 44 2.18 -6.00 -0.23
CA PHE A 44 0.76 -6.00 -0.59
C PHE A 44 0.40 -4.94 -1.63
N THR A 45 -0.56 -5.27 -2.50
CA THR A 45 -1.22 -4.36 -3.42
C THR A 45 -2.71 -4.65 -3.54
N CYS A 46 -3.46 -3.63 -3.94
CA CYS A 46 -4.90 -3.70 -4.19
C CYS A 46 -5.30 -2.79 -5.37
N LEU A 47 -6.52 -2.95 -5.88
CA LEU A 47 -7.15 -2.09 -6.88
C LEU A 47 -8.07 -1.02 -6.25
N SER A 48 -7.99 -0.83 -4.92
CA SER A 48 -8.70 0.21 -4.16
C SER A 48 -7.81 0.84 -3.08
N LYS A 49 -7.76 2.18 -3.09
CA LYS A 49 -7.17 3.02 -2.04
C LYS A 49 -7.89 2.85 -0.69
N GLY A 50 -9.19 2.60 -0.71
CA GLY A 50 -10.00 2.37 0.48
C GLY A 50 -9.67 1.04 1.16
N HIS A 51 -9.51 -0.03 0.40
CA HIS A 51 -9.08 -1.33 0.96
C HIS A 51 -7.61 -1.31 1.39
N LEU A 52 -6.73 -0.57 0.69
CA LEU A 52 -5.36 -0.32 1.14
C LEU A 52 -5.32 0.34 2.53
N LYS A 53 -6.18 1.34 2.77
CA LYS A 53 -6.29 2.00 4.08
C LYS A 53 -6.71 0.99 5.14
N VAL A 54 -7.74 0.18 4.87
CA VAL A 54 -8.20 -0.87 5.80
C VAL A 54 -7.10 -1.91 6.08
N HIS A 55 -6.33 -2.31 5.06
CA HIS A 55 -5.18 -3.22 5.20
C HIS A 55 -4.14 -2.67 6.18
N ILE A 56 -3.78 -1.39 6.09
CA ILE A 56 -2.83 -0.78 7.02
C ILE A 56 -3.45 -0.60 8.41
N GLU A 57 -4.72 -0.17 8.50
CA GLU A 57 -5.46 0.04 9.76
C GLU A 57 -5.69 -1.24 10.57
N ARG A 58 -5.64 -2.41 9.90
CA ARG A 58 -5.82 -3.73 10.51
C ARG A 58 -4.51 -4.50 10.72
N VAL A 59 -3.59 -4.46 9.75
CA VAL A 59 -2.36 -5.27 9.79
C VAL A 59 -1.20 -4.50 10.43
N HIS A 60 -1.01 -3.24 10.05
CA HIS A 60 0.18 -2.42 10.40
C HIS A 60 -0.08 -1.24 11.34
N LYS A 61 -1.21 -1.27 12.06
CA LYS A 61 -1.63 -0.21 12.99
C LYS A 61 -1.01 -0.40 14.38
N LYS A 62 -0.55 0.70 14.98
CA LYS A 62 0.22 0.75 16.25
C LYS A 62 1.44 -0.20 16.25
N ILE A 63 2.24 -0.12 15.19
CA ILE A 63 3.41 -0.99 14.93
C ILE A 63 4.73 -0.32 15.34
N LYS A 64 5.69 -1.12 15.85
CA LYS A 64 7.09 -0.70 16.12
C LYS A 64 7.97 -0.84 14.88
N GLN A 65 9.03 -0.03 14.80
CA GLN A 65 9.93 0.08 13.64
C GLN A 65 11.40 0.15 14.06
N HIS A 66 12.31 -0.01 13.11
CA HIS A 66 13.74 0.26 13.31
C HIS A 66 14.39 0.96 12.09
N CYS A 67 15.40 1.78 12.37
CA CYS A 67 16.27 2.39 11.37
C CYS A 67 17.27 1.34 10.86
N ARG A 68 17.32 1.06 9.55
CA ARG A 68 18.29 0.09 8.99
C ARG A 68 19.73 0.60 9.00
N PHE A 69 19.93 1.91 9.06
CA PHE A 69 21.23 2.57 8.93
C PHE A 69 22.04 2.60 10.25
N CYS A 70 21.37 2.76 11.40
CA CYS A 70 21.97 2.78 12.74
C CYS A 70 21.36 1.78 13.75
N LYS A 71 20.35 1.00 13.33
CA LYS A 71 19.70 -0.09 14.08
C LYS A 71 19.08 0.35 15.42
N LYS A 72 18.68 1.62 15.47
CA LYS A 72 17.88 2.25 16.53
C LYS A 72 16.39 1.86 16.36
N LYS A 73 15.71 1.54 17.45
CA LYS A 73 14.26 1.21 17.46
C LYS A 73 13.39 2.45 17.71
N TYR A 74 12.21 2.44 17.09
CA TYR A 74 11.25 3.55 17.06
C TYR A 74 9.82 3.06 17.34
N SER A 75 9.12 3.74 18.24
CA SER A 75 7.71 3.48 18.60
C SER A 75 6.69 4.13 17.64
N ASP A 76 7.18 4.95 16.69
CA ASP A 76 6.40 5.63 15.65
C ASP A 76 7.16 5.61 14.32
N VAL A 77 6.48 5.24 13.23
CA VAL A 77 7.06 5.31 11.88
C VAL A 77 7.30 6.76 11.45
N LYS A 78 6.43 7.73 11.79
CA LYS A 78 6.59 9.12 11.36
C LYS A 78 7.83 9.78 11.97
N ASN A 79 8.14 9.49 13.24
CA ASN A 79 9.41 9.92 13.85
C ASN A 79 10.63 9.19 13.28
N LEU A 80 10.50 7.94 12.81
CA LEU A 80 11.57 7.26 12.07
C LEU A 80 11.92 8.01 10.75
N ILE A 81 10.91 8.47 10.01
CA ILE A 81 11.14 9.24 8.77
C ILE A 81 11.89 10.54 9.07
N LYS A 82 11.48 11.25 10.12
CA LYS A 82 12.16 12.48 10.57
C LYS A 82 13.62 12.21 10.98
N HIS A 83 13.87 11.13 11.71
CA HIS A 83 15.23 10.66 12.04
C HIS A 83 16.07 10.36 10.79
N ILE A 84 15.51 9.70 9.78
CA ILE A 84 16.19 9.44 8.50
C ILE A 84 16.49 10.75 7.77
N ARG A 85 15.54 11.69 7.71
CA ARG A 85 15.73 13.01 7.08
C ARG A 85 16.78 13.88 7.78
N ASP A 86 16.99 13.71 9.09
CA ASP A 86 17.96 14.47 9.88
C ASP A 86 19.35 13.83 9.94
N ALA A 87 19.43 12.52 10.19
CA ALA A 87 20.68 11.78 10.44
C ALA A 87 21.23 11.04 9.21
N HIS A 88 20.36 10.66 8.26
CA HIS A 88 20.67 9.81 7.11
C HIS A 88 20.15 10.41 5.77
N ASP A 89 20.06 11.75 5.71
CA ASP A 89 19.42 12.54 4.65
C ASP A 89 19.54 11.96 3.22
N PRO A 90 18.42 11.56 2.57
CA PRO A 90 18.43 10.80 1.32
C PRO A 90 18.53 11.70 0.07
N GLN A 91 19.63 12.45 0.00
CA GLN A 91 19.96 13.38 -1.10
C GLN A 91 20.76 12.72 -2.24
N ASP A 92 21.25 11.49 -2.04
CA ASP A 92 22.04 10.66 -2.99
C ASP A 92 23.22 11.40 -3.68
ZN ZN B . -9.59 -12.77 -9.28
ZN ZN C . 0.78 -4.34 4.35
ZN ZN D . 19.23 5.88 12.00
N GLY A 1 19.48 -33.27 -23.73
CA GLY A 1 18.11 -33.09 -24.25
C GLY A 1 17.11 -32.79 -23.14
N SER A 2 15.83 -32.69 -23.49
CA SER A 2 14.71 -32.42 -22.57
C SER A 2 13.40 -33.07 -23.05
N SER A 3 12.53 -33.45 -22.11
CA SER A 3 11.17 -33.92 -22.37
C SER A 3 10.18 -32.79 -22.73
N GLY A 4 10.56 -31.53 -22.52
CA GLY A 4 9.72 -30.34 -22.74
C GLY A 4 8.60 -30.18 -21.70
N SER A 5 7.67 -29.25 -21.97
CA SER A 5 6.50 -28.97 -21.12
C SER A 5 5.43 -30.07 -21.23
N SER A 6 4.70 -30.29 -20.13
CA SER A 6 3.49 -31.14 -20.10
C SER A 6 2.29 -30.48 -20.82
N GLY A 7 2.34 -29.16 -21.05
CA GLY A 7 1.33 -28.38 -21.77
C GLY A 7 1.14 -26.97 -21.18
N LYS A 8 0.86 -25.99 -22.06
CA LYS A 8 0.62 -24.57 -21.75
C LYS A 8 1.68 -23.94 -20.81
N PRO A 9 2.97 -23.92 -21.23
CA PRO A 9 4.09 -23.44 -20.42
C PRO A 9 4.01 -21.96 -20.01
N TYR A 10 3.42 -21.10 -20.84
CA TYR A 10 3.36 -19.66 -20.61
C TYR A 10 2.23 -19.30 -19.63
N LYS A 11 2.57 -18.96 -18.39
CA LYS A 11 1.61 -18.66 -17.29
C LYS A 11 1.42 -17.16 -17.08
N CYS A 12 0.24 -16.75 -16.64
CA CYS A 12 -0.03 -15.39 -16.19
C CYS A 12 0.54 -15.18 -14.77
N PRO A 13 1.22 -14.05 -14.51
CA PRO A 13 1.70 -13.68 -13.18
C PRO A 13 0.57 -13.12 -12.29
N GLN A 14 -0.62 -12.86 -12.85
CA GLN A 14 -1.72 -12.17 -12.18
C GLN A 14 -2.97 -13.05 -11.95
N CYS A 15 -3.19 -14.08 -12.77
CA CYS A 15 -4.27 -15.06 -12.57
C CYS A 15 -3.86 -16.51 -12.95
N SER A 16 -4.82 -17.43 -12.91
CA SER A 16 -4.64 -18.86 -13.19
C SER A 16 -4.48 -19.21 -14.69
N TYR A 17 -4.50 -18.21 -15.58
CA TYR A 17 -4.35 -18.38 -17.02
C TYR A 17 -3.03 -19.02 -17.45
N ALA A 18 -3.10 -19.81 -18.53
CA ALA A 18 -1.95 -20.39 -19.21
C ALA A 18 -2.20 -20.53 -20.73
N SER A 19 -1.14 -20.49 -21.54
CA SER A 19 -1.17 -20.76 -22.99
C SER A 19 0.11 -21.43 -23.49
N ALA A 20 0.08 -21.94 -24.73
CA ALA A 20 1.22 -22.56 -25.42
C ALA A 20 2.08 -21.58 -26.24
N ILE A 21 1.73 -20.28 -26.26
CA ILE A 21 2.31 -19.25 -27.14
C ILE A 21 2.59 -17.98 -26.33
N LYS A 22 3.78 -17.36 -26.51
CA LYS A 22 4.17 -16.09 -25.84
C LYS A 22 3.27 -14.92 -26.23
N ALA A 23 2.89 -14.81 -27.50
CA ALA A 23 1.93 -13.81 -27.98
C ALA A 23 0.55 -13.92 -27.31
N ASN A 24 0.08 -15.13 -27.00
CA ASN A 24 -1.18 -15.36 -26.27
C ASN A 24 -1.07 -14.95 -24.79
N LEU A 25 0.12 -14.99 -24.19
CA LEU A 25 0.36 -14.41 -22.87
C LEU A 25 0.43 -12.87 -22.94
N ASN A 26 1.16 -12.30 -23.91
CA ASN A 26 1.23 -10.84 -24.10
C ASN A 26 -0.18 -10.22 -24.24
N VAL A 27 -1.03 -10.84 -25.07
CA VAL A 27 -2.38 -10.33 -25.35
C VAL A 27 -3.30 -10.41 -24.15
N HIS A 28 -3.11 -11.44 -23.34
CA HIS A 28 -3.88 -11.69 -22.14
C HIS A 28 -3.64 -10.66 -21.04
N LEU A 29 -2.39 -10.21 -20.85
CA LEU A 29 -1.99 -9.23 -19.81
C LEU A 29 -2.68 -7.87 -19.98
N ARG A 30 -3.15 -7.55 -21.20
CA ARG A 30 -3.81 -6.28 -21.56
C ARG A 30 -5.08 -5.98 -20.74
N LYS A 31 -5.72 -7.00 -20.15
CA LYS A 31 -6.92 -6.86 -19.30
C LYS A 31 -6.63 -6.50 -17.84
N HIS A 32 -5.41 -6.80 -17.37
CA HIS A 32 -5.02 -6.68 -15.96
C HIS A 32 -4.47 -5.29 -15.56
N THR A 33 -4.28 -4.37 -16.52
CA THR A 33 -3.76 -3.01 -16.26
C THR A 33 -4.78 -2.11 -15.54
N GLY A 34 -4.27 -1.22 -14.69
CA GLY A 34 -5.08 -0.33 -13.85
C GLY A 34 -4.28 0.29 -12.70
N GLU A 35 -4.96 1.01 -11.80
CA GLU A 35 -4.34 1.59 -10.60
C GLU A 35 -4.06 0.53 -9.53
N LYS A 36 -2.80 0.51 -9.08
CA LYS A 36 -2.31 -0.38 -8.01
C LYS A 36 -1.82 0.41 -6.81
N PHE A 37 -2.58 0.30 -5.73
CA PHE A 37 -2.32 0.91 -4.43
C PHE A 37 -1.50 -0.05 -3.56
N ALA A 38 -0.22 0.25 -3.36
CA ALA A 38 0.74 -0.60 -2.64
C ALA A 38 0.86 -0.22 -1.16
N CYS A 39 1.06 -1.21 -0.29
CA CYS A 39 1.38 -1.00 1.12
C CYS A 39 2.78 -0.41 1.30
N ASP A 40 2.88 0.51 2.26
CA ASP A 40 4.16 1.12 2.68
C ASP A 40 4.92 0.23 3.68
N TYR A 41 4.29 -0.86 4.14
CA TYR A 41 4.78 -1.72 5.23
C TYR A 41 5.02 -3.17 4.82
N CYS A 42 4.31 -3.65 3.79
CA CYS A 42 4.58 -4.95 3.15
C CYS A 42 4.46 -4.93 1.61
N SER A 43 4.65 -6.08 0.98
CA SER A 43 4.52 -6.30 -0.47
C SER A 43 3.07 -6.28 -0.98
N PHE A 44 2.08 -6.02 -0.11
CA PHE A 44 0.66 -5.98 -0.47
C PHE A 44 0.34 -4.92 -1.53
N THR A 45 -0.62 -5.24 -2.39
CA THR A 45 -1.19 -4.36 -3.40
C THR A 45 -2.70 -4.58 -3.57
N CYS A 46 -3.41 -3.50 -3.93
CA CYS A 46 -4.85 -3.49 -4.12
C CYS A 46 -5.28 -2.65 -5.34
N LEU A 47 -6.42 -2.99 -5.95
CA LEU A 47 -7.05 -2.20 -7.01
C LEU A 47 -7.94 -1.06 -6.47
N SER A 48 -8.15 -1.01 -5.15
CA SER A 48 -9.03 -0.04 -4.44
C SER A 48 -8.31 0.65 -3.28
N LYS A 49 -8.28 1.98 -3.29
CA LYS A 49 -7.53 2.83 -2.33
C LYS A 49 -8.06 2.73 -0.89
N GLY A 50 -9.37 2.63 -0.72
CA GLY A 50 -10.01 2.46 0.59
C GLY A 50 -9.65 1.14 1.28
N HIS A 51 -9.48 0.06 0.53
CA HIS A 51 -9.05 -1.23 1.07
C HIS A 51 -7.56 -1.23 1.43
N LEU A 52 -6.70 -0.49 0.71
CA LEU A 52 -5.31 -0.27 1.14
C LEU A 52 -5.26 0.43 2.51
N LYS A 53 -6.09 1.45 2.73
CA LYS A 53 -6.18 2.13 4.04
C LYS A 53 -6.55 1.11 5.13
N VAL A 54 -7.63 0.35 4.94
CA VAL A 54 -8.08 -0.65 5.92
C VAL A 54 -7.04 -1.75 6.17
N HIS A 55 -6.31 -2.17 5.12
CA HIS A 55 -5.18 -3.11 5.26
C HIS A 55 -4.12 -2.60 6.25
N ILE A 56 -3.77 -1.31 6.19
CA ILE A 56 -2.83 -0.71 7.15
C ILE A 56 -3.49 -0.55 8.54
N GLU A 57 -4.78 -0.21 8.61
CA GLU A 57 -5.52 -0.08 9.88
C GLU A 57 -5.80 -1.42 10.60
N ARG A 58 -5.55 -2.55 9.93
CA ARG A 58 -5.74 -3.91 10.49
C ARG A 58 -4.45 -4.70 10.66
N VAL A 59 -3.54 -4.61 9.69
CA VAL A 59 -2.29 -5.39 9.69
C VAL A 59 -1.15 -4.63 10.38
N HIS A 60 -0.99 -3.34 10.05
CA HIS A 60 0.14 -2.49 10.47
C HIS A 60 -0.25 -1.39 11.48
N LYS A 61 -1.35 -1.56 12.21
CA LYS A 61 -1.84 -0.62 13.22
C LYS A 61 -0.90 -0.58 14.44
N LYS A 62 -0.62 0.63 14.95
CA LYS A 62 0.40 0.94 15.98
C LYS A 62 1.81 0.47 15.57
N ILE A 63 2.43 1.22 14.66
CA ILE A 63 3.78 0.96 14.10
C ILE A 63 4.56 2.28 13.91
N LYS A 64 5.90 2.18 13.88
CA LYS A 64 6.83 3.28 13.53
C LYS A 64 7.09 3.37 12.03
N GLN A 65 7.66 4.49 11.59
CA GLN A 65 7.91 4.86 10.18
C GLN A 65 9.36 5.30 9.95
N HIS A 66 9.75 5.44 8.68
CA HIS A 66 11.00 6.10 8.28
C HIS A 66 10.77 7.12 7.14
N CYS A 67 11.57 8.20 7.15
CA CYS A 67 11.59 9.23 6.12
C CYS A 67 12.24 8.72 4.82
N ARG A 68 11.59 8.92 3.67
CA ARG A 68 12.13 8.49 2.36
C ARG A 68 13.28 9.36 1.86
N PHE A 69 13.44 10.57 2.42
CA PHE A 69 14.45 11.55 2.00
C PHE A 69 15.77 11.43 2.78
N CYS A 70 15.70 11.18 4.10
CA CYS A 70 16.86 11.16 5.01
C CYS A 70 16.98 9.90 5.90
N LYS A 71 16.04 8.94 5.77
CA LYS A 71 16.01 7.63 6.45
C LYS A 71 15.95 7.72 7.99
N LYS A 72 15.59 8.89 8.53
CA LYS A 72 15.28 9.11 9.95
C LYS A 72 14.01 8.37 10.35
N LYS A 73 14.01 7.67 11.49
CA LYS A 73 12.83 6.95 12.01
C LYS A 73 11.93 7.84 12.86
N TYR A 74 10.61 7.64 12.75
CA TYR A 74 9.60 8.43 13.44
C TYR A 74 8.60 7.53 14.19
N SER A 75 8.34 7.86 15.45
CA SER A 75 7.46 7.10 16.35
C SER A 75 5.97 7.33 16.13
N ASP A 76 5.61 8.45 15.48
CA ASP A 76 4.23 8.82 15.11
C ASP A 76 4.22 9.42 13.70
N VAL A 77 3.32 8.94 12.84
CA VAL A 77 3.27 9.33 11.42
C VAL A 77 2.98 10.82 11.23
N LYS A 78 2.14 11.43 12.09
CA LYS A 78 1.80 12.86 12.02
C LYS A 78 3.04 13.77 12.13
N ASN A 79 4.01 13.36 12.95
CA ASN A 79 5.30 14.07 13.08
C ASN A 79 6.26 13.78 11.92
N LEU A 80 6.14 12.62 11.25
CA LEU A 80 6.87 12.37 10.00
C LEU A 80 6.41 13.32 8.90
N ILE A 81 5.09 13.55 8.75
CA ILE A 81 4.56 14.51 7.76
C ILE A 81 5.08 15.92 8.04
N LYS A 82 5.05 16.33 9.32
CA LYS A 82 5.55 17.63 9.78
C LYS A 82 7.05 17.79 9.50
N HIS A 83 7.86 16.76 9.75
CA HIS A 83 9.27 16.70 9.37
C HIS A 83 9.49 16.81 7.85
N ILE A 84 8.69 16.11 7.04
CA ILE A 84 8.75 16.23 5.58
C ILE A 84 8.45 17.65 5.12
N ARG A 85 7.39 18.27 5.65
CA ARG A 85 7.03 19.68 5.37
C ARG A 85 8.09 20.69 5.82
N ASP A 86 8.75 20.47 6.95
CA ASP A 86 9.75 21.40 7.50
C ASP A 86 11.15 21.24 6.86
N ALA A 87 11.59 20.00 6.61
CA ALA A 87 12.96 19.68 6.17
C ALA A 87 13.09 19.41 4.66
N HIS A 88 12.03 18.87 4.01
CA HIS A 88 12.09 18.40 2.62
C HIS A 88 11.08 19.03 1.65
N ASP A 89 10.21 19.86 2.19
CA ASP A 89 9.13 20.65 1.57
C ASP A 89 8.68 20.21 0.16
N PRO A 90 7.96 19.07 0.03
CA PRO A 90 7.55 18.51 -1.26
C PRO A 90 6.55 19.43 -2.00
N GLN A 91 6.63 19.43 -3.33
CA GLN A 91 5.88 20.34 -4.22
C GLN A 91 4.72 19.64 -4.97
N ASP A 92 4.52 18.34 -4.76
CA ASP A 92 3.48 17.50 -5.39
C ASP A 92 2.90 16.45 -4.42
ZN ZN B . -4.16 -13.22 -16.24
ZN ZN C . 0.82 -4.24 4.42
ZN ZN D . 13.62 13.39 6.45
N GLY A 1 1.43 30.95 -29.38
CA GLY A 1 2.63 30.16 -29.77
C GLY A 1 2.25 28.77 -30.24
N SER A 2 2.82 28.32 -31.37
CA SER A 2 2.49 27.02 -31.99
C SER A 2 3.05 25.82 -31.20
N SER A 3 2.30 24.72 -31.16
CA SER A 3 2.59 23.51 -30.36
C SER A 3 3.97 22.88 -30.65
N GLY A 4 4.45 22.98 -31.90
CA GLY A 4 5.77 22.47 -32.32
C GLY A 4 6.96 23.35 -31.92
N SER A 5 6.72 24.55 -31.36
CA SER A 5 7.75 25.57 -31.10
C SER A 5 7.74 26.10 -29.65
N SER A 6 6.58 26.21 -29.00
CA SER A 6 6.45 26.79 -27.65
C SER A 6 5.20 26.30 -26.89
N GLY A 7 5.19 26.52 -25.57
CA GLY A 7 4.03 26.33 -24.69
C GLY A 7 3.72 24.88 -24.27
N LYS A 8 2.67 24.74 -23.46
CA LYS A 8 2.14 23.48 -22.89
C LYS A 8 3.21 22.58 -22.22
N PRO A 9 3.95 23.09 -21.21
CA PRO A 9 5.03 22.37 -20.53
C PRO A 9 4.59 21.14 -19.72
N TYR A 10 3.37 21.12 -19.21
CA TYR A 10 2.87 20.03 -18.36
C TYR A 10 2.25 18.91 -19.20
N LYS A 11 2.94 17.77 -19.34
CA LYS A 11 2.51 16.61 -20.14
C LYS A 11 1.93 15.49 -19.26
N CYS A 12 0.99 14.72 -19.80
CA CYS A 12 0.47 13.49 -19.20
C CYS A 12 1.49 12.33 -19.34
N PRO A 13 1.70 11.53 -18.29
CA PRO A 13 2.55 10.35 -18.32
C PRO A 13 1.86 9.15 -19.00
N GLN A 14 0.54 9.22 -19.25
CA GLN A 14 -0.27 8.10 -19.75
C GLN A 14 -0.79 8.30 -21.18
N CYS A 15 -0.97 9.56 -21.64
CA CYS A 15 -1.42 9.86 -23.00
C CYS A 15 -0.73 11.10 -23.62
N SER A 16 -1.13 11.48 -24.83
CA SER A 16 -0.57 12.60 -25.60
C SER A 16 -1.00 13.99 -25.09
N TYR A 17 -1.79 14.06 -24.03
CA TYR A 17 -2.26 15.31 -23.40
C TYR A 17 -1.12 16.22 -22.89
N ALA A 18 -1.33 17.53 -23.04
CA ALA A 18 -0.49 18.57 -22.44
C ALA A 18 -1.28 19.85 -22.14
N SER A 19 -0.84 20.62 -21.14
CA SER A 19 -1.43 21.90 -20.74
C SER A 19 -0.39 22.91 -20.21
N ALA A 20 -0.80 24.15 -20.00
CA ALA A 20 0.03 25.25 -19.50
C ALA A 20 -0.02 25.44 -17.97
N ILE A 21 -0.82 24.60 -17.27
CA ILE A 21 -1.14 24.75 -15.84
C ILE A 21 -1.04 23.38 -15.14
N LYS A 22 -0.40 23.32 -13.96
CA LYS A 22 -0.27 22.07 -13.18
C LYS A 22 -1.62 21.53 -12.71
N ALA A 23 -2.54 22.40 -12.30
CA ALA A 23 -3.91 22.04 -11.92
C ALA A 23 -4.70 21.38 -13.06
N ASN A 24 -4.48 21.78 -14.32
CA ASN A 24 -5.07 21.13 -15.49
C ASN A 24 -4.49 19.72 -15.70
N LEU A 25 -3.20 19.51 -15.46
CA LEU A 25 -2.63 18.16 -15.44
C LEU A 25 -3.19 17.32 -14.28
N ASN A 26 -3.28 17.86 -13.07
CA ASN A 26 -3.88 17.16 -11.92
C ASN A 26 -5.31 16.68 -12.23
N VAL A 27 -6.13 17.56 -12.82
CA VAL A 27 -7.54 17.26 -13.12
C VAL A 27 -7.70 16.23 -14.22
N HIS A 28 -6.80 16.28 -15.19
CA HIS A 28 -6.76 15.36 -16.30
C HIS A 28 -6.43 13.91 -15.87
N LEU A 29 -5.47 13.73 -14.95
CA LEU A 29 -5.03 12.43 -14.46
C LEU A 29 -6.16 11.62 -13.77
N ARG A 30 -7.22 12.30 -13.32
CA ARG A 30 -8.38 11.68 -12.65
C ARG A 30 -9.08 10.61 -13.51
N LYS A 31 -9.04 10.74 -14.85
CA LYS A 31 -9.63 9.76 -15.78
C LYS A 31 -8.82 8.47 -15.94
N HIS A 32 -7.53 8.54 -15.62
CA HIS A 32 -6.55 7.44 -15.70
C HIS A 32 -6.47 6.57 -14.43
N THR A 33 -7.42 6.73 -13.49
CA THR A 33 -7.44 6.04 -12.19
C THR A 33 -7.99 4.60 -12.26
N GLY A 34 -7.83 3.86 -11.16
CA GLY A 34 -8.07 2.41 -11.11
C GLY A 34 -6.76 1.65 -11.35
N GLU A 35 -5.89 1.66 -10.34
CA GLU A 35 -4.49 1.21 -10.39
C GLU A 35 -4.10 0.44 -9.13
N LYS A 36 -3.04 -0.37 -9.20
CA LYS A 36 -2.48 -1.06 -8.04
C LYS A 36 -1.73 -0.09 -7.13
N PHE A 37 -2.34 0.14 -5.98
CA PHE A 37 -1.75 0.84 -4.85
C PHE A 37 -1.08 -0.17 -3.92
N ALA A 38 0.23 -0.01 -3.71
CA ALA A 38 1.02 -0.85 -2.81
C ALA A 38 1.00 -0.37 -1.35
N CYS A 39 1.10 -1.31 -0.42
CA CYS A 39 1.30 -1.03 1.00
C CYS A 39 2.67 -0.36 1.25
N ASP A 40 2.66 0.58 2.18
CA ASP A 40 3.86 1.29 2.65
C ASP A 40 4.69 0.42 3.61
N TYR A 41 4.17 -0.74 4.03
CA TYR A 41 4.73 -1.55 5.11
C TYR A 41 5.03 -3.01 4.72
N CYS A 42 4.31 -3.54 3.72
CA CYS A 42 4.61 -4.83 3.09
C CYS A 42 4.47 -4.83 1.55
N SER A 43 4.69 -5.99 0.92
CA SER A 43 4.55 -6.22 -0.52
C SER A 43 3.09 -6.30 -1.01
N PHE A 44 2.11 -6.07 -0.14
CA PHE A 44 0.67 -6.07 -0.48
C PHE A 44 0.32 -5.03 -1.54
N THR A 45 -0.70 -5.35 -2.35
CA THR A 45 -1.29 -4.44 -3.33
C THR A 45 -2.81 -4.59 -3.42
N CYS A 46 -3.49 -3.51 -3.83
CA CYS A 46 -4.93 -3.48 -4.09
C CYS A 46 -5.31 -2.50 -5.20
N LEU A 47 -6.43 -2.76 -5.89
CA LEU A 47 -7.05 -1.85 -6.87
C LEU A 47 -7.94 -0.76 -6.23
N SER A 48 -8.09 -0.79 -4.90
CA SER A 48 -8.85 0.18 -4.12
C SER A 48 -7.98 0.75 -2.98
N LYS A 49 -7.83 2.08 -3.00
CA LYS A 49 -7.11 2.84 -1.96
C LYS A 49 -7.80 2.80 -0.60
N GLY A 50 -9.13 2.69 -0.58
CA GLY A 50 -9.91 2.53 0.65
C GLY A 50 -9.72 1.15 1.30
N HIS A 51 -9.62 0.09 0.50
CA HIS A 51 -9.27 -1.26 0.98
C HIS A 51 -7.82 -1.36 1.46
N LEU A 52 -6.91 -0.71 0.75
CA LEU A 52 -5.52 -0.52 1.17
C LEU A 52 -5.40 0.23 2.51
N LYS A 53 -6.24 1.26 2.74
CA LYS A 53 -6.35 1.89 4.07
C LYS A 53 -6.75 0.84 5.12
N VAL A 54 -7.83 0.09 4.92
CA VAL A 54 -8.25 -0.98 5.86
C VAL A 54 -7.13 -1.99 6.14
N HIS A 55 -6.37 -2.41 5.12
CA HIS A 55 -5.22 -3.28 5.28
C HIS A 55 -4.18 -2.72 6.27
N ILE A 56 -3.83 -1.42 6.17
CA ILE A 56 -2.89 -0.78 7.09
C ILE A 56 -3.50 -0.56 8.48
N GLU A 57 -4.79 -0.20 8.54
CA GLU A 57 -5.55 0.05 9.78
C GLU A 57 -5.83 -1.24 10.58
N ARG A 58 -5.60 -2.42 10.00
CA ARG A 58 -5.74 -3.73 10.65
C ARG A 58 -4.43 -4.50 10.82
N VAL A 59 -3.57 -4.51 9.80
CA VAL A 59 -2.34 -5.31 9.80
C VAL A 59 -1.16 -4.53 10.41
N HIS A 60 -0.98 -3.28 9.98
CA HIS A 60 0.13 -2.40 10.37
C HIS A 60 -0.29 -1.29 11.37
N LYS A 61 -1.37 -1.50 12.11
CA LYS A 61 -1.86 -0.60 13.17
C LYS A 61 -0.87 -0.55 14.36
N LYS A 62 -0.81 0.61 15.05
CA LYS A 62 0.19 0.99 16.07
C LYS A 62 1.63 0.97 15.54
N ILE A 63 1.94 1.92 14.65
CA ILE A 63 3.20 2.05 13.90
C ILE A 63 3.65 3.51 13.77
N LYS A 64 4.85 3.72 13.23
CA LYS A 64 5.41 5.04 12.87
C LYS A 64 4.91 5.58 11.52
N GLN A 65 4.82 6.90 11.38
CA GLN A 65 4.46 7.65 10.17
C GLN A 65 5.29 8.95 10.05
N HIS A 66 5.16 9.68 8.94
CA HIS A 66 5.68 11.05 8.80
C HIS A 66 4.66 12.01 8.14
N CYS A 67 4.74 13.28 8.49
CA CYS A 67 3.93 14.38 7.94
C CYS A 67 4.42 14.82 6.56
N ARG A 68 3.50 14.95 5.60
CA ARG A 68 3.82 15.36 4.22
C ARG A 68 4.11 16.86 4.07
N PHE A 69 3.76 17.66 5.08
CA PHE A 69 3.93 19.12 5.07
C PHE A 69 5.26 19.57 5.70
N CYS A 70 5.72 18.91 6.77
CA CYS A 70 6.89 19.30 7.58
C CYS A 70 7.91 18.16 7.88
N LYS A 71 7.65 16.94 7.39
CA LYS A 71 8.48 15.73 7.59
C LYS A 71 8.73 15.35 9.06
N LYS A 72 7.91 15.85 9.99
CA LYS A 72 7.88 15.43 11.40
C LYS A 72 7.40 13.98 11.50
N LYS A 73 8.04 13.15 12.34
CA LYS A 73 7.65 11.74 12.55
C LYS A 73 6.61 11.61 13.67
N TYR A 74 5.67 10.70 13.44
CA TYR A 74 4.53 10.40 14.33
C TYR A 74 4.48 8.92 14.71
N SER A 75 3.81 8.60 15.83
CA SER A 75 3.73 7.24 16.40
C SER A 75 2.30 6.68 16.48
N ASP A 76 1.33 7.42 15.93
CA ASP A 76 -0.05 6.99 15.69
C ASP A 76 -0.61 7.81 14.52
N VAL A 77 -1.29 7.16 13.57
CA VAL A 77 -1.92 7.86 12.44
C VAL A 77 -2.94 8.88 12.93
N LYS A 78 -3.71 8.60 13.99
CA LYS A 78 -4.72 9.54 14.55
C LYS A 78 -4.06 10.82 15.09
N ASN A 79 -2.88 10.70 15.70
CA ASN A 79 -2.13 11.87 16.16
C ASN A 79 -1.47 12.64 15.00
N LEU A 80 -1.14 11.99 13.88
CA LEU A 80 -0.73 12.67 12.65
C LEU A 80 -1.86 13.53 12.08
N ILE A 81 -3.11 13.03 12.08
CA ILE A 81 -4.28 13.82 11.65
C ILE A 81 -4.47 15.02 12.57
N LYS A 82 -4.40 14.81 13.89
CA LYS A 82 -4.51 15.86 14.91
C LYS A 82 -3.46 16.97 14.72
N HIS A 83 -2.22 16.59 14.41
CA HIS A 83 -1.14 17.52 14.02
C HIS A 83 -1.45 18.31 12.75
N ILE A 84 -1.97 17.67 11.70
CA ILE A 84 -2.38 18.35 10.47
C ILE A 84 -3.54 19.34 10.74
N ARG A 85 -4.52 18.94 11.56
CA ARG A 85 -5.63 19.79 12.01
C ARG A 85 -5.22 20.97 12.90
N ASP A 86 -4.05 20.91 13.54
CA ASP A 86 -3.52 21.96 14.42
C ASP A 86 -2.50 22.89 13.71
N ALA A 87 -1.59 22.33 12.90
CA ALA A 87 -0.45 23.04 12.31
C ALA A 87 -0.59 23.32 10.80
N HIS A 88 -1.37 22.52 10.08
CA HIS A 88 -1.53 22.56 8.61
C HIS A 88 -3.00 22.69 8.17
N ASP A 89 -3.84 23.27 9.04
CA ASP A 89 -5.30 23.30 8.94
C ASP A 89 -5.87 23.92 7.63
N PRO A 90 -6.94 23.34 7.06
CA PRO A 90 -7.63 23.87 5.88
C PRO A 90 -8.62 24.99 6.25
N GLN A 91 -8.80 25.95 5.34
CA GLN A 91 -9.70 27.10 5.49
C GLN A 91 -10.60 27.35 4.25
N ASP A 92 -10.73 26.33 3.37
CA ASP A 92 -11.54 26.35 2.14
C ASP A 92 -12.21 24.98 1.86
ZN ZN B . -3.68 11.56 -20.02
ZN ZN C . 0.83 -4.23 4.36
ZN ZN D . 3.41 18.58 9.86
N GLY A 1 -34.80 12.67 9.36
CA GLY A 1 -33.62 12.72 8.47
C GLY A 1 -34.02 12.84 7.01
N SER A 2 -33.18 13.51 6.20
CA SER A 2 -33.42 13.75 4.77
C SER A 2 -33.04 12.58 3.84
N SER A 3 -32.34 11.57 4.36
CA SER A 3 -31.94 10.33 3.67
C SER A 3 -31.93 9.13 4.63
N GLY A 4 -31.71 7.92 4.11
CA GLY A 4 -31.67 6.65 4.86
C GLY A 4 -33.04 6.07 5.22
N SER A 5 -34.02 6.92 5.53
CA SER A 5 -35.44 6.53 5.73
C SER A 5 -36.18 6.24 4.42
N SER A 6 -35.70 6.80 3.29
CA SER A 6 -36.27 6.63 1.95
C SER A 6 -35.83 5.32 1.27
N GLY A 7 -36.52 4.94 0.19
CA GLY A 7 -36.12 3.82 -0.67
C GLY A 7 -34.74 3.99 -1.29
N LYS A 8 -34.06 2.87 -1.60
CA LYS A 8 -32.64 2.81 -2.01
C LYS A 8 -31.72 3.62 -1.06
N PRO A 9 -31.66 3.27 0.25
CA PRO A 9 -30.92 4.00 1.28
C PRO A 9 -29.41 4.13 1.04
N TYR A 10 -28.81 3.16 0.35
CA TYR A 10 -27.37 3.14 0.08
C TYR A 10 -27.04 3.91 -1.19
N LYS A 11 -26.53 5.15 -1.04
CA LYS A 11 -26.15 6.07 -2.13
C LYS A 11 -24.64 6.01 -2.41
N CYS A 12 -24.25 6.27 -3.66
CA CYS A 12 -22.87 6.44 -4.08
C CYS A 12 -22.35 7.84 -3.64
N PRO A 13 -21.12 7.94 -3.09
CA PRO A 13 -20.49 9.20 -2.76
C PRO A 13 -19.91 9.91 -4.00
N GLN A 14 -19.86 9.25 -5.16
CA GLN A 14 -19.21 9.75 -6.38
C GLN A 14 -20.17 10.07 -7.52
N CYS A 15 -21.33 9.40 -7.59
CA CYS A 15 -22.35 9.65 -8.62
C CYS A 15 -23.80 9.53 -8.10
N SER A 16 -24.77 9.69 -9.00
CA SER A 16 -26.22 9.67 -8.69
C SER A 16 -26.79 8.28 -8.36
N TYR A 17 -25.95 7.24 -8.36
CA TYR A 17 -26.33 5.85 -8.07
C TYR A 17 -26.87 5.64 -6.64
N ALA A 18 -27.83 4.72 -6.51
CA ALA A 18 -28.32 4.20 -5.24
C ALA A 18 -28.83 2.75 -5.36
N SER A 19 -28.84 2.02 -4.24
CA SER A 19 -29.42 0.67 -4.14
C SER A 19 -30.03 0.40 -2.75
N ALA A 20 -30.82 -0.68 -2.63
CA ALA A 20 -31.41 -1.16 -1.38
C ALA A 20 -30.49 -2.08 -0.55
N ILE A 21 -29.28 -2.39 -1.04
CA ILE A 21 -28.37 -3.39 -0.47
C ILE A 21 -26.94 -2.82 -0.39
N LYS A 22 -26.25 -3.03 0.74
CA LYS A 22 -24.85 -2.59 0.95
C LYS A 22 -23.86 -3.26 -0.01
N ALA A 23 -24.04 -4.56 -0.29
CA ALA A 23 -23.25 -5.28 -1.29
C ALA A 23 -23.39 -4.70 -2.71
N ASN A 24 -24.57 -4.20 -3.08
CA ASN A 24 -24.79 -3.53 -4.38
C ASN A 24 -24.12 -2.14 -4.44
N LEU A 25 -23.91 -1.48 -3.30
CA LEU A 25 -23.07 -0.28 -3.25
C LEU A 25 -21.57 -0.64 -3.30
N ASN A 26 -21.12 -1.66 -2.55
CA ASN A 26 -19.73 -2.13 -2.60
C ASN A 26 -19.30 -2.46 -4.04
N VAL A 27 -20.14 -3.22 -4.76
CA VAL A 27 -19.85 -3.69 -6.12
C VAL A 27 -19.78 -2.54 -7.12
N HIS A 28 -20.62 -1.53 -6.89
CA HIS A 28 -20.68 -0.33 -7.70
C HIS A 28 -19.43 0.55 -7.56
N LEU A 29 -18.90 0.69 -6.33
CA LEU A 29 -17.72 1.51 -6.05
C LEU A 29 -16.46 0.99 -6.77
N ARG A 30 -16.39 -0.32 -7.07
CA ARG A 30 -15.29 -0.96 -7.84
C ARG A 30 -15.03 -0.30 -9.20
N LYS A 31 -16.03 0.39 -9.76
CA LYS A 31 -15.95 1.09 -11.05
C LYS A 31 -15.33 2.48 -10.95
N HIS A 32 -15.45 3.10 -9.77
CA HIS A 32 -14.78 4.35 -9.41
C HIS A 32 -13.31 4.15 -8.96
N THR A 33 -12.87 2.90 -8.74
CA THR A 33 -11.49 2.52 -8.38
C THR A 33 -10.76 1.90 -9.59
N GLY A 34 -9.85 0.93 -9.39
CA GLY A 34 -9.19 0.20 -10.46
C GLY A 34 -7.74 0.62 -10.75
N GLU A 35 -7.06 1.23 -9.78
CA GLU A 35 -5.64 1.59 -9.82
C GLU A 35 -4.86 0.80 -8.75
N LYS A 36 -3.64 0.35 -9.06
CA LYS A 36 -2.82 -0.42 -8.11
C LYS A 36 -2.11 0.48 -7.11
N PHE A 37 -2.58 0.41 -5.88
CA PHE A 37 -1.96 1.00 -4.70
C PHE A 37 -1.23 -0.09 -3.90
N ALA A 38 0.07 0.09 -3.69
CA ALA A 38 0.91 -0.78 -2.85
C ALA A 38 0.96 -0.32 -1.38
N CYS A 39 1.06 -1.27 -0.45
CA CYS A 39 1.30 -1.00 0.96
C CYS A 39 2.68 -0.38 1.19
N ASP A 40 2.75 0.57 2.13
CA ASP A 40 3.99 1.20 2.56
C ASP A 40 4.75 0.35 3.60
N TYR A 41 4.17 -0.77 4.04
CA TYR A 41 4.66 -1.59 5.15
C TYR A 41 4.95 -3.04 4.77
N CYS A 42 4.28 -3.57 3.73
CA CYS A 42 4.58 -4.88 3.12
C CYS A 42 4.46 -4.88 1.59
N SER A 43 4.69 -6.04 0.97
CA SER A 43 4.57 -6.29 -0.47
C SER A 43 3.12 -6.32 -0.99
N PHE A 44 2.12 -6.06 -0.13
CA PHE A 44 0.69 -6.06 -0.50
C PHE A 44 0.35 -5.02 -1.56
N THR A 45 -0.65 -5.35 -2.37
CA THR A 45 -1.23 -4.46 -3.39
C THR A 45 -2.74 -4.65 -3.51
N CYS A 46 -3.45 -3.58 -3.87
CA CYS A 46 -4.90 -3.60 -4.10
C CYS A 46 -5.32 -2.61 -5.20
N LEU A 47 -6.43 -2.91 -5.88
CA LEU A 47 -7.07 -2.06 -6.89
C LEU A 47 -7.90 -0.91 -6.27
N SER A 48 -7.99 -0.84 -4.93
CA SER A 48 -8.68 0.20 -4.17
C SER A 48 -7.82 0.74 -3.03
N LYS A 49 -7.66 2.06 -3.02
CA LYS A 49 -7.03 2.82 -1.93
C LYS A 49 -7.82 2.75 -0.62
N GLY A 50 -9.15 2.63 -0.71
CA GLY A 50 -10.02 2.50 0.44
C GLY A 50 -9.86 1.15 1.15
N HIS A 51 -9.64 0.06 0.41
CA HIS A 51 -9.27 -1.24 1.00
C HIS A 51 -7.82 -1.24 1.50
N LEU A 52 -6.90 -0.57 0.82
CA LEU A 52 -5.52 -0.42 1.28
C LEU A 52 -5.42 0.32 2.63
N LYS A 53 -6.26 1.34 2.85
CA LYS A 53 -6.40 2.01 4.16
C LYS A 53 -6.79 0.99 5.24
N VAL A 54 -7.81 0.17 4.98
CA VAL A 54 -8.25 -0.88 5.93
C VAL A 54 -7.15 -1.93 6.17
N HIS A 55 -6.40 -2.31 5.15
CA HIS A 55 -5.25 -3.21 5.28
C HIS A 55 -4.19 -2.65 6.25
N ILE A 56 -3.86 -1.37 6.15
CA ILE A 56 -2.90 -0.75 7.08
C ILE A 56 -3.50 -0.60 8.49
N GLU A 57 -4.76 -0.22 8.60
CA GLU A 57 -5.49 -0.06 9.88
C GLU A 57 -5.75 -1.38 10.62
N ARG A 58 -5.63 -2.51 9.93
CA ARG A 58 -5.78 -3.87 10.50
C ARG A 58 -4.46 -4.62 10.69
N VAL A 59 -3.53 -4.52 9.73
CA VAL A 59 -2.28 -5.29 9.75
C VAL A 59 -1.15 -4.49 10.40
N HIS A 60 -0.98 -3.22 10.03
CA HIS A 60 0.17 -2.38 10.40
C HIS A 60 -0.12 -1.28 11.43
N LYS A 61 -1.27 -1.37 12.10
CA LYS A 61 -1.73 -0.44 13.15
C LYS A 61 -0.83 -0.55 14.39
N LYS A 62 -0.23 0.58 14.80
CA LYS A 62 0.81 0.68 15.84
C LYS A 62 1.96 -0.34 15.68
N ILE A 63 2.55 -0.34 14.48
CA ILE A 63 3.80 -1.07 14.17
C ILE A 63 4.96 -0.59 15.05
N LYS A 64 5.88 -1.51 15.40
CA LYS A 64 7.11 -1.20 16.16
C LYS A 64 8.09 -0.33 15.36
N GLN A 65 8.92 0.41 16.09
CA GLN A 65 9.93 1.35 15.56
C GLN A 65 11.31 1.11 16.20
N HIS A 66 12.36 1.78 15.73
CA HIS A 66 13.67 1.78 16.40
C HIS A 66 14.36 3.16 16.42
N CYS A 67 15.22 3.35 17.42
CA CYS A 67 16.03 4.54 17.66
C CYS A 67 17.20 4.67 16.67
N ARG A 68 17.47 5.91 16.23
CA ARG A 68 18.60 6.27 15.34
C ARG A 68 19.89 6.60 16.09
N PHE A 69 19.88 6.63 17.41
CA PHE A 69 21.04 6.95 18.26
C PHE A 69 21.62 5.74 19.00
N CYS A 70 20.78 4.78 19.42
CA CYS A 70 21.16 3.58 20.19
C CYS A 70 20.59 2.24 19.64
N LYS A 71 19.88 2.28 18.51
CA LYS A 71 19.25 1.11 17.82
C LYS A 71 18.23 0.32 18.66
N LYS A 72 17.80 0.84 19.81
CA LYS A 72 16.78 0.24 20.68
C LYS A 72 15.41 0.21 19.98
N LYS A 73 14.66 -0.89 20.14
CA LYS A 73 13.30 -1.05 19.59
C LYS A 73 12.23 -0.49 20.52
N TYR A 74 11.18 0.07 19.94
CA TYR A 74 10.10 0.80 20.60
C TYR A 74 8.70 0.36 20.15
N SER A 75 7.77 0.30 21.11
CA SER A 75 6.41 -0.23 20.96
C SER A 75 5.43 0.71 20.23
N ASP A 76 5.72 2.01 20.24
CA ASP A 76 4.96 3.08 19.59
C ASP A 76 5.93 4.19 19.17
N VAL A 77 5.67 4.86 18.04
CA VAL A 77 6.48 6.01 17.62
C VAL A 77 6.46 7.12 18.69
N LYS A 78 5.34 7.36 19.38
CA LYS A 78 5.25 8.37 20.45
C LYS A 78 6.14 8.03 21.65
N ASN A 79 6.29 6.73 21.96
CA ASN A 79 7.22 6.27 23.00
C ASN A 79 8.68 6.43 22.59
N LEU A 80 8.99 6.26 21.29
CA LEU A 80 10.32 6.54 20.74
C LEU A 80 10.69 8.02 20.87
N ILE A 81 9.76 8.95 20.64
CA ILE A 81 10.00 10.38 20.82
C ILE A 81 10.35 10.68 22.28
N LYS A 82 9.57 10.14 23.22
CA LYS A 82 9.80 10.29 24.66
C LYS A 82 11.18 9.74 25.08
N HIS A 83 11.60 8.61 24.54
CA HIS A 83 12.96 8.08 24.71
C HIS A 83 14.05 9.01 24.17
N ILE A 84 13.87 9.59 22.98
CA ILE A 84 14.81 10.57 22.42
C ILE A 84 14.88 11.83 23.30
N ARG A 85 13.74 12.34 23.77
CA ARG A 85 13.64 13.47 24.72
C ARG A 85 14.21 13.19 26.11
N ASP A 86 14.36 11.93 26.51
CA ASP A 86 14.93 11.52 27.80
C ASP A 86 16.42 11.15 27.75
N ALA A 87 16.84 10.42 26.70
CA ALA A 87 18.18 9.83 26.59
C ALA A 87 19.11 10.52 25.56
N HIS A 88 18.54 11.19 24.55
CA HIS A 88 19.25 11.79 23.41
C HIS A 88 18.88 13.27 23.19
N ASP A 89 18.47 13.95 24.27
CA ASP A 89 17.84 15.28 24.24
C ASP A 89 18.71 16.43 23.66
N PRO A 90 18.09 17.44 23.01
CA PRO A 90 18.75 18.60 22.41
C PRO A 90 18.90 19.80 23.36
N GLN A 91 18.73 19.60 24.66
CA GLN A 91 18.60 20.62 25.72
C GLN A 91 17.40 21.57 25.51
N ASP A 92 16.26 21.01 25.08
CA ASP A 92 14.95 21.66 24.97
C ASP A 92 14.15 21.67 26.28
ZN ZN B . -21.08 5.75 -8.30
ZN ZN C . 0.76 -4.19 4.33
ZN ZN D . 17.94 5.69 21.75
N GLY A 1 -8.17 -37.57 -2.70
CA GLY A 1 -8.89 -36.46 -3.36
C GLY A 1 -10.29 -36.87 -3.80
N SER A 2 -11.20 -35.91 -3.92
CA SER A 2 -12.59 -36.12 -4.37
C SER A 2 -12.71 -36.30 -5.90
N SER A 3 -13.81 -36.91 -6.33
CA SER A 3 -14.14 -37.16 -7.75
C SER A 3 -15.64 -37.00 -8.04
N GLY A 4 -16.00 -36.65 -9.28
CA GLY A 4 -17.37 -36.39 -9.73
C GLY A 4 -17.94 -35.04 -9.28
N SER A 5 -17.76 -34.67 -8.01
CA SER A 5 -18.17 -33.39 -7.41
C SER A 5 -17.14 -32.26 -7.60
N SER A 6 -15.88 -32.58 -7.91
CA SER A 6 -14.79 -31.62 -8.14
C SER A 6 -14.93 -30.92 -9.51
N GLY A 7 -14.48 -29.66 -9.58
CA GLY A 7 -14.52 -28.83 -10.79
C GLY A 7 -13.94 -27.42 -10.60
N LYS A 8 -13.79 -26.69 -11.70
CA LYS A 8 -13.21 -25.33 -11.78
C LYS A 8 -11.89 -25.15 -11.01
N PRO A 9 -10.84 -25.94 -11.35
CA PRO A 9 -9.55 -25.95 -10.65
C PRO A 9 -8.80 -24.62 -10.67
N TYR A 10 -8.96 -23.83 -11.74
CA TYR A 10 -8.16 -22.63 -11.98
C TYR A 10 -8.79 -21.40 -11.33
N LYS A 11 -8.26 -21.01 -10.17
CA LYS A 11 -8.72 -19.89 -9.33
C LYS A 11 -7.92 -18.60 -9.59
N CYS A 12 -8.58 -17.46 -9.40
CA CYS A 12 -7.95 -16.13 -9.42
C CYS A 12 -7.18 -15.89 -8.10
N PRO A 13 -5.96 -15.33 -8.16
CA PRO A 13 -5.20 -14.92 -6.99
C PRO A 13 -5.67 -13.56 -6.43
N GLN A 14 -6.57 -12.85 -7.13
CA GLN A 14 -6.97 -11.47 -6.81
C GLN A 14 -8.45 -11.35 -6.41
N CYS A 15 -9.32 -12.27 -6.83
CA CYS A 15 -10.72 -12.36 -6.37
C CYS A 15 -11.23 -13.82 -6.21
N SER A 16 -12.52 -13.97 -5.93
CA SER A 16 -13.19 -15.27 -5.72
C SER A 16 -13.47 -16.07 -7.01
N TYR A 17 -13.08 -15.55 -8.18
CA TYR A 17 -13.26 -16.18 -9.48
C TYR A 17 -12.59 -17.56 -9.62
N ALA A 18 -13.22 -18.45 -10.38
CA ALA A 18 -12.67 -19.73 -10.82
C ALA A 18 -13.23 -20.14 -12.19
N SER A 19 -12.46 -20.93 -12.96
CA SER A 19 -12.89 -21.53 -14.23
C SER A 19 -12.32 -22.93 -14.45
N ALA A 20 -12.91 -23.67 -15.39
CA ALA A 20 -12.49 -25.00 -15.83
C ALA A 20 -11.50 -24.98 -17.02
N ILE A 21 -11.14 -23.78 -17.51
CA ILE A 21 -10.21 -23.56 -18.63
C ILE A 21 -9.13 -22.55 -18.19
N LYS A 22 -7.85 -22.89 -18.37
CA LYS A 22 -6.73 -21.99 -17.97
C LYS A 22 -6.63 -20.73 -18.83
N ALA A 23 -7.07 -20.79 -20.10
CA ALA A 23 -7.24 -19.60 -20.95
C ALA A 23 -8.30 -18.62 -20.42
N ASN A 24 -9.37 -19.11 -19.78
CA ASN A 24 -10.35 -18.26 -19.09
C ASN A 24 -9.74 -17.58 -17.85
N LEU A 25 -8.89 -18.27 -17.09
CA LEU A 25 -8.13 -17.63 -16.01
C LEU A 25 -7.17 -16.56 -16.54
N ASN A 26 -6.41 -16.84 -17.61
CA ASN A 26 -5.52 -15.85 -18.24
C ASN A 26 -6.27 -14.58 -18.64
N VAL A 27 -7.43 -14.74 -19.29
CA VAL A 27 -8.22 -13.62 -19.82
C VAL A 27 -8.85 -12.79 -18.72
N HIS A 28 -9.25 -13.47 -17.64
CA HIS A 28 -9.85 -12.85 -16.47
C HIS A 28 -8.89 -11.90 -15.72
N LEU A 29 -7.60 -12.25 -15.63
CA LEU A 29 -6.58 -11.45 -14.94
C LEU A 29 -6.39 -10.06 -15.59
N ARG A 30 -6.78 -9.90 -16.86
CA ARG A 30 -6.71 -8.63 -17.60
C ARG A 30 -7.60 -7.51 -17.01
N LYS A 31 -8.61 -7.89 -16.22
CA LYS A 31 -9.50 -6.96 -15.47
C LYS A 31 -8.80 -6.33 -14.27
N HIS A 32 -7.90 -7.07 -13.63
CA HIS A 32 -7.15 -6.70 -12.43
C HIS A 32 -5.90 -5.82 -12.68
N THR A 33 -5.87 -5.09 -13.79
CA THR A 33 -4.81 -4.13 -14.16
C THR A 33 -5.20 -2.69 -13.80
N GLY A 34 -4.34 -1.72 -14.12
CA GLY A 34 -4.55 -0.30 -13.82
C GLY A 34 -3.90 0.12 -12.49
N GLU A 35 -4.51 1.06 -11.76
CA GLU A 35 -3.90 1.63 -10.54
C GLU A 35 -3.84 0.63 -9.39
N LYS A 36 -2.63 0.47 -8.85
CA LYS A 36 -2.26 -0.49 -7.80
C LYS A 36 -1.78 0.24 -6.56
N PHE A 37 -2.65 0.26 -5.56
CA PHE A 37 -2.44 0.89 -4.26
C PHE A 37 -1.61 -0.05 -3.38
N ALA A 38 -0.31 0.23 -3.26
CA ALA A 38 0.66 -0.60 -2.56
C ALA A 38 0.81 -0.22 -1.08
N CYS A 39 1.03 -1.22 -0.22
CA CYS A 39 1.37 -1.02 1.18
C CYS A 39 2.76 -0.40 1.35
N ASP A 40 2.88 0.51 2.32
CA ASP A 40 4.14 1.11 2.73
C ASP A 40 4.91 0.23 3.74
N TYR A 41 4.29 -0.89 4.17
CA TYR A 41 4.77 -1.73 5.27
C TYR A 41 5.04 -3.19 4.84
N CYS A 42 4.36 -3.68 3.80
CA CYS A 42 4.65 -4.96 3.14
C CYS A 42 4.52 -4.90 1.60
N SER A 43 4.69 -6.05 0.93
CA SER A 43 4.56 -6.21 -0.52
C SER A 43 3.10 -6.23 -1.03
N PHE A 44 2.12 -5.97 -0.15
CA PHE A 44 0.69 -5.97 -0.50
C PHE A 44 0.32 -4.92 -1.54
N THR A 45 -0.67 -5.24 -2.37
CA THR A 45 -1.34 -4.32 -3.29
C THR A 45 -2.84 -4.58 -3.38
N CYS A 46 -3.58 -3.53 -3.78
CA CYS A 46 -5.00 -3.62 -4.10
C CYS A 46 -5.39 -2.70 -5.28
N LEU A 47 -6.52 -2.99 -5.93
CA LEU A 47 -7.14 -2.12 -6.95
C LEU A 47 -8.05 -1.04 -6.32
N SER A 48 -8.22 -1.04 -4.99
CA SER A 48 -8.96 -0.03 -4.23
C SER A 48 -8.06 0.71 -3.24
N LYS A 49 -8.13 2.05 -3.29
CA LYS A 49 -7.45 2.98 -2.38
C LYS A 49 -8.00 2.90 -0.94
N GLY A 50 -9.29 2.61 -0.80
CA GLY A 50 -9.96 2.38 0.49
C GLY A 50 -9.53 1.06 1.14
N HIS A 51 -9.41 -0.02 0.36
CA HIS A 51 -8.93 -1.31 0.88
C HIS A 51 -7.45 -1.26 1.32
N LEU A 52 -6.61 -0.43 0.68
CA LEU A 52 -5.25 -0.18 1.15
C LEU A 52 -5.24 0.47 2.55
N LYS A 53 -6.10 1.46 2.80
CA LYS A 53 -6.23 2.07 4.13
C LYS A 53 -6.67 1.03 5.16
N VAL A 54 -7.67 0.22 4.84
CA VAL A 54 -8.15 -0.85 5.74
C VAL A 54 -7.05 -1.88 6.03
N HIS A 55 -6.27 -2.28 5.01
CA HIS A 55 -5.13 -3.18 5.17
C HIS A 55 -4.10 -2.63 6.17
N ILE A 56 -3.72 -1.35 6.09
CA ILE A 56 -2.78 -0.76 7.04
C ILE A 56 -3.41 -0.61 8.44
N GLU A 57 -4.67 -0.20 8.52
CA GLU A 57 -5.42 0.00 9.77
C GLU A 57 -5.70 -1.30 10.54
N ARG A 58 -5.60 -2.44 9.86
CA ARG A 58 -5.78 -3.79 10.45
C ARG A 58 -4.48 -4.58 10.64
N VAL A 59 -3.57 -4.53 9.66
CA VAL A 59 -2.35 -5.35 9.68
C VAL A 59 -1.19 -4.60 10.34
N HIS A 60 -1.01 -3.32 10.01
CA HIS A 60 0.14 -2.49 10.44
C HIS A 60 -0.19 -1.42 11.47
N LYS A 61 -1.35 -1.56 12.13
CA LYS A 61 -1.77 -0.77 13.30
C LYS A 61 -1.13 -1.33 14.58
N LYS A 62 -0.96 -0.50 15.61
CA LYS A 62 -0.15 -0.80 16.83
C LYS A 62 1.30 -1.14 16.47
N ILE A 63 1.90 -0.27 15.65
CA ILE A 63 3.32 -0.29 15.23
C ILE A 63 4.08 0.90 15.85
N LYS A 64 5.38 0.74 16.10
CA LYS A 64 6.23 1.77 16.71
C LYS A 64 6.50 2.93 15.75
N GLN A 65 6.18 4.15 16.17
CA GLN A 65 6.34 5.43 15.48
C GLN A 65 7.07 6.44 16.38
N HIS A 66 7.49 7.59 15.82
CA HIS A 66 7.99 8.73 16.61
C HIS A 66 7.36 10.08 16.21
N CYS A 67 7.29 10.99 17.17
CA CYS A 67 6.77 12.36 17.02
C CYS A 67 7.72 13.26 16.22
N ARG A 68 7.18 14.01 15.25
CA ARG A 68 7.95 14.96 14.43
C ARG A 68 8.19 16.32 15.11
N PHE A 69 7.62 16.53 16.31
CA PHE A 69 7.75 17.76 17.10
C PHE A 69 8.71 17.61 18.31
N CYS A 70 8.73 16.44 18.96
CA CYS A 70 9.53 16.18 20.17
C CYS A 70 10.34 14.86 20.18
N LYS A 71 10.30 14.08 19.08
CA LYS A 71 11.00 12.78 18.90
C LYS A 71 10.67 11.71 19.96
N LYS A 72 9.57 11.87 20.71
CA LYS A 72 9.02 10.86 21.62
C LYS A 72 8.50 9.66 20.82
N LYS A 73 8.75 8.44 21.31
CA LYS A 73 8.29 7.19 20.67
C LYS A 73 6.91 6.75 21.15
N TYR A 74 6.13 6.19 20.23
CA TYR A 74 4.72 5.80 20.43
C TYR A 74 4.45 4.41 19.83
N SER A 75 3.82 3.53 20.62
CA SER A 75 3.58 2.11 20.27
C SER A 75 2.41 1.89 19.29
N ASP A 76 1.65 2.93 18.99
CA ASP A 76 0.65 2.97 17.92
C ASP A 76 0.62 4.34 17.25
N VAL A 77 0.37 4.40 15.94
CA VAL A 77 0.20 5.66 15.23
C VAL A 77 -1.01 6.44 15.76
N LYS A 78 -2.14 5.78 16.07
CA LYS A 78 -3.32 6.44 16.65
C LYS A 78 -3.02 7.13 17.99
N ASN A 79 -2.18 6.52 18.83
CA ASN A 79 -1.77 7.14 20.09
C ASN A 79 -0.77 8.31 19.88
N LEU A 80 0.05 8.26 18.82
CA LEU A 80 0.87 9.41 18.41
C LEU A 80 0.00 10.61 17.99
N ILE A 81 -1.10 10.38 17.26
CA ILE A 81 -2.04 11.44 16.90
C ILE A 81 -2.65 12.05 18.17
N LYS A 82 -3.07 11.21 19.12
CA LYS A 82 -3.63 11.64 20.40
C LYS A 82 -2.65 12.52 21.20
N HIS A 83 -1.36 12.16 21.21
CA HIS A 83 -0.27 12.99 21.74
C HIS A 83 -0.11 14.32 21.01
N ILE A 84 -0.14 14.34 19.68
CA ILE A 84 -0.09 15.57 18.88
C ILE A 84 -1.27 16.49 19.21
N ARG A 85 -2.47 15.92 19.34
CA ARG A 85 -3.71 16.63 19.76
C ARG A 85 -3.71 17.13 21.21
N ASP A 86 -2.83 16.62 22.05
CA ASP A 86 -2.69 17.03 23.47
C ASP A 86 -1.51 18.00 23.71
N ALA A 87 -0.36 17.78 23.07
CA ALA A 87 0.91 18.48 23.33
C ALA A 87 1.31 19.48 22.23
N HIS A 88 0.88 19.25 20.98
CA HIS A 88 1.31 20.01 19.78
C HIS A 88 0.13 20.57 18.96
N ASP A 89 -1.02 20.76 19.61
CA ASP A 89 -2.30 21.06 18.97
C ASP A 89 -2.39 22.47 18.34
N PRO A 90 -3.18 22.65 17.26
CA PRO A 90 -3.37 23.92 16.58
C PRO A 90 -4.35 24.83 17.34
N GLN A 91 -3.81 25.75 18.15
CA GLN A 91 -4.56 26.65 19.04
C GLN A 91 -5.03 27.93 18.31
N ASP A 92 -5.81 27.74 17.23
CA ASP A 92 -6.36 28.79 16.36
C ASP A 92 -7.84 28.54 15.96
ZN ZN B . -10.13 -12.14 -10.42
ZN ZN C . 0.88 -4.31 4.43
ZN ZN D . 5.50 15.16 20.50
N GLY A 1 16.13 9.93 -47.70
CA GLY A 1 15.77 11.36 -47.79
C GLY A 1 14.95 11.82 -46.59
N SER A 2 14.12 12.84 -46.76
CA SER A 2 13.26 13.42 -45.71
C SER A 2 12.16 12.47 -45.23
N SER A 3 11.73 12.62 -43.97
CA SER A 3 10.61 11.88 -43.37
C SER A 3 9.24 12.35 -43.87
N GLY A 4 8.23 11.48 -43.77
CA GLY A 4 6.84 11.77 -44.17
C GLY A 4 6.12 12.74 -43.22
N SER A 5 5.08 13.40 -43.72
CA SER A 5 4.30 14.45 -43.01
C SER A 5 3.27 13.86 -42.02
N SER A 6 3.73 12.98 -41.11
CA SER A 6 2.87 12.25 -40.17
C SER A 6 2.23 13.15 -39.09
N GLY A 7 2.93 14.20 -38.65
CA GLY A 7 2.43 15.19 -37.68
C GLY A 7 2.23 14.61 -36.27
N LYS A 8 0.96 14.51 -35.85
CA LYS A 8 0.50 13.96 -34.56
C LYS A 8 1.13 14.65 -33.31
N PRO A 9 0.87 15.95 -33.11
CA PRO A 9 1.42 16.74 -32.00
C PRO A 9 1.01 16.30 -30.60
N TYR A 10 -0.17 15.69 -30.45
CA TYR A 10 -0.70 15.27 -29.16
C TYR A 10 -0.20 13.85 -28.79
N LYS A 11 0.77 13.76 -27.89
CA LYS A 11 1.39 12.49 -27.44
C LYS A 11 0.79 12.00 -26.11
N CYS A 12 0.77 10.68 -25.90
CA CYS A 12 0.44 10.05 -24.63
C CYS A 12 1.64 10.16 -23.65
N PRO A 13 1.41 10.50 -22.38
CA PRO A 13 2.43 10.50 -21.33
C PRO A 13 2.74 9.09 -20.81
N GLN A 14 1.93 8.08 -21.16
CA GLN A 14 2.02 6.72 -20.62
C GLN A 14 2.52 5.68 -21.64
N CYS A 15 2.30 5.90 -22.95
CA CYS A 15 2.78 5.00 -24.00
C CYS A 15 3.23 5.75 -25.28
N SER A 16 3.61 4.99 -26.32
CA SER A 16 4.10 5.51 -27.61
C SER A 16 3.01 6.13 -28.51
N TYR A 17 1.75 6.14 -28.07
CA TYR A 17 0.61 6.71 -28.79
C TYR A 17 0.75 8.21 -29.09
N ALA A 18 0.23 8.62 -30.25
CA ALA A 18 0.06 10.02 -30.63
C ALA A 18 -1.14 10.22 -31.57
N SER A 19 -1.70 11.45 -31.58
CA SER A 19 -2.83 11.86 -32.42
C SER A 19 -2.68 13.29 -32.93
N ALA A 20 -3.42 13.63 -33.99
CA ALA A 20 -3.58 14.99 -34.51
C ALA A 20 -4.71 15.78 -33.81
N ILE A 21 -5.48 15.14 -32.92
CA ILE A 21 -6.69 15.71 -32.29
C ILE A 21 -6.64 15.53 -30.77
N LYS A 22 -6.83 16.61 -30.01
CA LYS A 22 -6.83 16.59 -28.52
C LYS A 22 -7.90 15.66 -27.93
N ALA A 23 -9.09 15.62 -28.53
CA ALA A 23 -10.16 14.69 -28.13
C ALA A 23 -9.77 13.21 -28.30
N ASN A 24 -8.97 12.87 -29.31
CA ASN A 24 -8.46 11.50 -29.51
C ASN A 24 -7.32 11.15 -28.53
N LEU A 25 -6.64 12.14 -27.94
CA LEU A 25 -5.74 11.91 -26.80
C LEU A 25 -6.55 11.77 -25.50
N ASN A 26 -7.55 12.61 -25.25
CA ASN A 26 -8.41 12.51 -24.06
C ASN A 26 -9.04 11.12 -23.93
N VAL A 27 -9.61 10.61 -25.05
CA VAL A 27 -10.30 9.31 -25.08
C VAL A 27 -9.34 8.14 -24.86
N HIS A 28 -8.12 8.29 -25.33
CA HIS A 28 -7.05 7.31 -25.19
C HIS A 28 -6.57 7.17 -23.74
N LEU A 29 -6.48 8.28 -23.00
CA LEU A 29 -6.06 8.30 -21.59
C LEU A 29 -7.04 7.56 -20.66
N ARG A 30 -8.32 7.42 -21.06
CA ARG A 30 -9.34 6.65 -20.33
C ARG A 30 -8.92 5.18 -20.14
N LYS A 31 -8.23 4.60 -21.12
CA LYS A 31 -7.74 3.20 -21.10
C LYS A 31 -6.66 2.97 -20.05
N HIS A 32 -5.89 4.02 -19.76
CA HIS A 32 -4.82 4.05 -18.75
C HIS A 32 -5.32 4.30 -17.30
N THR A 33 -6.62 4.45 -17.06
CA THR A 33 -7.17 4.70 -15.71
C THR A 33 -7.19 3.47 -14.79
N GLY A 34 -7.29 3.72 -13.48
CA GLY A 34 -7.18 2.69 -12.43
C GLY A 34 -5.73 2.43 -12.01
N GLU A 35 -5.52 2.18 -10.70
CA GLU A 35 -4.19 2.11 -10.07
C GLU A 35 -4.05 0.97 -9.07
N LYS A 36 -2.84 0.43 -8.96
CA LYS A 36 -2.42 -0.50 -7.91
C LYS A 36 -1.87 0.28 -6.72
N PHE A 37 -2.64 0.30 -5.65
CA PHE A 37 -2.32 0.92 -4.38
C PHE A 37 -1.51 -0.07 -3.52
N ALA A 38 -0.21 0.21 -3.37
CA ALA A 38 0.74 -0.65 -2.66
C ALA A 38 0.90 -0.25 -1.19
N CYS A 39 1.09 -1.24 -0.31
CA CYS A 39 1.42 -1.02 1.09
C CYS A 39 2.83 -0.43 1.25
N ASP A 40 2.94 0.52 2.17
CA ASP A 40 4.23 1.12 2.58
C ASP A 40 4.96 0.25 3.61
N TYR A 41 4.32 -0.83 4.08
CA TYR A 41 4.78 -1.66 5.20
C TYR A 41 5.05 -3.12 4.81
N CYS A 42 4.38 -3.62 3.77
CA CYS A 42 4.67 -4.92 3.14
C CYS A 42 4.54 -4.90 1.60
N SER A 43 4.71 -6.06 0.97
CA SER A 43 4.56 -6.28 -0.48
C SER A 43 3.10 -6.27 -0.97
N PHE A 44 2.12 -6.00 -0.10
CA PHE A 44 0.69 -5.99 -0.44
C PHE A 44 0.32 -4.96 -1.49
N THR A 45 -0.67 -5.29 -2.32
CA THR A 45 -1.28 -4.40 -3.31
C THR A 45 -2.78 -4.63 -3.45
N CYS A 46 -3.52 -3.57 -3.80
CA CYS A 46 -4.95 -3.62 -4.09
C CYS A 46 -5.35 -2.62 -5.20
N LEU A 47 -6.44 -2.89 -5.92
CA LEU A 47 -6.99 -2.01 -6.96
C LEU A 47 -7.92 -0.91 -6.40
N SER A 48 -8.17 -0.91 -5.08
CA SER A 48 -9.01 0.08 -4.37
C SER A 48 -8.23 0.74 -3.21
N LYS A 49 -8.22 2.07 -3.18
CA LYS A 49 -7.45 2.88 -2.22
C LYS A 49 -7.98 2.78 -0.79
N GLY A 50 -9.30 2.66 -0.64
CA GLY A 50 -9.96 2.42 0.66
C GLY A 50 -9.60 1.06 1.26
N HIS A 51 -9.43 0.02 0.44
CA HIS A 51 -9.00 -1.30 0.91
C HIS A 51 -7.51 -1.30 1.33
N LEU A 52 -6.65 -0.50 0.68
CA LEU A 52 -5.28 -0.27 1.16
C LEU A 52 -5.28 0.40 2.55
N LYS A 53 -6.13 1.41 2.77
CA LYS A 53 -6.30 2.02 4.09
C LYS A 53 -6.72 0.98 5.13
N VAL A 54 -7.74 0.17 4.86
CA VAL A 54 -8.18 -0.89 5.78
C VAL A 54 -7.08 -1.91 6.06
N HIS A 55 -6.30 -2.30 5.05
CA HIS A 55 -5.15 -3.20 5.20
C HIS A 55 -4.14 -2.65 6.22
N ILE A 56 -3.76 -1.38 6.13
CA ILE A 56 -2.82 -0.76 7.07
C ILE A 56 -3.46 -0.58 8.46
N GLU A 57 -4.74 -0.19 8.52
CA GLU A 57 -5.50 0.03 9.76
C GLU A 57 -5.80 -1.25 10.55
N ARG A 58 -5.60 -2.42 9.93
CA ARG A 58 -5.79 -3.74 10.57
C ARG A 58 -4.49 -4.54 10.74
N VAL A 59 -3.61 -4.53 9.73
CA VAL A 59 -2.39 -5.35 9.72
C VAL A 59 -1.22 -4.61 10.37
N HIS A 60 -1.02 -3.34 9.97
CA HIS A 60 0.11 -2.48 10.40
C HIS A 60 -0.31 -1.41 11.43
N LYS A 61 -1.42 -1.63 12.14
CA LYS A 61 -1.95 -0.75 13.17
C LYS A 61 -1.01 -0.70 14.41
N LYS A 62 -1.02 0.42 15.15
CA LYS A 62 -0.16 0.70 16.32
C LYS A 62 1.35 0.68 15.95
N ILE A 63 1.75 1.65 15.14
CA ILE A 63 3.07 1.75 14.46
C ILE A 63 3.57 3.21 14.37
N LYS A 64 4.80 3.39 13.93
CA LYS A 64 5.40 4.69 13.54
C LYS A 64 4.67 5.29 12.33
N GLN A 65 4.34 6.58 12.36
CA GLN A 65 3.45 7.25 11.40
C GLN A 65 3.95 8.62 10.93
N HIS A 66 3.19 9.28 10.05
CA HIS A 66 3.37 10.69 9.68
C HIS A 66 2.04 11.46 9.73
N CYS A 67 2.10 12.75 10.08
CA CYS A 67 0.95 13.65 10.18
C CYS A 67 0.33 13.94 8.80
N ARG A 68 -1.01 13.80 8.71
CA ARG A 68 -1.78 14.11 7.49
C ARG A 68 -2.04 15.61 7.29
N PHE A 69 -1.59 16.46 8.21
CA PHE A 69 -1.72 17.91 8.13
C PHE A 69 -0.37 18.64 7.95
N CYS A 70 0.72 18.14 8.59
CA CYS A 70 2.05 18.78 8.58
C CYS A 70 3.25 17.86 8.24
N LYS A 71 2.99 16.63 7.79
CA LYS A 71 3.94 15.61 7.29
C LYS A 71 5.09 15.22 8.25
N LYS A 72 5.04 15.71 9.49
CA LYS A 72 5.91 15.35 10.62
C LYS A 72 5.79 13.87 10.98
N LYS A 73 6.91 13.17 11.19
CA LYS A 73 6.93 11.75 11.61
C LYS A 73 6.75 11.62 13.12
N TYR A 74 5.98 10.60 13.54
CA TYR A 74 5.64 10.32 14.94
C TYR A 74 5.98 8.87 15.31
N SER A 75 6.68 8.69 16.43
CA SER A 75 7.20 7.40 16.90
C SER A 75 6.13 6.41 17.36
N ASP A 76 4.89 6.87 17.55
CA ASP A 76 3.70 6.07 17.79
C ASP A 76 2.47 6.78 17.21
N VAL A 77 1.53 6.03 16.61
CA VAL A 77 0.24 6.58 16.19
C VAL A 77 -0.48 7.26 17.36
N LYS A 78 -0.42 6.73 18.59
CA LYS A 78 -1.09 7.34 19.77
C LYS A 78 -0.57 8.75 20.07
N ASN A 79 0.74 8.98 19.88
CA ASN A 79 1.34 10.30 20.04
C ASN A 79 1.03 11.23 18.86
N LEU A 80 0.81 10.68 17.65
CA LEU A 80 0.31 11.47 16.52
C LEU A 80 -1.11 12.00 16.79
N ILE A 81 -1.99 11.21 17.39
CA ILE A 81 -3.33 11.66 17.78
C ILE A 81 -3.22 12.83 18.78
N LYS A 82 -2.34 12.69 19.77
CA LYS A 82 -2.08 13.73 20.77
C LYS A 82 -1.60 15.05 20.12
N HIS A 83 -0.72 14.96 19.13
CA HIS A 83 -0.29 16.09 18.29
C HIS A 83 -1.43 16.70 17.48
N ILE A 84 -2.30 15.90 16.86
CA ILE A 84 -3.48 16.39 16.12
C ILE A 84 -4.44 17.10 17.05
N ARG A 85 -4.69 16.55 18.25
CA ARG A 85 -5.51 17.18 19.32
C ARG A 85 -4.94 18.51 19.85
N ASP A 86 -3.64 18.75 19.71
CA ASP A 86 -2.96 19.97 20.17
C ASP A 86 -2.77 21.03 19.05
N ALA A 87 -2.34 20.62 17.86
CA ALA A 87 -1.92 21.50 16.76
C ALA A 87 -2.92 21.60 15.61
N HIS A 88 -3.78 20.59 15.43
CA HIS A 88 -4.74 20.47 14.32
C HIS A 88 -6.18 20.21 14.82
N ASP A 89 -6.51 20.71 16.02
CA ASP A 89 -7.73 20.41 16.77
C ASP A 89 -9.05 20.65 16.00
N PRO A 90 -10.06 19.75 16.15
CA PRO A 90 -11.32 19.81 15.40
C PRO A 90 -12.30 20.86 15.95
N GLN A 91 -13.21 21.32 15.09
CA GLN A 91 -14.24 22.32 15.40
C GLN A 91 -15.62 21.72 15.79
N ASP A 92 -15.74 20.38 15.87
CA ASP A 92 -16.95 19.63 16.23
C ASP A 92 -16.64 18.39 17.10
ZN ZN B . -1.26 5.77 -24.00
ZN ZN C . 0.91 -4.24 4.41
ZN ZN D . 0.77 17.77 12.30
N GLY A 1 -5.37 -29.98 3.13
CA GLY A 1 -6.27 -29.28 4.06
C GLY A 1 -7.42 -28.60 3.33
N SER A 2 -8.58 -28.50 3.96
CA SER A 2 -9.84 -28.02 3.35
C SER A 2 -9.80 -26.56 2.86
N SER A 3 -8.88 -25.75 3.40
CA SER A 3 -8.62 -24.36 2.95
C SER A 3 -8.10 -24.27 1.51
N GLY A 4 -7.52 -25.34 0.97
CA GLY A 4 -7.13 -25.48 -0.45
C GLY A 4 -8.27 -25.84 -1.40
N SER A 5 -9.49 -26.07 -0.88
CA SER A 5 -10.68 -26.63 -1.57
C SER A 5 -10.50 -28.07 -2.09
N SER A 6 -11.62 -28.79 -2.24
CA SER A 6 -11.66 -30.08 -2.93
C SER A 6 -11.67 -29.87 -4.46
N GLY A 7 -10.79 -30.57 -5.18
CA GLY A 7 -10.55 -30.32 -6.61
C GLY A 7 -10.08 -28.88 -6.87
N LYS A 8 -10.68 -28.22 -7.89
CA LYS A 8 -10.47 -26.80 -8.25
C LYS A 8 -8.98 -26.42 -8.40
N PRO A 9 -8.25 -27.04 -9.35
CA PRO A 9 -6.80 -26.85 -9.55
C PRO A 9 -6.39 -25.43 -9.92
N TYR A 10 -7.26 -24.68 -10.59
CA TYR A 10 -6.96 -23.33 -11.06
C TYR A 10 -7.26 -22.29 -9.96
N LYS A 11 -6.21 -21.80 -9.28
CA LYS A 11 -6.29 -20.80 -8.19
C LYS A 11 -6.00 -19.38 -8.69
N CYS A 12 -6.62 -18.38 -8.05
CA CYS A 12 -6.31 -16.97 -8.26
C CYS A 12 -5.00 -16.59 -7.55
N PRO A 13 -4.10 -15.82 -8.20
CA PRO A 13 -2.88 -15.30 -7.60
C PRO A 13 -3.15 -14.09 -6.69
N GLN A 14 -4.36 -13.52 -6.70
CA GLN A 14 -4.70 -12.27 -6.01
C GLN A 14 -5.72 -12.43 -4.86
N CYS A 15 -6.55 -13.48 -4.89
CA CYS A 15 -7.47 -13.81 -3.79
C CYS A 15 -7.62 -15.33 -3.55
N SER A 16 -8.50 -15.72 -2.63
CA SER A 16 -8.76 -17.10 -2.23
C SER A 16 -9.58 -17.93 -3.24
N TYR A 17 -9.96 -17.33 -4.38
CA TYR A 17 -10.73 -17.97 -5.45
C TYR A 17 -10.03 -19.20 -6.07
N ALA A 18 -10.83 -20.19 -6.46
CA ALA A 18 -10.40 -21.33 -7.27
C ALA A 18 -11.55 -21.88 -8.15
N SER A 19 -11.21 -22.53 -9.26
CA SER A 19 -12.15 -23.22 -10.16
C SER A 19 -11.54 -24.47 -10.82
N ALA A 20 -12.39 -25.28 -11.44
CA ALA A 20 -12.02 -26.49 -12.18
C ALA A 20 -11.69 -26.23 -13.67
N ILE A 21 -11.82 -24.98 -14.14
CA ILE A 21 -11.72 -24.60 -15.56
C ILE A 21 -10.80 -23.38 -15.72
N LYS A 22 -9.88 -23.43 -16.70
CA LYS A 22 -8.93 -22.32 -17.00
C LYS A 22 -9.64 -21.04 -17.46
N ALA A 23 -10.70 -21.17 -18.26
CA ALA A 23 -11.54 -20.05 -18.70
C ALA A 23 -12.25 -19.33 -17.53
N ASN A 24 -12.65 -20.06 -16.48
CA ASN A 24 -13.22 -19.47 -15.26
C ASN A 24 -12.17 -18.67 -14.48
N LEU A 25 -10.91 -19.14 -14.42
CA LEU A 25 -9.83 -18.33 -13.85
C LEU A 25 -9.55 -17.08 -14.70
N ASN A 26 -9.48 -17.20 -16.03
CA ASN A 26 -9.30 -16.03 -16.92
C ASN A 26 -10.38 -14.97 -16.69
N VAL A 27 -11.65 -15.38 -16.61
CA VAL A 27 -12.79 -14.46 -16.46
C VAL A 27 -12.81 -13.79 -15.10
N HIS A 28 -12.39 -14.53 -14.08
CA HIS A 28 -12.30 -14.06 -12.71
C HIS A 28 -11.24 -12.95 -12.54
N LEU A 29 -10.07 -13.10 -13.18
CA LEU A 29 -8.95 -12.15 -13.08
C LEU A 29 -9.31 -10.74 -13.58
N ARG A 30 -10.35 -10.62 -14.41
CA ARG A 30 -10.85 -9.34 -14.96
C ARG A 30 -11.20 -8.31 -13.87
N LYS A 31 -11.67 -8.77 -12.70
CA LYS A 31 -12.04 -7.89 -11.56
C LYS A 31 -10.84 -7.31 -10.81
N HIS A 32 -9.68 -7.95 -10.95
CA HIS A 32 -8.39 -7.56 -10.35
C HIS A 32 -7.57 -6.60 -11.24
N THR A 33 -8.22 -5.85 -12.13
CA THR A 33 -7.61 -4.84 -13.02
C THR A 33 -7.85 -3.41 -12.54
N GLY A 34 -7.10 -2.46 -13.08
CA GLY A 34 -7.15 -1.03 -12.73
C GLY A 34 -5.91 -0.55 -11.96
N GLU A 35 -6.03 0.57 -11.24
CA GLU A 35 -4.92 1.17 -10.50
C GLU A 35 -4.47 0.33 -9.29
N LYS A 36 -3.16 0.20 -9.12
CA LYS A 36 -2.50 -0.63 -8.10
C LYS A 36 -1.85 0.21 -7.02
N PHE A 37 -2.51 0.24 -5.87
CA PHE A 37 -2.04 0.88 -4.66
C PHE A 37 -1.24 -0.13 -3.82
N ALA A 38 0.05 0.11 -3.62
CA ALA A 38 0.93 -0.72 -2.80
C ALA A 38 0.96 -0.29 -1.33
N CYS A 39 1.11 -1.26 -0.41
CA CYS A 39 1.35 -0.99 1.00
C CYS A 39 2.73 -0.36 1.24
N ASP A 40 2.78 0.57 2.20
CA ASP A 40 4.02 1.21 2.63
C ASP A 40 4.79 0.35 3.66
N TYR A 41 4.21 -0.78 4.09
CA TYR A 41 4.70 -1.61 5.19
C TYR A 41 5.00 -3.06 4.79
N CYS A 42 4.32 -3.57 3.75
CA CYS A 42 4.62 -4.87 3.12
C CYS A 42 4.52 -4.83 1.58
N SER A 43 4.71 -6.00 0.95
CA SER A 43 4.60 -6.22 -0.50
C SER A 43 3.14 -6.28 -1.02
N PHE A 44 2.14 -6.04 -0.17
CA PHE A 44 0.73 -6.03 -0.56
C PHE A 44 0.41 -4.99 -1.63
N THR A 45 -0.54 -5.33 -2.50
CA THR A 45 -1.15 -4.42 -3.46
C THR A 45 -2.65 -4.61 -3.57
N CYS A 46 -3.34 -3.55 -3.95
CA CYS A 46 -4.80 -3.48 -3.99
C CYS A 46 -5.32 -2.69 -5.20
N LEU A 47 -6.55 -3.02 -5.64
CA LEU A 47 -7.28 -2.29 -6.68
C LEU A 47 -8.18 -1.16 -6.12
N SER A 48 -8.18 -0.97 -4.79
CA SER A 48 -8.85 0.12 -4.09
C SER A 48 -7.96 0.72 -3.00
N LYS A 49 -7.76 2.04 -3.09
CA LYS A 49 -7.07 2.84 -2.08
C LYS A 49 -7.79 2.84 -0.73
N GLY A 50 -9.13 2.74 -0.75
CA GLY A 50 -9.95 2.65 0.45
C GLY A 50 -9.85 1.29 1.17
N HIS A 51 -9.61 0.20 0.43
CA HIS A 51 -9.27 -1.10 1.03
C HIS A 51 -7.80 -1.17 1.48
N LEU A 52 -6.87 -0.49 0.79
CA LEU A 52 -5.48 -0.35 1.22
C LEU A 52 -5.39 0.38 2.59
N LYS A 53 -6.22 1.40 2.82
CA LYS A 53 -6.37 2.02 4.14
C LYS A 53 -6.76 0.98 5.19
N VAL A 54 -7.79 0.17 4.94
CA VAL A 54 -8.23 -0.89 5.87
C VAL A 54 -7.12 -1.93 6.11
N HIS A 55 -6.36 -2.30 5.09
CA HIS A 55 -5.22 -3.20 5.22
C HIS A 55 -4.18 -2.66 6.21
N ILE A 56 -3.82 -1.37 6.14
CA ILE A 56 -2.87 -0.76 7.07
C ILE A 56 -3.50 -0.62 8.47
N GLU A 57 -4.77 -0.23 8.56
CA GLU A 57 -5.52 -0.05 9.81
C GLU A 57 -5.82 -1.35 10.56
N ARG A 58 -5.64 -2.50 9.91
CA ARG A 58 -5.79 -3.84 10.51
C ARG A 58 -4.49 -4.61 10.69
N VAL A 59 -3.59 -4.56 9.69
CA VAL A 59 -2.36 -5.36 9.69
C VAL A 59 -1.20 -4.59 10.36
N HIS A 60 -1.02 -3.32 10.01
CA HIS A 60 0.12 -2.48 10.43
C HIS A 60 -0.24 -1.43 11.50
N LYS A 61 -1.35 -1.64 12.21
CA LYS A 61 -1.86 -0.77 13.30
C LYS A 61 -1.02 -0.94 14.56
N LYS A 62 -0.58 0.18 15.15
CA LYS A 62 0.38 0.27 16.28
C LYS A 62 1.66 -0.56 16.08
N ILE A 63 2.25 -0.42 14.90
CA ILE A 63 3.58 -0.94 14.54
C ILE A 63 4.69 -0.20 15.33
N LYS A 64 5.87 -0.82 15.43
CA LYS A 64 7.11 -0.22 15.96
C LYS A 64 7.82 0.66 14.92
N GLN A 65 8.74 1.53 15.37
CA GLN A 65 9.45 2.54 14.57
C GLN A 65 10.97 2.47 14.80
N HIS A 66 11.74 3.23 13.99
CA HIS A 66 13.15 3.50 14.23
C HIS A 66 13.49 4.99 14.01
N CYS A 67 14.43 5.51 14.80
CA CYS A 67 15.04 6.82 14.63
C CYS A 67 16.05 6.79 13.47
N ARG A 68 15.94 7.72 12.52
CA ARG A 68 16.87 7.81 11.38
C ARG A 68 18.22 8.42 11.72
N PHE A 69 18.35 9.05 12.90
CA PHE A 69 19.56 9.75 13.33
C PHE A 69 20.53 8.87 14.13
N CYS A 70 20.02 7.92 14.93
CA CYS A 70 20.80 7.01 15.78
C CYS A 70 20.43 5.51 15.66
N LYS A 71 19.48 5.16 14.76
CA LYS A 71 18.99 3.79 14.49
C LYS A 71 18.39 3.06 15.70
N LYS A 72 18.04 3.80 16.76
CA LYS A 72 17.31 3.29 17.94
C LYS A 72 15.87 2.92 17.57
N LYS A 73 15.38 1.76 18.01
CA LYS A 73 13.98 1.34 17.79
C LYS A 73 13.05 1.84 18.89
N TYR A 74 11.82 2.18 18.51
CA TYR A 74 10.81 2.79 19.36
C TYR A 74 9.48 2.01 19.30
N SER A 75 8.85 1.82 20.46
CA SER A 75 7.58 1.06 20.61
C SER A 75 6.33 1.94 20.46
N ASP A 76 6.50 3.26 20.39
CA ASP A 76 5.45 4.24 20.10
C ASP A 76 6.01 5.38 19.24
N VAL A 77 5.28 5.80 18.20
CA VAL A 77 5.64 6.98 17.42
C VAL A 77 5.67 8.24 18.28
N LYS A 78 4.78 8.38 19.27
CA LYS A 78 4.75 9.55 20.17
C LYS A 78 6.02 9.68 21.01
N ASN A 79 6.62 8.56 21.41
CA ASN A 79 7.89 8.54 22.13
C ASN A 79 9.08 8.84 21.21
N LEU A 80 9.01 8.44 19.93
CA LEU A 80 10.00 8.81 18.92
C LEU A 80 10.07 10.32 18.69
N ILE A 81 8.92 11.02 18.67
CA ILE A 81 8.89 12.48 18.52
C ILE A 81 9.63 13.16 19.67
N LYS A 82 9.33 12.79 20.92
CA LYS A 82 10.03 13.30 22.10
C LYS A 82 11.52 13.00 22.08
N HIS A 83 11.92 11.79 21.69
CA HIS A 83 13.33 11.43 21.51
C HIS A 83 14.05 12.35 20.52
N ILE A 84 13.44 12.65 19.37
CA ILE A 84 14.01 13.60 18.39
C ILE A 84 14.06 15.02 18.98
N ARG A 85 12.99 15.49 19.62
CA ARG A 85 12.90 16.83 20.25
C ARG A 85 13.88 17.04 21.42
N ASP A 86 14.29 15.97 22.10
CA ASP A 86 15.21 16.02 23.25
C ASP A 86 16.67 15.70 22.89
N ALA A 87 16.93 14.76 21.97
CA ALA A 87 18.28 14.27 21.64
C ALA A 87 18.82 14.73 20.26
N HIS A 88 17.94 15.10 19.32
CA HIS A 88 18.27 15.48 17.94
C HIS A 88 17.69 16.86 17.54
N ASP A 89 17.45 17.73 18.53
CA ASP A 89 16.78 19.02 18.41
C ASP A 89 17.37 19.95 17.30
N PRO A 90 16.50 20.65 16.53
CA PRO A 90 16.89 21.66 15.54
C PRO A 90 17.76 22.82 16.07
N GLN A 91 18.43 23.51 15.14
CA GLN A 91 19.26 24.70 15.39
C GLN A 91 20.46 24.47 16.35
N ASP A 92 21.03 23.26 16.33
CA ASP A 92 22.27 22.89 17.05
C ASP A 92 23.53 23.57 16.48
ZN ZN B . -9.22 -13.42 -7.48
ZN ZN C . 0.81 -4.19 4.36
ZN ZN D . 17.68 9.03 17.73
N GLY A 1 3.39 -39.93 -16.35
CA GLY A 1 2.59 -40.96 -15.65
C GLY A 1 1.27 -41.20 -16.36
N SER A 2 0.78 -42.45 -16.37
CA SER A 2 -0.38 -42.91 -17.16
C SER A 2 -1.71 -42.23 -16.80
N SER A 3 -1.83 -41.68 -15.58
CA SER A 3 -3.01 -40.94 -15.11
C SER A 3 -3.16 -39.53 -15.73
N GLY A 4 -2.12 -39.01 -16.39
CA GLY A 4 -2.10 -37.67 -16.99
C GLY A 4 -2.07 -36.53 -15.95
N SER A 5 -2.42 -35.32 -16.39
CA SER A 5 -2.52 -34.11 -15.56
C SER A 5 -3.61 -33.15 -16.08
N SER A 6 -4.13 -32.28 -15.22
CA SER A 6 -5.23 -31.35 -15.53
C SER A 6 -4.83 -30.26 -16.54
N GLY A 7 -5.68 -30.01 -17.54
CA GLY A 7 -5.54 -28.91 -18.49
C GLY A 7 -6.00 -27.55 -17.92
N LYS A 8 -5.74 -26.48 -18.69
CA LYS A 8 -6.03 -25.07 -18.38
C LYS A 8 -7.12 -24.48 -19.31
N PRO A 9 -8.41 -24.84 -19.13
CA PRO A 9 -9.51 -24.39 -19.97
C PRO A 9 -9.92 -22.92 -19.79
N TYR A 10 -9.69 -22.35 -18.62
CA TYR A 10 -10.11 -20.98 -18.32
C TYR A 10 -9.10 -19.96 -18.84
N LYS A 11 -9.39 -19.39 -20.02
CA LYS A 11 -8.55 -18.42 -20.75
C LYS A 11 -8.89 -16.97 -20.39
N CYS A 12 -7.89 -16.08 -20.42
CA CYS A 12 -8.07 -14.64 -20.33
C CYS A 12 -8.57 -14.08 -21.67
N PRO A 13 -9.60 -13.21 -21.67
CA PRO A 13 -10.08 -12.50 -22.86
C PRO A 13 -9.17 -11.32 -23.23
N GLN A 14 -8.17 -10.99 -22.38
CA GLN A 14 -7.36 -9.77 -22.48
C GLN A 14 -5.88 -10.06 -22.81
N CYS A 15 -5.36 -11.24 -22.41
CA CYS A 15 -4.01 -11.69 -22.77
C CYS A 15 -3.93 -13.21 -23.03
N SER A 16 -2.71 -13.73 -23.21
CA SER A 16 -2.44 -15.15 -23.53
C SER A 16 -2.57 -16.11 -22.32
N TYR A 17 -2.91 -15.60 -21.14
CA TYR A 17 -3.07 -16.37 -19.90
C TYR A 17 -4.16 -17.45 -19.96
N ALA A 18 -3.93 -18.56 -19.26
CA ALA A 18 -4.90 -19.63 -19.01
C ALA A 18 -4.63 -20.33 -17.66
N SER A 19 -5.67 -20.91 -17.05
CA SER A 19 -5.56 -21.72 -15.82
C SER A 19 -6.58 -22.86 -15.76
N ALA A 20 -6.24 -23.94 -15.03
CA ALA A 20 -7.12 -25.03 -14.64
C ALA A 20 -8.30 -24.63 -13.72
N ILE A 21 -8.27 -23.43 -13.11
CA ILE A 21 -9.21 -23.02 -12.06
C ILE A 21 -9.91 -21.69 -12.41
N LYS A 22 -11.24 -21.63 -12.23
CA LYS A 22 -12.07 -20.43 -12.43
C LYS A 22 -11.68 -19.27 -11.52
N ALA A 23 -11.42 -19.54 -10.24
CA ALA A 23 -10.94 -18.56 -9.27
C ALA A 23 -9.60 -17.91 -9.68
N ASN A 24 -8.70 -18.66 -10.31
CA ASN A 24 -7.43 -18.13 -10.84
C ASN A 24 -7.68 -17.18 -12.03
N LEU A 25 -8.62 -17.49 -12.93
CA LEU A 25 -9.01 -16.55 -13.97
C LEU A 25 -9.65 -15.27 -13.39
N ASN A 26 -10.57 -15.40 -12.41
CA ASN A 26 -11.18 -14.24 -11.76
C ASN A 26 -10.13 -13.31 -11.14
N VAL A 27 -9.14 -13.88 -10.44
CA VAL A 27 -8.10 -13.11 -9.74
C VAL A 27 -7.13 -12.44 -10.71
N HIS A 28 -6.84 -13.12 -11.80
CA HIS A 28 -5.95 -12.66 -12.85
C HIS A 28 -6.46 -11.41 -13.56
N LEU A 29 -7.76 -11.33 -13.86
CA LEU A 29 -8.38 -10.19 -14.58
C LEU A 29 -8.21 -8.86 -13.83
N ARG A 30 -8.02 -8.90 -12.50
CA ARG A 30 -7.89 -7.72 -11.64
C ARG A 30 -6.72 -6.81 -12.04
N LYS A 31 -5.65 -7.36 -12.63
CA LYS A 31 -4.47 -6.59 -13.08
C LYS A 31 -4.70 -5.76 -14.34
N HIS A 32 -5.70 -6.14 -15.14
CA HIS A 32 -6.05 -5.51 -16.41
C HIS A 32 -7.00 -4.29 -16.27
N THR A 33 -7.33 -3.89 -15.04
CA THR A 33 -8.22 -2.77 -14.71
C THR A 33 -7.78 -2.03 -13.45
N GLY A 34 -8.48 -0.94 -13.13
CA GLY A 34 -8.37 -0.20 -11.88
C GLY A 34 -7.03 0.54 -11.70
N GLU A 35 -6.66 0.79 -10.43
CA GLU A 35 -5.35 1.34 -10.02
C GLU A 35 -4.75 0.51 -8.89
N LYS A 36 -3.50 0.10 -9.07
CA LYS A 36 -2.73 -0.60 -8.03
C LYS A 36 -2.10 0.36 -7.04
N PHE A 37 -2.60 0.31 -5.81
CA PHE A 37 -2.05 0.96 -4.64
C PHE A 37 -1.28 -0.08 -3.80
N ALA A 38 0.01 0.16 -3.58
CA ALA A 38 0.89 -0.69 -2.77
C ALA A 38 0.93 -0.29 -1.29
N CYS A 39 1.07 -1.27 -0.39
CA CYS A 39 1.33 -1.03 1.02
C CYS A 39 2.69 -0.38 1.27
N ASP A 40 2.73 0.51 2.25
CA ASP A 40 3.96 1.16 2.71
C ASP A 40 4.73 0.29 3.72
N TYR A 41 4.14 -0.84 4.14
CA TYR A 41 4.65 -1.69 5.23
C TYR A 41 4.97 -3.12 4.78
N CYS A 42 4.30 -3.63 3.73
CA CYS A 42 4.63 -4.91 3.09
C CYS A 42 4.55 -4.85 1.54
N SER A 43 4.79 -5.99 0.90
CA SER A 43 4.70 -6.17 -0.57
C SER A 43 3.26 -6.24 -1.11
N PHE A 44 2.25 -6.04 -0.26
CA PHE A 44 0.83 -6.07 -0.64
C PHE A 44 0.45 -5.00 -1.65
N THR A 45 -0.53 -5.33 -2.49
CA THR A 45 -1.19 -4.41 -3.41
C THR A 45 -2.70 -4.64 -3.47
N CYS A 46 -3.44 -3.58 -3.76
CA CYS A 46 -4.89 -3.59 -3.89
C CYS A 46 -5.38 -2.67 -5.02
N LEU A 47 -6.54 -3.01 -5.61
CA LEU A 47 -7.20 -2.24 -6.67
C LEU A 47 -8.09 -1.08 -6.12
N SER A 48 -8.12 -0.89 -4.80
CA SER A 48 -8.77 0.22 -4.11
C SER A 48 -7.89 0.80 -3.01
N LYS A 49 -7.74 2.12 -3.01
CA LYS A 49 -7.05 2.90 -1.99
C LYS A 49 -7.77 2.84 -0.62
N GLY A 50 -9.10 2.72 -0.64
CA GLY A 50 -9.90 2.57 0.58
C GLY A 50 -9.73 1.19 1.23
N HIS A 51 -9.63 0.12 0.43
CA HIS A 51 -9.28 -1.21 0.94
C HIS A 51 -7.81 -1.31 1.38
N LEU A 52 -6.89 -0.59 0.72
CA LEU A 52 -5.50 -0.45 1.19
C LEU A 52 -5.41 0.27 2.54
N LYS A 53 -6.21 1.33 2.76
CA LYS A 53 -6.33 1.97 4.09
C LYS A 53 -6.77 0.96 5.14
N VAL A 54 -7.79 0.15 4.87
CA VAL A 54 -8.25 -0.90 5.80
C VAL A 54 -7.15 -1.94 6.07
N HIS A 55 -6.39 -2.35 5.05
CA HIS A 55 -5.24 -3.25 5.19
C HIS A 55 -4.20 -2.69 6.17
N ILE A 56 -3.84 -1.41 6.07
CA ILE A 56 -2.88 -0.79 7.00
C ILE A 56 -3.49 -0.60 8.40
N GLU A 57 -4.75 -0.18 8.49
CA GLU A 57 -5.48 0.05 9.74
C GLU A 57 -5.72 -1.23 10.56
N ARG A 58 -5.63 -2.40 9.91
CA ARG A 58 -5.83 -3.72 10.54
C ARG A 58 -4.53 -4.51 10.72
N VAL A 59 -3.63 -4.48 9.72
CA VAL A 59 -2.41 -5.30 9.74
C VAL A 59 -1.23 -4.54 10.37
N HIS A 60 -1.06 -3.27 9.99
CA HIS A 60 0.12 -2.45 10.33
C HIS A 60 -0.16 -1.29 11.32
N LYS A 61 -1.28 -1.37 12.04
CA LYS A 61 -1.71 -0.40 13.07
C LYS A 61 -1.12 -0.78 14.43
N LYS A 62 -0.61 0.22 15.16
CA LYS A 62 0.19 0.07 16.40
C LYS A 62 1.38 -0.92 16.23
N ILE A 63 2.10 -0.75 15.13
CA ILE A 63 3.26 -1.55 14.73
C ILE A 63 4.57 -1.01 15.35
N LYS A 64 5.53 -1.89 15.62
CA LYS A 64 6.91 -1.51 16.01
C LYS A 64 7.68 -0.94 14.82
N GLN A 65 8.60 -0.01 15.08
CA GLN A 65 9.39 0.72 14.09
C GLN A 65 10.90 0.45 14.26
N HIS A 66 11.70 0.83 13.26
CA HIS A 66 13.17 0.80 13.35
C HIS A 66 13.81 2.12 12.88
N CYS A 67 14.95 2.46 13.47
CA CYS A 67 15.73 3.65 13.19
C CYS A 67 16.39 3.62 11.79
N ARG A 68 16.30 4.75 11.10
CA ARG A 68 16.90 5.00 9.78
C ARG A 68 18.43 5.04 9.81
N PHE A 69 19.01 5.34 10.96
CA PHE A 69 20.43 5.65 11.13
C PHE A 69 21.25 4.55 11.85
N CYS A 70 20.64 3.83 12.80
CA CYS A 70 21.29 2.77 13.60
C CYS A 70 20.53 1.43 13.67
N LYS A 71 19.39 1.30 12.98
CA LYS A 71 18.51 0.10 12.94
C LYS A 71 17.98 -0.38 14.31
N LYS A 72 18.09 0.44 15.36
CA LYS A 72 17.50 0.20 16.69
C LYS A 72 15.98 0.12 16.59
N LYS A 73 15.35 -0.85 17.25
CA LYS A 73 13.88 -1.05 17.24
C LYS A 73 13.20 -0.28 18.36
N TYR A 74 12.01 0.26 18.03
CA TYR A 74 11.21 1.16 18.86
C TYR A 74 9.74 0.72 18.92
N SER A 75 9.18 0.63 20.13
CA SER A 75 7.81 0.17 20.38
C SER A 75 6.73 1.24 20.13
N ASP A 76 7.13 2.51 19.95
CA ASP A 76 6.28 3.62 19.53
C ASP A 76 7.04 4.49 18.51
N VAL A 77 6.38 4.91 17.43
CA VAL A 77 6.95 5.85 16.46
C VAL A 77 7.31 7.18 17.12
N LYS A 78 6.52 7.67 18.09
CA LYS A 78 6.81 8.94 18.80
C LYS A 78 8.11 8.87 19.59
N ASN A 79 8.43 7.72 20.18
CA ASN A 79 9.71 7.51 20.87
C ASN A 79 10.89 7.38 19.88
N LEU A 80 10.67 6.86 18.67
CA LEU A 80 11.67 6.85 17.61
C LEU A 80 12.03 8.28 17.17
N ILE A 81 11.07 9.19 17.06
CA ILE A 81 11.34 10.59 16.70
C ILE A 81 12.25 11.24 17.75
N LYS A 82 11.93 11.04 19.04
CA LYS A 82 12.74 11.55 20.15
C LYS A 82 14.18 10.99 20.12
N HIS A 83 14.35 9.71 19.82
CA HIS A 83 15.67 9.09 19.58
C HIS A 83 16.43 9.74 18.41
N ILE A 84 15.78 10.00 17.27
CA ILE A 84 16.41 10.68 16.14
C ILE A 84 16.80 12.12 16.50
N ARG A 85 15.93 12.85 17.20
CA ARG A 85 16.19 14.22 17.71
C ARG A 85 17.32 14.30 18.76
N ASP A 86 17.62 13.21 19.46
CA ASP A 86 18.66 13.14 20.49
C ASP A 86 20.00 12.58 19.98
N ALA A 87 19.98 11.51 19.16
CA ALA A 87 21.16 10.77 18.72
C ALA A 87 21.59 11.05 17.28
N HIS A 88 20.66 11.50 16.42
CA HIS A 88 20.86 11.65 14.97
C HIS A 88 20.44 13.05 14.45
N ASP A 89 20.47 14.06 15.31
CA ASP A 89 19.97 15.42 15.07
C ASP A 89 20.50 16.09 13.77
N PRO A 90 19.63 16.77 12.99
CA PRO A 90 20.00 17.51 11.79
C PRO A 90 21.11 18.56 12.01
N GLN A 91 21.98 18.71 11.01
CA GLN A 91 23.13 19.65 11.04
C GLN A 91 22.78 21.07 10.54
N ASP A 92 21.58 21.26 9.98
CA ASP A 92 21.06 22.54 9.43
C ASP A 92 19.55 22.73 9.66
ZN ZN B . -4.90 -11.62 -18.76
ZN ZN C . 0.76 -4.32 4.28
ZN ZN D . 19.09 5.51 15.79
N GLY A 1 27.40 3.18 -28.19
CA GLY A 1 26.23 3.27 -29.09
C GLY A 1 25.73 4.70 -29.23
N SER A 2 24.55 4.86 -29.84
CA SER A 2 23.92 6.18 -30.10
C SER A 2 23.46 6.89 -28.82
N SER A 3 23.43 8.22 -28.84
CA SER A 3 22.98 9.08 -27.74
C SER A 3 21.47 8.96 -27.47
N GLY A 4 21.05 9.21 -26.22
CA GLY A 4 19.64 9.24 -25.82
C GLY A 4 18.85 10.43 -26.40
N SER A 5 17.52 10.27 -26.50
CA SER A 5 16.62 11.30 -27.04
C SER A 5 16.29 12.39 -26.01
N SER A 6 16.07 13.63 -26.49
CA SER A 6 15.78 14.81 -25.67
C SER A 6 14.30 14.96 -25.32
N GLY A 7 14.00 15.57 -24.17
CA GLY A 7 12.64 15.83 -23.70
C GLY A 7 11.84 14.58 -23.34
N LYS A 8 10.51 14.64 -23.50
CA LYS A 8 9.51 13.61 -23.16
C LYS A 8 8.81 13.05 -24.41
N PRO A 9 9.51 12.23 -25.23
CA PRO A 9 8.99 11.68 -26.48
C PRO A 9 7.85 10.66 -26.32
N TYR A 10 7.84 9.90 -25.22
CA TYR A 10 6.87 8.82 -25.00
C TYR A 10 5.53 9.39 -24.48
N LYS A 11 4.51 9.43 -25.33
CA LYS A 11 3.18 10.01 -25.05
C LYS A 11 2.14 8.96 -24.66
N CYS A 12 1.18 9.33 -23.82
CA CYS A 12 0.01 8.52 -23.51
C CYS A 12 -0.99 8.57 -24.68
N PRO A 13 -1.53 7.42 -25.13
CA PRO A 13 -2.60 7.35 -26.12
C PRO A 13 -3.98 7.68 -25.52
N GLN A 14 -4.07 7.83 -24.19
CA GLN A 14 -5.33 7.95 -23.44
C GLN A 14 -5.52 9.33 -22.79
N CYS A 15 -4.42 10.04 -22.44
CA CYS A 15 -4.46 11.41 -21.92
C CYS A 15 -3.27 12.28 -22.41
N SER A 16 -3.13 13.49 -21.87
CA SER A 16 -2.10 14.47 -22.23
C SER A 16 -0.70 14.18 -21.67
N TYR A 17 -0.54 13.07 -20.93
CA TYR A 17 0.73 12.66 -20.30
C TYR A 17 1.87 12.39 -21.31
N ALA A 18 3.09 12.68 -20.87
CA ALA A 18 4.33 12.37 -21.59
C ALA A 18 5.50 12.09 -20.60
N SER A 19 6.49 11.28 -21.01
CA SER A 19 7.74 11.08 -20.28
C SER A 19 8.96 10.81 -21.17
N ALA A 20 10.15 11.17 -20.67
CA ALA A 20 11.46 10.82 -21.24
C ALA A 20 11.77 9.31 -21.30
N ILE A 21 11.02 8.46 -20.60
CA ILE A 21 11.34 7.04 -20.38
C ILE A 21 10.17 6.13 -20.79
N LYS A 22 10.44 5.04 -21.52
CA LYS A 22 9.44 4.03 -21.93
C LYS A 22 8.77 3.33 -20.73
N ALA A 23 9.56 2.97 -19.71
CA ALA A 23 9.05 2.38 -18.47
C ALA A 23 8.07 3.32 -17.73
N ASN A 24 8.30 4.63 -17.76
CA ASN A 24 7.38 5.63 -17.18
C ASN A 24 6.08 5.75 -17.98
N LEU A 25 6.07 5.45 -19.28
CA LEU A 25 4.82 5.32 -20.04
C LEU A 25 4.12 3.99 -19.72
N ASN A 26 4.83 2.87 -19.67
CA ASN A 26 4.25 1.57 -19.32
C ASN A 26 3.53 1.61 -17.96
N VAL A 27 4.18 2.23 -16.96
CA VAL A 27 3.66 2.31 -15.58
C VAL A 27 2.44 3.20 -15.47
N HIS A 28 2.42 4.27 -16.27
CA HIS A 28 1.36 5.25 -16.31
C HIS A 28 0.04 4.68 -16.83
N LEU A 29 0.08 3.83 -17.87
CA LEU A 29 -1.11 3.24 -18.49
C LEU A 29 -1.93 2.40 -17.51
N ARG A 30 -1.31 1.88 -16.44
CA ARG A 30 -1.94 1.07 -15.39
C ARG A 30 -3.10 1.80 -14.71
N LYS A 31 -3.07 3.14 -14.61
CA LYS A 31 -4.15 3.92 -13.97
C LYS A 31 -5.41 4.05 -14.81
N HIS A 32 -5.27 3.91 -16.13
CA HIS A 32 -6.38 3.90 -17.08
C HIS A 32 -7.10 2.53 -17.17
N THR A 33 -6.59 1.50 -16.50
CA THR A 33 -7.17 0.14 -16.46
C THR A 33 -7.58 -0.27 -15.04
N GLY A 34 -6.68 -0.04 -14.07
CA GLY A 34 -6.95 -0.14 -12.66
C GLY A 34 -5.68 0.09 -11.84
N GLU A 35 -5.59 1.23 -11.13
CA GLU A 35 -4.38 1.64 -10.41
C GLU A 35 -4.03 0.71 -9.23
N LYS A 36 -2.74 0.38 -9.08
CA LYS A 36 -2.25 -0.45 -7.98
C LYS A 36 -1.85 0.40 -6.77
N PHE A 37 -2.66 0.28 -5.73
CA PHE A 37 -2.46 0.87 -4.41
C PHE A 37 -1.63 -0.08 -3.56
N ALA A 38 -0.35 0.26 -3.33
CA ALA A 38 0.63 -0.58 -2.63
C ALA A 38 0.79 -0.21 -1.15
N CYS A 39 1.01 -1.21 -0.30
CA CYS A 39 1.34 -1.01 1.10
C CYS A 39 2.75 -0.40 1.26
N ASP A 40 2.85 0.53 2.22
CA ASP A 40 4.13 1.13 2.63
C ASP A 40 4.88 0.26 3.65
N TYR A 41 4.25 -0.84 4.11
CA TYR A 41 4.72 -1.68 5.22
C TYR A 41 4.98 -3.14 4.82
N CYS A 42 4.30 -3.64 3.78
CA CYS A 42 4.59 -4.94 3.15
C CYS A 42 4.48 -4.91 1.61
N SER A 43 4.67 -6.08 0.99
CA SER A 43 4.54 -6.29 -0.47
C SER A 43 3.08 -6.27 -0.98
N PHE A 44 2.10 -6.00 -0.12
CA PHE A 44 0.67 -5.98 -0.47
C PHE A 44 0.34 -4.93 -1.54
N THR A 45 -0.62 -5.29 -2.40
CA THR A 45 -1.23 -4.40 -3.39
C THR A 45 -2.72 -4.70 -3.57
N CYS A 46 -3.48 -3.66 -3.94
CA CYS A 46 -4.91 -3.74 -4.26
C CYS A 46 -5.30 -2.76 -5.37
N LEU A 47 -6.48 -2.93 -5.98
CA LEU A 47 -7.09 -1.99 -6.92
C LEU A 47 -8.04 -0.97 -6.25
N SER A 48 -8.01 -0.88 -4.91
CA SER A 48 -8.73 0.13 -4.10
C SER A 48 -7.83 0.78 -3.06
N LYS A 49 -7.78 2.12 -3.09
CA LYS A 49 -7.19 2.98 -2.07
C LYS A 49 -7.88 2.83 -0.71
N GLY A 50 -9.20 2.59 -0.71
CA GLY A 50 -9.99 2.35 0.49
C GLY A 50 -9.64 1.01 1.16
N HIS A 51 -9.47 -0.05 0.38
CA HIS A 51 -9.03 -1.35 0.93
C HIS A 51 -7.56 -1.30 1.38
N LEU A 52 -6.69 -0.55 0.69
CA LEU A 52 -5.32 -0.29 1.16
C LEU A 52 -5.31 0.39 2.55
N LYS A 53 -6.18 1.39 2.77
CA LYS A 53 -6.32 2.04 4.08
C LYS A 53 -6.73 1.02 5.15
N VAL A 54 -7.75 0.20 4.89
CA VAL A 54 -8.21 -0.83 5.83
C VAL A 54 -7.11 -1.87 6.09
N HIS A 55 -6.34 -2.27 5.08
CA HIS A 55 -5.20 -3.17 5.22
C HIS A 55 -4.15 -2.63 6.20
N ILE A 56 -3.79 -1.35 6.11
CA ILE A 56 -2.84 -0.74 7.04
C ILE A 56 -3.45 -0.59 8.44
N GLU A 57 -4.73 -0.19 8.54
CA GLU A 57 -5.47 -0.01 9.81
C GLU A 57 -5.71 -1.32 10.58
N ARG A 58 -5.61 -2.47 9.89
CA ARG A 58 -5.78 -3.82 10.47
C ARG A 58 -4.47 -4.57 10.67
N VAL A 59 -3.56 -4.52 9.69
CA VAL A 59 -2.31 -5.31 9.71
C VAL A 59 -1.16 -4.54 10.36
N HIS A 60 -0.99 -3.25 10.00
CA HIS A 60 0.14 -2.41 10.39
C HIS A 60 -0.22 -1.30 11.39
N LYS A 61 -1.31 -1.50 12.14
CA LYS A 61 -1.75 -0.65 13.25
C LYS A 61 -1.09 -1.10 14.57
N LYS A 62 -0.85 -0.16 15.49
CA LYS A 62 -0.02 -0.33 16.70
C LYS A 62 1.41 -0.81 16.38
N ILE A 63 2.04 -0.15 15.40
CA ILE A 63 3.39 -0.41 14.90
C ILE A 63 4.40 0.65 15.37
N LYS A 64 5.67 0.26 15.54
CA LYS A 64 6.75 1.18 15.95
C LYS A 64 7.08 2.20 14.86
N GLN A 65 7.20 3.46 15.25
CA GLN A 65 7.52 4.63 14.41
C GLN A 65 8.46 5.58 15.20
N HIS A 66 9.05 6.59 14.57
CA HIS A 66 9.78 7.65 15.28
C HIS A 66 9.56 9.07 14.71
N CYS A 67 9.71 10.08 15.57
CA CYS A 67 9.59 11.50 15.25
C CYS A 67 10.80 12.04 14.48
N ARG A 68 10.56 12.74 13.36
CA ARG A 68 11.62 13.37 12.56
C ARG A 68 12.17 14.66 13.15
N PHE A 69 11.52 15.21 14.19
CA PHE A 69 11.92 16.47 14.84
C PHE A 69 12.73 16.26 16.13
N CYS A 70 12.45 15.20 16.91
CA CYS A 70 13.11 14.91 18.20
C CYS A 70 13.61 13.46 18.38
N LYS A 71 13.49 12.61 17.35
CA LYS A 71 13.92 11.20 17.30
C LYS A 71 13.29 10.29 18.38
N LYS A 72 12.22 10.74 19.04
CA LYS A 72 11.44 9.96 20.01
C LYS A 72 10.69 8.82 19.31
N LYS A 73 10.68 7.63 19.91
CA LYS A 73 9.94 6.46 19.40
C LYS A 73 8.48 6.44 19.89
N TYR A 74 7.61 5.96 19.01
CA TYR A 74 6.14 5.90 19.17
C TYR A 74 5.61 4.52 18.79
N SER A 75 4.57 4.04 19.50
CA SER A 75 4.00 2.69 19.32
C SER A 75 2.78 2.64 18.40
N ASP A 76 2.37 3.78 17.83
CA ASP A 76 1.38 3.89 16.75
C ASP A 76 1.65 5.15 15.92
N VAL A 77 1.42 5.10 14.62
CA VAL A 77 1.58 6.28 13.75
C VAL A 77 0.62 7.40 14.12
N LYS A 78 -0.64 7.11 14.47
CA LYS A 78 -1.63 8.14 14.86
C LYS A 78 -1.23 8.84 16.15
N ASN A 79 -0.60 8.12 17.09
CA ASN A 79 -0.06 8.73 18.30
C ASN A 79 1.17 9.61 18.03
N LEU A 80 2.00 9.26 17.03
CA LEU A 80 3.07 10.12 16.55
C LEU A 80 2.53 11.44 15.95
N ILE A 81 1.42 11.40 15.20
CA ILE A 81 0.79 12.61 14.67
C ILE A 81 0.31 13.52 15.81
N LYS A 82 -0.34 12.93 16.83
CA LYS A 82 -0.81 13.67 18.01
C LYS A 82 0.35 14.36 18.75
N HIS A 83 1.49 13.69 18.89
CA HIS A 83 2.74 14.28 19.39
C HIS A 83 3.23 15.45 18.54
N ILE A 84 3.27 15.30 17.21
CA ILE A 84 3.66 16.38 16.30
C ILE A 84 2.70 17.58 16.42
N ARG A 85 1.39 17.34 16.47
CA ARG A 85 0.36 18.39 16.68
C ARG A 85 0.44 19.12 18.02
N ASP A 86 1.05 18.50 19.04
CA ASP A 86 1.22 19.08 20.39
C ASP A 86 2.59 19.75 20.61
N ALA A 87 3.68 19.11 20.18
CA ALA A 87 5.07 19.52 20.47
C ALA A 87 5.78 20.22 19.29
N HIS A 88 5.36 19.94 18.05
CA HIS A 88 5.96 20.43 16.80
C HIS A 88 4.90 21.05 15.86
N ASP A 89 3.87 21.67 16.44
CA ASP A 89 2.64 22.11 15.77
C ASP A 89 2.83 22.92 14.48
N PRO A 90 2.02 22.65 13.42
CA PRO A 90 1.96 23.45 12.20
C PRO A 90 1.07 24.70 12.37
N GLN A 91 1.16 25.63 11.41
CA GLN A 91 0.33 26.84 11.33
C GLN A 91 -0.37 26.89 9.96
N ASP A 92 -1.69 27.12 9.98
CA ASP A 92 -2.59 27.17 8.80
C ASP A 92 -3.71 28.22 8.95
ZN ZN B . -2.52 8.63 -19.61
ZN ZN C . 0.81 -4.26 4.38
ZN ZN D . 8.92 14.91 18.33
N GLY A 1 -2.41 -46.29 -11.66
CA GLY A 1 -2.14 -45.06 -12.45
C GLY A 1 -1.95 -43.85 -11.57
N SER A 2 -1.28 -42.81 -12.08
CA SER A 2 -0.99 -41.56 -11.36
C SER A 2 -2.25 -40.73 -11.05
N SER A 3 -2.24 -40.04 -9.90
CA SER A 3 -3.38 -39.23 -9.40
C SER A 3 -3.40 -37.79 -9.91
N GLY A 4 -2.28 -37.26 -10.40
CA GLY A 4 -2.16 -35.90 -10.96
C GLY A 4 -2.79 -35.74 -12.35
N SER A 5 -3.33 -34.55 -12.64
CA SER A 5 -3.98 -34.18 -13.90
C SER A 5 -3.70 -32.72 -14.30
N SER A 6 -3.70 -32.43 -15.60
CA SER A 6 -3.40 -31.11 -16.20
C SER A 6 -1.99 -30.56 -15.90
N GLY A 7 -1.66 -29.42 -16.52
CA GLY A 7 -0.39 -28.70 -16.38
C GLY A 7 -0.52 -27.16 -16.38
N LYS A 8 -1.75 -26.61 -16.36
CA LYS A 8 -2.06 -25.16 -16.40
C LYS A 8 -1.30 -24.42 -17.53
N PRO A 9 -1.55 -24.76 -18.81
CA PRO A 9 -0.82 -24.25 -19.97
C PRO A 9 -0.88 -22.74 -20.17
N TYR A 10 -1.96 -22.09 -19.73
CA TYR A 10 -2.17 -20.65 -19.89
C TYR A 10 -1.53 -19.87 -18.74
N LYS A 11 -0.36 -19.24 -18.97
CA LYS A 11 0.41 -18.46 -17.99
C LYS A 11 0.20 -16.95 -18.15
N CYS A 12 0.30 -16.21 -17.04
CA CYS A 12 0.31 -14.76 -17.03
C CYS A 12 1.68 -14.22 -17.51
N PRO A 13 1.71 -13.17 -18.35
CA PRO A 13 2.93 -12.50 -18.79
C PRO A 13 3.48 -11.54 -17.72
N GLN A 14 2.71 -11.24 -16.65
CA GLN A 14 3.05 -10.24 -15.64
C GLN A 14 3.37 -10.83 -14.25
N CYS A 15 2.81 -12.00 -13.91
CA CYS A 15 3.10 -12.68 -12.63
C CYS A 15 3.19 -14.22 -12.77
N SER A 16 3.37 -14.91 -11.65
CA SER A 16 3.52 -16.37 -11.56
C SER A 16 2.21 -17.17 -11.78
N TYR A 17 1.09 -16.48 -12.02
CA TYR A 17 -0.22 -17.09 -12.26
C TYR A 17 -0.26 -18.02 -13.49
N ALA A 18 -1.05 -19.08 -13.38
CA ALA A 18 -1.40 -19.98 -14.48
C ALA A 18 -2.80 -20.62 -14.30
N SER A 19 -3.43 -21.03 -15.39
CA SER A 19 -4.69 -21.78 -15.40
C SER A 19 -4.79 -22.79 -16.56
N ALA A 20 -5.74 -23.71 -16.47
CA ALA A 20 -6.09 -24.67 -17.51
C ALA A 20 -7.06 -24.12 -18.60
N ILE A 21 -7.54 -22.88 -18.43
CA ILE A 21 -8.60 -22.27 -19.26
C ILE A 21 -8.15 -20.87 -19.73
N LYS A 22 -8.33 -20.53 -21.02
CA LYS A 22 -7.98 -19.19 -21.54
C LYS A 22 -8.86 -18.08 -20.96
N ALA A 23 -10.15 -18.32 -20.76
CA ALA A 23 -11.06 -17.37 -20.12
C ALA A 23 -10.60 -16.95 -18.71
N ASN A 24 -10.00 -17.88 -17.95
CA ASN A 24 -9.40 -17.58 -16.65
C ASN A 24 -8.14 -16.70 -16.77
N LEU A 25 -7.30 -16.93 -17.79
CA LEU A 25 -6.19 -16.01 -18.08
C LEU A 25 -6.69 -14.62 -18.52
N ASN A 26 -7.68 -14.55 -19.42
CA ASN A 26 -8.27 -13.27 -19.85
C ASN A 26 -8.79 -12.46 -18.65
N VAL A 27 -9.49 -13.12 -17.72
CA VAL A 27 -10.10 -12.46 -16.56
C VAL A 27 -9.06 -12.00 -15.54
N HIS A 28 -8.01 -12.80 -15.38
CA HIS A 28 -6.92 -12.53 -14.47
C HIS A 28 -6.14 -11.26 -14.84
N LEU A 29 -5.89 -11.02 -16.13
CA LEU A 29 -5.12 -9.87 -16.61
C LEU A 29 -5.74 -8.53 -16.19
N ARG A 30 -7.05 -8.48 -15.96
CA ARG A 30 -7.81 -7.27 -15.57
C ARG A 30 -7.29 -6.63 -14.27
N LYS A 31 -6.65 -7.40 -13.38
CA LYS A 31 -6.04 -6.89 -12.14
C LYS A 31 -4.70 -6.18 -12.34
N HIS A 32 -4.04 -6.45 -13.46
CA HIS A 32 -2.81 -5.78 -13.90
C HIS A 32 -3.07 -4.51 -14.72
N THR A 33 -4.24 -4.38 -15.36
CA THR A 33 -4.63 -3.17 -16.12
C THR A 33 -5.17 -2.06 -15.23
N GLY A 34 -5.88 -2.45 -14.16
CA GLY A 34 -6.43 -1.55 -13.14
C GLY A 34 -5.36 -0.92 -12.23
N GLU A 35 -5.72 0.15 -11.52
CA GLU A 35 -4.77 0.94 -10.72
C GLU A 35 -4.37 0.22 -9.42
N LYS A 36 -3.05 0.03 -9.25
CA LYS A 36 -2.44 -0.74 -8.17
C LYS A 36 -1.85 0.18 -7.10
N PHE A 37 -2.55 0.21 -5.97
CA PHE A 37 -2.11 0.88 -4.74
C PHE A 37 -1.34 -0.12 -3.86
N ALA A 38 -0.06 0.16 -3.60
CA ALA A 38 0.83 -0.67 -2.77
C ALA A 38 0.85 -0.26 -1.28
N CYS A 39 1.02 -1.23 -0.38
CA CYS A 39 1.25 -0.99 1.04
C CYS A 39 2.62 -0.34 1.29
N ASP A 40 2.65 0.55 2.28
CA ASP A 40 3.88 1.22 2.75
C ASP A 40 4.65 0.35 3.76
N TYR A 41 4.07 -0.78 4.19
CA TYR A 41 4.60 -1.64 5.25
C TYR A 41 4.94 -3.06 4.78
N CYS A 42 4.26 -3.56 3.74
CA CYS A 42 4.56 -4.85 3.10
C CYS A 42 4.46 -4.80 1.56
N SER A 43 4.72 -5.96 0.93
CA SER A 43 4.62 -6.16 -0.53
C SER A 43 3.17 -6.24 -1.05
N PHE A 44 2.16 -6.01 -0.20
CA PHE A 44 0.74 -6.02 -0.58
C PHE A 44 0.41 -4.97 -1.64
N THR A 45 -0.54 -5.32 -2.50
CA THR A 45 -1.17 -4.41 -3.46
C THR A 45 -2.67 -4.64 -3.57
N CYS A 46 -3.39 -3.57 -3.93
CA CYS A 46 -4.84 -3.54 -4.02
C CYS A 46 -5.32 -2.75 -5.23
N LEU A 47 -6.52 -3.08 -5.73
CA LEU A 47 -7.25 -2.35 -6.77
C LEU A 47 -8.13 -1.22 -6.20
N SER A 48 -8.15 -1.04 -4.88
CA SER A 48 -8.83 0.03 -4.16
C SER A 48 -7.91 0.71 -3.15
N LYS A 49 -7.77 2.03 -3.31
CA LYS A 49 -7.08 2.93 -2.36
C LYS A 49 -7.74 2.92 -0.98
N GLY A 50 -9.05 2.72 -0.94
CA GLY A 50 -9.84 2.73 0.29
C GLY A 50 -9.70 1.43 1.09
N HIS A 51 -9.61 0.27 0.43
CA HIS A 51 -9.32 -1.00 1.11
C HIS A 51 -7.85 -1.06 1.55
N LEU A 52 -6.91 -0.46 0.80
CA LEU A 52 -5.51 -0.34 1.19
C LEU A 52 -5.33 0.38 2.55
N LYS A 53 -6.14 1.39 2.83
CA LYS A 53 -6.18 2.03 4.16
C LYS A 53 -6.58 1.01 5.22
N VAL A 54 -7.65 0.24 5.02
CA VAL A 54 -8.12 -0.78 5.97
C VAL A 54 -7.06 -1.85 6.23
N HIS A 55 -6.36 -2.32 5.20
CA HIS A 55 -5.23 -3.24 5.31
C HIS A 55 -4.15 -2.71 6.28
N ILE A 56 -3.82 -1.42 6.21
CA ILE A 56 -2.89 -0.80 7.16
C ILE A 56 -3.52 -0.65 8.55
N GLU A 57 -4.80 -0.27 8.64
CA GLU A 57 -5.55 -0.14 9.90
C GLU A 57 -5.71 -1.45 10.69
N ARG A 58 -5.57 -2.60 9.99
CA ARG A 58 -5.75 -3.95 10.58
C ARG A 58 -4.44 -4.73 10.73
N VAL A 59 -3.54 -4.62 9.75
CA VAL A 59 -2.29 -5.40 9.75
C VAL A 59 -1.13 -4.63 10.39
N HIS A 60 -1.00 -3.33 10.08
CA HIS A 60 0.17 -2.50 10.43
C HIS A 60 -0.12 -1.33 11.40
N LYS A 61 -1.24 -1.40 12.12
CA LYS A 61 -1.70 -0.35 13.05
C LYS A 61 -1.07 -0.51 14.43
N LYS A 62 -0.61 0.60 15.01
CA LYS A 62 0.19 0.69 16.25
C LYS A 62 1.38 -0.27 16.28
N ILE A 63 2.10 -0.32 15.15
CA ILE A 63 3.30 -1.15 14.91
C ILE A 63 4.60 -0.41 15.29
N LYS A 64 5.66 -1.17 15.58
CA LYS A 64 7.05 -0.70 15.71
C LYS A 64 7.97 -1.58 14.87
N GLN A 65 9.00 -0.98 14.28
CA GLN A 65 9.96 -1.67 13.42
C GLN A 65 11.16 -2.18 14.24
N HIS A 66 11.96 -3.11 13.68
CA HIS A 66 13.24 -3.50 14.28
C HIS A 66 14.35 -3.73 13.23
N CYS A 67 15.58 -3.46 13.64
CA CYS A 67 16.81 -3.78 12.92
C CYS A 67 17.13 -5.27 13.10
N ARG A 68 17.31 -6.01 12.00
CA ARG A 68 17.69 -7.43 12.06
C ARG A 68 19.18 -7.65 12.41
N PHE A 69 20.01 -6.62 12.24
CA PHE A 69 21.46 -6.72 12.43
C PHE A 69 21.91 -6.52 13.89
N CYS A 70 21.22 -5.67 14.65
CA CYS A 70 21.50 -5.36 16.06
C CYS A 70 20.29 -5.46 17.02
N LYS A 71 19.13 -5.90 16.51
CA LYS A 71 17.86 -6.13 17.25
C LYS A 71 17.27 -4.88 17.93
N LYS A 72 17.73 -3.69 17.57
CA LYS A 72 17.24 -2.38 18.03
C LYS A 72 15.84 -2.09 17.49
N LYS A 73 14.96 -1.49 18.31
CA LYS A 73 13.58 -1.13 17.93
C LYS A 73 13.48 0.32 17.47
N TYR A 74 12.60 0.57 16.50
CA TYR A 74 12.46 1.83 15.78
C TYR A 74 11.00 2.27 15.66
N SER A 75 10.73 3.54 16.02
CA SER A 75 9.40 4.17 15.99
C SER A 75 8.98 4.69 14.60
N ASP A 76 9.92 4.79 13.66
CA ASP A 76 9.69 5.11 12.25
C ASP A 76 10.54 4.21 11.35
N VAL A 77 9.94 3.66 10.29
CA VAL A 77 10.70 2.90 9.28
C VAL A 77 11.76 3.77 8.60
N LYS A 78 11.51 5.07 8.37
CA LYS A 78 12.48 5.98 7.74
C LYS A 78 13.75 6.13 8.59
N ASN A 79 13.62 6.16 9.92
CA ASN A 79 14.77 6.19 10.82
C ASN A 79 15.52 4.84 10.87
N LEU A 80 14.82 3.71 10.70
CA LEU A 80 15.46 2.40 10.53
C LEU A 80 16.35 2.35 9.28
N ILE A 81 15.90 2.91 8.15
CA ILE A 81 16.71 2.97 6.92
C ILE A 81 17.98 3.80 7.15
N LYS A 82 17.83 4.98 7.74
CA LYS A 82 18.95 5.88 8.06
C LYS A 82 19.98 5.21 9.00
N HIS A 83 19.51 4.46 9.99
CA HIS A 83 20.35 3.63 10.86
C HIS A 83 21.10 2.54 10.09
N ILE A 84 20.43 1.80 9.20
CA ILE A 84 21.06 0.76 8.37
C ILE A 84 22.12 1.39 7.45
N ARG A 85 21.83 2.54 6.83
CA ARG A 85 22.77 3.30 5.99
C ARG A 85 24.01 3.83 6.73
N ASP A 86 23.92 4.02 8.05
CA ASP A 86 25.01 4.55 8.89
C ASP A 86 25.81 3.43 9.60
N ALA A 87 25.12 2.45 10.19
CA ALA A 87 25.71 1.40 11.05
C ALA A 87 25.94 0.06 10.33
N HIS A 88 25.17 -0.23 9.27
CA HIS A 88 25.12 -1.54 8.59
C HIS A 88 25.21 -1.42 7.06
N ASP A 89 25.91 -0.40 6.55
CA ASP A 89 25.92 -0.02 5.13
C ASP A 89 26.24 -1.20 4.16
N PRO A 90 25.46 -1.37 3.07
CA PRO A 90 25.63 -2.47 2.13
C PRO A 90 26.84 -2.27 1.21
N GLN A 91 27.61 -3.34 0.98
CA GLN A 91 28.79 -3.37 0.11
C GLN A 91 28.81 -4.67 -0.70
N ASP A 92 28.88 -4.57 -2.03
CA ASP A 92 28.94 -5.69 -2.99
C ASP A 92 30.35 -6.33 -3.09
ZN ZN B . -0.89 -12.04 -13.43
ZN ZN C . 0.73 -4.27 4.32
ZN ZN D . 21.03 -2.01 13.56
N GLY A 1 7.57 -29.54 -14.29
CA GLY A 1 8.29 -30.59 -15.04
C GLY A 1 7.73 -30.76 -16.45
N SER A 2 8.56 -31.25 -17.38
CA SER A 2 8.25 -31.33 -18.83
C SER A 2 7.11 -32.28 -19.21
N SER A 3 6.67 -33.15 -18.29
CA SER A 3 5.48 -34.00 -18.42
C SER A 3 4.14 -33.26 -18.29
N GLY A 4 4.16 -32.01 -17.79
CA GLY A 4 2.99 -31.13 -17.65
C GLY A 4 3.16 -29.77 -18.33
N SER A 5 2.21 -28.85 -18.05
CA SER A 5 2.11 -27.49 -18.62
C SER A 5 1.95 -27.42 -20.16
N SER A 6 1.73 -26.21 -20.69
CA SER A 6 1.59 -25.91 -22.12
C SER A 6 2.14 -24.52 -22.46
N GLY A 7 2.42 -24.27 -23.75
CA GLY A 7 2.93 -22.98 -24.25
C GLY A 7 1.92 -21.83 -24.12
N LYS A 8 2.43 -20.61 -23.89
CA LYS A 8 1.71 -19.38 -23.56
C LYS A 8 1.83 -18.30 -24.66
N PRO A 9 1.11 -18.44 -25.80
CA PRO A 9 1.17 -17.51 -26.93
C PRO A 9 0.46 -16.18 -26.70
N TYR A 10 -0.60 -16.15 -25.89
CA TYR A 10 -1.43 -14.96 -25.70
C TYR A 10 -0.79 -14.00 -24.69
N LYS A 11 -0.20 -12.90 -25.18
CA LYS A 11 0.57 -11.93 -24.39
C LYS A 11 -0.29 -10.75 -23.91
N CYS A 12 0.05 -10.17 -22.75
CA CYS A 12 -0.53 -8.93 -22.26
C CYS A 12 0.11 -7.74 -23.02
N PRO A 13 -0.68 -6.78 -23.52
CA PRO A 13 -0.19 -5.55 -24.13
C PRO A 13 0.26 -4.52 -23.07
N GLN A 14 0.03 -4.81 -21.77
CA GLN A 14 0.21 -3.86 -20.66
C GLN A 14 1.32 -4.26 -19.68
N CYS A 15 1.61 -5.56 -19.55
CA CYS A 15 2.74 -6.07 -18.74
C CYS A 15 3.42 -7.32 -19.36
N SER A 16 4.37 -7.91 -18.63
CA SER A 16 5.17 -9.08 -19.06
C SER A 16 4.40 -10.41 -19.08
N TYR A 17 3.10 -10.41 -18.71
CA TYR A 17 2.25 -11.60 -18.64
C TYR A 17 2.06 -12.31 -20.01
N ALA A 18 1.95 -13.64 -19.95
CA ALA A 18 1.61 -14.50 -21.07
C ALA A 18 0.76 -15.69 -20.61
N SER A 19 -0.12 -16.19 -21.49
CA SER A 19 -1.10 -17.25 -21.18
C SER A 19 -1.33 -18.22 -22.34
N ALA A 20 -1.52 -19.50 -22.03
CA ALA A 20 -1.93 -20.56 -22.96
C ALA A 20 -3.37 -20.45 -23.54
N ILE A 21 -4.22 -19.60 -22.96
CA ILE A 21 -5.66 -19.54 -23.23
C ILE A 21 -6.11 -18.07 -23.35
N LYS A 22 -6.87 -17.71 -24.41
CA LYS A 22 -7.35 -16.32 -24.57
C LYS A 22 -8.28 -15.87 -23.45
N ALA A 23 -9.12 -16.75 -22.91
CA ALA A 23 -9.94 -16.45 -21.72
C ALA A 23 -9.09 -16.05 -20.50
N ASN A 24 -7.91 -16.64 -20.33
CA ASN A 24 -6.96 -16.28 -19.27
C ASN A 24 -6.24 -14.95 -19.54
N LEU A 25 -6.13 -14.52 -20.80
CA LEU A 25 -5.70 -13.16 -21.15
C LEU A 25 -6.83 -12.14 -20.92
N ASN A 26 -8.07 -12.43 -21.36
CA ASN A 26 -9.23 -11.57 -21.16
C ASN A 26 -9.43 -11.23 -19.67
N VAL A 27 -9.32 -12.25 -18.81
CA VAL A 27 -9.51 -12.11 -17.36
C VAL A 27 -8.40 -11.30 -16.69
N HIS A 28 -7.19 -11.46 -17.19
CA HIS A 28 -5.98 -10.80 -16.70
C HIS A 28 -6.01 -9.28 -16.91
N LEU A 29 -6.50 -8.81 -18.07
CA LEU A 29 -6.60 -7.37 -18.40
C LEU A 29 -7.46 -6.57 -17.41
N ARG A 30 -8.37 -7.24 -16.69
CA ARG A 30 -9.32 -6.63 -15.75
C ARG A 30 -8.65 -5.90 -14.57
N LYS A 31 -7.40 -6.26 -14.25
CA LYS A 31 -6.59 -5.59 -13.19
C LYS A 31 -5.95 -4.27 -13.64
N HIS A 32 -5.75 -4.09 -14.94
CA HIS A 32 -5.06 -2.95 -15.53
C HIS A 32 -5.97 -1.74 -15.83
N THR A 33 -7.29 -1.88 -15.70
CA THR A 33 -8.26 -0.78 -15.90
C THR A 33 -8.23 0.25 -14.77
N GLY A 34 -8.01 -0.23 -13.54
CA GLY A 34 -7.93 0.56 -12.32
C GLY A 34 -6.48 0.96 -11.96
N GLU A 35 -6.23 1.19 -10.66
CA GLU A 35 -4.93 1.54 -10.11
C GLU A 35 -4.51 0.63 -8.95
N LYS A 36 -3.20 0.35 -8.89
CA LYS A 36 -2.58 -0.49 -7.87
C LYS A 36 -2.03 0.34 -6.72
N PHE A 37 -2.72 0.24 -5.59
CA PHE A 37 -2.40 0.89 -4.34
C PHE A 37 -1.59 -0.07 -3.46
N ALA A 38 -0.30 0.23 -3.28
CA ALA A 38 0.67 -0.61 -2.58
C ALA A 38 0.84 -0.24 -1.11
N CYS A 39 1.07 -1.23 -0.24
CA CYS A 39 1.42 -1.03 1.15
C CYS A 39 2.81 -0.42 1.32
N ASP A 40 2.93 0.50 2.28
CA ASP A 40 4.21 1.09 2.67
C ASP A 40 4.97 0.21 3.70
N TYR A 41 4.34 -0.89 4.15
CA TYR A 41 4.81 -1.72 5.26
C TYR A 41 5.07 -3.18 4.85
N CYS A 42 4.40 -3.68 3.80
CA CYS A 42 4.69 -4.96 3.16
C CYS A 42 4.60 -4.90 1.62
N SER A 43 4.77 -6.06 0.95
CA SER A 43 4.65 -6.22 -0.50
C SER A 43 3.20 -6.24 -1.04
N PHE A 44 2.21 -6.00 -0.17
CA PHE A 44 0.78 -6.01 -0.52
C PHE A 44 0.41 -4.95 -1.55
N THR A 45 -0.58 -5.28 -2.38
CA THR A 45 -1.24 -4.36 -3.31
C THR A 45 -2.74 -4.62 -3.40
N CYS A 46 -3.49 -3.58 -3.79
CA CYS A 46 -4.94 -3.65 -3.98
C CYS A 46 -5.42 -2.74 -5.13
N LEU A 47 -6.59 -3.05 -5.69
CA LEU A 47 -7.23 -2.31 -6.78
C LEU A 47 -8.09 -1.11 -6.31
N SER A 48 -8.23 -0.92 -4.99
CA SER A 48 -9.00 0.17 -4.36
C SER A 48 -8.22 0.84 -3.23
N LYS A 49 -8.21 2.18 -3.19
CA LYS A 49 -7.44 2.98 -2.23
C LYS A 49 -7.97 2.89 -0.80
N GLY A 50 -9.29 2.77 -0.64
CA GLY A 50 -9.95 2.53 0.65
C GLY A 50 -9.62 1.16 1.24
N HIS A 51 -9.42 0.13 0.40
CA HIS A 51 -9.01 -1.20 0.86
C HIS A 51 -7.52 -1.23 1.27
N LEU A 52 -6.66 -0.43 0.62
CA LEU A 52 -5.27 -0.23 1.10
C LEU A 52 -5.27 0.41 2.50
N LYS A 53 -6.11 1.44 2.74
CA LYS A 53 -6.28 2.02 4.07
C LYS A 53 -6.69 0.95 5.09
N VAL A 54 -7.72 0.15 4.80
CA VAL A 54 -8.17 -0.91 5.71
C VAL A 54 -7.06 -1.94 5.99
N HIS A 55 -6.28 -2.31 4.98
CA HIS A 55 -5.13 -3.21 5.14
C HIS A 55 -4.11 -2.67 6.16
N ILE A 56 -3.74 -1.39 6.07
CA ILE A 56 -2.81 -0.78 7.03
C ILE A 56 -3.46 -0.62 8.41
N GLU A 57 -4.73 -0.22 8.46
CA GLU A 57 -5.51 -0.01 9.69
C GLU A 57 -5.86 -1.30 10.45
N ARG A 58 -5.64 -2.46 9.83
CA ARG A 58 -5.81 -3.79 10.45
C ARG A 58 -4.50 -4.56 10.66
N VAL A 59 -3.59 -4.51 9.68
CA VAL A 59 -2.36 -5.32 9.71
C VAL A 59 -1.21 -4.56 10.39
N HIS A 60 -1.01 -3.29 10.01
CA HIS A 60 0.13 -2.46 10.43
C HIS A 60 -0.25 -1.33 11.43
N LYS A 61 -1.40 -1.47 12.09
CA LYS A 61 -1.97 -0.48 13.02
C LYS A 61 -1.09 -0.31 14.27
N LYS A 62 -0.60 0.91 14.49
CA LYS A 62 0.38 1.29 15.53
C LYS A 62 1.60 0.36 15.56
N ILE A 63 2.24 0.17 14.42
CA ILE A 63 3.50 -0.58 14.28
C ILE A 63 4.65 0.10 15.07
N LYS A 64 5.55 -0.70 15.65
CA LYS A 64 6.73 -0.23 16.38
C LYS A 64 7.79 0.36 15.45
N GLN A 65 8.62 1.27 15.98
CA GLN A 65 9.64 2.03 15.25
C GLN A 65 11.00 1.99 15.95
N HIS A 66 12.06 2.54 15.33
CA HIS A 66 13.39 2.68 15.95
C HIS A 66 13.98 4.09 15.79
N CYS A 67 14.71 4.52 16.81
CA CYS A 67 15.57 5.71 16.80
C CYS A 67 16.85 5.39 16.02
N ARG A 68 17.16 6.18 14.99
CA ARG A 68 18.41 6.05 14.22
C ARG A 68 19.63 6.64 14.94
N PHE A 69 19.42 7.44 15.98
CA PHE A 69 20.47 8.12 16.73
C PHE A 69 21.02 7.29 17.90
N CYS A 70 20.17 6.52 18.59
CA CYS A 70 20.53 5.67 19.74
C CYS A 70 20.05 4.20 19.68
N LYS A 71 19.54 3.77 18.51
CA LYS A 71 19.15 2.38 18.16
C LYS A 71 18.07 1.76 19.06
N LYS A 72 17.41 2.59 19.87
CA LYS A 72 16.29 2.25 20.76
C LYS A 72 15.00 2.00 19.97
N LYS A 73 14.20 1.02 20.39
CA LYS A 73 12.88 0.71 19.79
C LYS A 73 11.73 1.36 20.57
N TYR A 74 10.73 1.83 19.84
CA TYR A 74 9.63 2.67 20.32
C TYR A 74 8.24 2.10 20.01
N SER A 75 7.32 2.26 20.95
CA SER A 75 5.97 1.67 20.97
C SER A 75 4.96 2.34 20.03
N ASP A 76 5.23 3.58 19.62
CA ASP A 76 4.44 4.40 18.70
C ASP A 76 5.40 5.36 17.99
N VAL A 77 5.18 5.66 16.71
CA VAL A 77 5.94 6.71 16.02
C VAL A 77 5.82 8.06 16.73
N LYS A 78 4.66 8.40 17.30
CA LYS A 78 4.45 9.65 18.05
C LYS A 78 5.33 9.75 19.30
N ASN A 79 5.58 8.61 19.96
CA ASN A 79 6.48 8.53 21.12
C ASN A 79 7.95 8.65 20.70
N LEU A 80 8.32 8.13 19.52
CA LEU A 80 9.66 8.31 18.93
C LEU A 80 9.96 9.79 18.65
N ILE A 81 8.99 10.56 18.15
CA ILE A 81 9.18 12.01 17.90
C ILE A 81 9.48 12.74 19.21
N LYS A 82 8.71 12.45 20.26
CA LYS A 82 8.91 13.05 21.59
C LYS A 82 10.28 12.70 22.18
N HIS A 83 10.74 11.45 22.03
CA HIS A 83 12.10 11.02 22.36
C HIS A 83 13.17 11.81 21.60
N ILE A 84 13.01 12.02 20.30
CA ILE A 84 13.94 12.82 19.49
C ILE A 84 13.96 14.28 19.96
N ARG A 85 12.79 14.87 20.23
CA ARG A 85 12.65 16.24 20.76
C ARG A 85 13.21 16.44 22.18
N ASP A 86 13.34 15.37 22.95
CA ASP A 86 13.86 15.41 24.33
C ASP A 86 15.35 15.04 24.44
N ALA A 87 15.82 14.04 23.68
CA ALA A 87 17.16 13.46 23.78
C ALA A 87 18.11 13.83 22.61
N HIS A 88 17.56 14.15 21.42
CA HIS A 88 18.30 14.39 20.18
C HIS A 88 17.96 15.75 19.52
N ASP A 89 17.51 16.73 20.32
CA ASP A 89 17.03 18.04 19.88
C ASP A 89 18.03 18.82 19.00
N PRO A 90 17.57 19.47 17.92
CA PRO A 90 18.43 20.16 16.96
C PRO A 90 19.02 21.47 17.50
N GLN A 91 20.18 21.85 16.98
CA GLN A 91 20.93 23.06 17.32
C GLN A 91 20.85 24.09 16.18
N ASP A 92 20.39 25.30 16.51
CA ASP A 92 20.41 26.49 15.64
C ASP A 92 21.82 27.06 15.43
ZN ZN B . -0.95 -7.61 -17.83
ZN ZN C . 0.90 -4.29 4.42
ZN ZN D . 17.27 8.02 20.43
N GLY A 1 -29.24 30.09 -14.61
CA GLY A 1 -28.01 29.34 -14.24
C GLY A 1 -28.14 28.70 -12.86
N SER A 2 -27.02 28.56 -12.16
CA SER A 2 -26.95 28.02 -10.78
C SER A 2 -27.40 29.02 -9.70
N SER A 3 -27.64 28.53 -8.48
CA SER A 3 -28.05 29.32 -7.31
C SER A 3 -27.41 28.82 -6.01
N GLY A 4 -27.14 29.71 -5.07
CA GLY A 4 -26.60 29.40 -3.74
C GLY A 4 -27.54 28.55 -2.86
N SER A 5 -28.83 28.50 -3.19
CA SER A 5 -29.82 27.61 -2.55
C SER A 5 -29.58 26.12 -2.84
N SER A 6 -28.85 25.80 -3.92
CA SER A 6 -28.46 24.44 -4.34
C SER A 6 -27.06 24.07 -3.83
N GLY A 7 -26.78 24.36 -2.55
CA GLY A 7 -25.46 24.21 -1.92
C GLY A 7 -24.99 22.76 -1.77
N LYS A 8 -23.69 22.54 -1.98
CA LYS A 8 -22.98 21.26 -2.12
C LYS A 8 -21.92 21.09 -1.01
N PRO A 9 -22.32 20.77 0.24
CA PRO A 9 -21.39 20.63 1.37
C PRO A 9 -20.48 19.41 1.27
N TYR A 10 -20.91 18.35 0.59
CA TYR A 10 -20.22 17.07 0.57
C TYR A 10 -19.14 17.03 -0.52
N LYS A 11 -17.92 17.39 -0.13
CA LYS A 11 -16.70 17.48 -0.97
C LYS A 11 -15.95 16.16 -1.06
N CYS A 12 -15.28 15.93 -2.20
CA CYS A 12 -14.34 14.85 -2.41
C CYS A 12 -12.98 15.19 -1.75
N PRO A 13 -12.34 14.23 -1.04
CA PRO A 13 -11.00 14.39 -0.49
C PRO A 13 -9.91 14.19 -1.56
N GLN A 14 -10.27 13.73 -2.77
CA GLN A 14 -9.33 13.35 -3.83
C GLN A 14 -9.32 14.32 -5.02
N CYS A 15 -10.44 14.98 -5.31
CA CYS A 15 -10.56 15.98 -6.39
C CYS A 15 -11.46 17.19 -6.02
N SER A 16 -11.68 18.09 -6.97
CA SER A 16 -12.48 19.32 -6.81
C SER A 16 -14.00 19.11 -6.73
N TYR A 17 -14.46 17.85 -6.82
CA TYR A 17 -15.89 17.48 -6.77
C TYR A 17 -16.58 17.85 -5.45
N ALA A 18 -17.86 18.21 -5.57
CA ALA A 18 -18.78 18.40 -4.45
C ALA A 18 -20.24 18.07 -4.85
N SER A 19 -21.07 17.66 -3.88
CA SER A 19 -22.52 17.46 -4.10
C SER A 19 -23.38 17.85 -2.90
N ALA A 20 -24.61 18.30 -3.17
CA ALA A 20 -25.69 18.50 -2.21
C ALA A 20 -26.25 17.20 -1.57
N ILE A 21 -25.89 16.02 -2.09
CA ILE A 21 -26.36 14.71 -1.60
C ILE A 21 -25.15 13.87 -1.14
N LYS A 22 -25.19 13.31 0.07
CA LYS A 22 -24.06 12.53 0.62
C LYS A 22 -23.91 11.17 -0.06
N ALA A 23 -25.01 10.56 -0.52
CA ALA A 23 -24.97 9.37 -1.38
C ALA A 23 -24.25 9.64 -2.72
N ASN A 24 -24.38 10.85 -3.28
CA ASN A 24 -23.66 11.28 -4.47
C ASN A 24 -22.15 11.51 -4.21
N LEU A 25 -21.73 11.68 -2.95
CA LEU A 25 -20.31 11.63 -2.58
C LEU A 25 -19.82 10.18 -2.44
N ASN A 26 -20.61 9.29 -1.84
CA ASN A 26 -20.22 7.88 -1.64
C ASN A 26 -20.07 7.12 -2.96
N VAL A 27 -20.95 7.39 -3.93
CA VAL A 27 -20.85 6.84 -5.30
C VAL A 27 -19.63 7.35 -6.06
N HIS A 28 -19.22 8.58 -5.76
CA HIS A 28 -18.16 9.29 -6.49
C HIS A 28 -16.76 8.77 -6.13
N LEU A 29 -16.55 8.39 -4.87
CA LEU A 29 -15.29 7.81 -4.38
C LEU A 29 -14.97 6.47 -5.05
N ARG A 30 -15.97 5.77 -5.61
CA ARG A 30 -15.81 4.54 -6.39
C ARG A 30 -14.97 4.75 -7.65
N LYS A 31 -15.10 5.92 -8.30
CA LYS A 31 -14.39 6.29 -9.55
C LYS A 31 -12.88 6.46 -9.34
N HIS A 32 -12.49 6.80 -8.10
CA HIS A 32 -11.10 6.88 -7.65
C HIS A 32 -10.43 5.50 -7.36
N THR A 33 -11.14 4.38 -7.56
CA THR A 33 -10.57 3.00 -7.54
C THR A 33 -10.18 2.51 -8.95
N GLY A 34 -9.62 1.30 -9.05
CA GLY A 34 -9.22 0.68 -10.31
C GLY A 34 -7.76 0.93 -10.72
N GLU A 35 -6.89 1.22 -9.75
CA GLU A 35 -5.46 1.47 -9.92
C GLU A 35 -4.66 0.75 -8.83
N LYS A 36 -3.45 0.26 -9.13
CA LYS A 36 -2.63 -0.46 -8.15
C LYS A 36 -1.99 0.47 -7.13
N PHE A 37 -2.47 0.36 -5.90
CA PHE A 37 -1.89 0.96 -4.71
C PHE A 37 -1.15 -0.13 -3.90
N ALA A 38 0.14 0.09 -3.64
CA ALA A 38 0.98 -0.76 -2.80
C ALA A 38 1.00 -0.33 -1.33
N CYS A 39 1.13 -1.30 -0.41
CA CYS A 39 1.35 -1.04 1.01
C CYS A 39 2.72 -0.40 1.26
N ASP A 40 2.75 0.52 2.24
CA ASP A 40 3.97 1.18 2.69
C ASP A 40 4.75 0.31 3.71
N TYR A 41 4.19 -0.83 4.12
CA TYR A 41 4.70 -1.67 5.21
C TYR A 41 5.02 -3.11 4.77
N CYS A 42 4.35 -3.62 3.74
CA CYS A 42 4.64 -4.92 3.12
C CYS A 42 4.53 -4.90 1.57
N SER A 43 4.77 -6.05 0.94
CA SER A 43 4.66 -6.26 -0.52
C SER A 43 3.21 -6.31 -1.04
N PHE A 44 2.21 -6.07 -0.18
CA PHE A 44 0.79 -6.08 -0.54
C PHE A 44 0.43 -5.02 -1.59
N THR A 45 -0.56 -5.35 -2.42
CA THR A 45 -1.16 -4.44 -3.40
C THR A 45 -2.67 -4.64 -3.52
N CYS A 46 -3.38 -3.57 -3.90
CA CYS A 46 -4.84 -3.56 -4.08
C CYS A 46 -5.28 -2.58 -5.17
N LEU A 47 -6.46 -2.81 -5.75
CA LEU A 47 -7.10 -1.92 -6.73
C LEU A 47 -8.00 -0.84 -6.09
N SER A 48 -8.22 -0.89 -4.78
CA SER A 48 -8.98 0.12 -4.02
C SER A 48 -8.10 0.78 -2.96
N LYS A 49 -8.09 2.13 -2.98
CA LYS A 49 -7.37 2.96 -2.02
C LYS A 49 -7.98 2.86 -0.61
N GLY A 50 -9.30 2.68 -0.53
CA GLY A 50 -10.03 2.42 0.71
C GLY A 50 -9.71 1.05 1.31
N HIS A 51 -9.63 -0.01 0.50
CA HIS A 51 -9.23 -1.34 0.99
C HIS A 51 -7.75 -1.38 1.39
N LEU A 52 -6.86 -0.63 0.71
CA LEU A 52 -5.48 -0.46 1.15
C LEU A 52 -5.38 0.28 2.50
N LYS A 53 -6.19 1.32 2.73
CA LYS A 53 -6.29 1.97 4.03
C LYS A 53 -6.71 0.95 5.09
N VAL A 54 -7.76 0.17 4.85
CA VAL A 54 -8.22 -0.88 5.80
C VAL A 54 -7.12 -1.92 6.08
N HIS A 55 -6.37 -2.35 5.06
CA HIS A 55 -5.22 -3.24 5.22
C HIS A 55 -4.18 -2.67 6.21
N ILE A 56 -3.81 -1.40 6.10
CA ILE A 56 -2.85 -0.76 7.02
C ILE A 56 -3.48 -0.55 8.41
N GLU A 57 -4.75 -0.13 8.47
CA GLU A 57 -5.51 0.14 9.70
C GLU A 57 -5.81 -1.13 10.52
N ARG A 58 -5.61 -2.32 9.93
CA ARG A 58 -5.79 -3.64 10.59
C ARG A 58 -4.50 -4.44 10.77
N VAL A 59 -3.64 -4.49 9.74
CA VAL A 59 -2.44 -5.33 9.75
C VAL A 59 -1.25 -4.58 10.37
N HIS A 60 -1.04 -3.32 9.98
CA HIS A 60 0.10 -2.48 10.38
C HIS A 60 -0.27 -1.40 11.42
N LYS A 61 -1.41 -1.59 12.11
CA LYS A 61 -1.83 -0.78 13.25
C LYS A 61 -1.01 -1.09 14.52
N LYS A 62 -0.90 -0.10 15.41
CA LYS A 62 -0.12 -0.14 16.66
C LYS A 62 1.35 -0.53 16.44
N ILE A 63 1.97 0.13 15.44
CA ILE A 63 3.37 -0.07 15.01
C ILE A 63 4.23 1.15 15.36
N LYS A 64 5.53 0.93 15.61
CA LYS A 64 6.49 1.99 15.96
C LYS A 64 7.01 2.72 14.71
N GLN A 65 6.18 3.64 14.21
CA GLN A 65 6.54 4.63 13.18
C GLN A 65 7.58 5.63 13.70
N HIS A 66 8.21 6.40 12.82
CA HIS A 66 9.10 7.51 13.21
C HIS A 66 8.99 8.75 12.33
N CYS A 67 9.23 9.91 12.95
CA CYS A 67 9.40 11.21 12.30
C CYS A 67 10.81 11.33 11.70
N ARG A 68 10.91 11.70 10.42
CA ARG A 68 12.20 11.92 9.75
C ARG A 68 12.86 13.25 10.09
N PHE A 69 12.11 14.20 10.66
CA PHE A 69 12.59 15.55 10.96
C PHE A 69 13.26 15.67 12.35
N CYS A 70 12.76 14.93 13.35
CA CYS A 70 13.25 14.95 14.74
C CYS A 70 13.54 13.55 15.36
N LYS A 71 13.39 12.47 14.56
CA LYS A 71 13.69 11.07 14.93
C LYS A 71 12.86 10.54 16.13
N LYS A 72 11.74 11.21 16.45
CA LYS A 72 10.76 10.79 17.46
C LYS A 72 9.94 9.59 16.97
N LYS A 73 9.71 8.60 17.83
CA LYS A 73 8.86 7.43 17.53
C LYS A 73 7.39 7.67 17.87
N TYR A 74 6.51 7.10 17.06
CA TYR A 74 5.05 7.25 17.12
C TYR A 74 4.37 5.87 17.03
N SER A 75 3.39 5.61 17.90
CA SER A 75 2.71 4.29 17.99
C SER A 75 1.50 4.14 17.06
N ASP A 76 1.13 5.21 16.34
CA ASP A 76 0.16 5.21 15.25
C ASP A 76 0.63 6.18 14.17
N VAL A 77 0.43 5.83 12.89
CA VAL A 77 0.67 6.78 11.78
C VAL A 77 -0.22 8.02 11.93
N LYS A 78 -1.47 7.87 12.42
CA LYS A 78 -2.40 8.99 12.64
C LYS A 78 -1.79 10.12 13.48
N ASN A 79 -1.12 9.77 14.58
CA ASN A 79 -0.49 10.76 15.46
C ASN A 79 0.85 11.29 14.92
N LEU A 80 1.56 10.54 14.05
CA LEU A 80 2.71 11.05 13.33
C LEU A 80 2.32 12.19 12.38
N ILE A 81 1.22 12.06 11.64
CA ILE A 81 0.73 13.14 10.76
C ILE A 81 0.40 14.39 11.57
N LYS A 82 -0.33 14.22 12.67
CA LYS A 82 -0.70 15.30 13.60
C LYS A 82 0.54 16.03 14.16
N HIS A 83 1.57 15.28 14.55
CA HIS A 83 2.87 15.81 14.97
C HIS A 83 3.57 16.61 13.85
N ILE A 84 3.60 16.12 12.62
CA ILE A 84 4.17 16.85 11.48
C ILE A 84 3.39 18.14 11.21
N ARG A 85 2.05 18.10 11.26
CA ARG A 85 1.18 19.29 11.11
C ARG A 85 1.33 20.33 12.23
N ASP A 86 1.80 19.93 13.41
CA ASP A 86 1.97 20.82 14.57
C ASP A 86 3.42 21.35 14.73
N ALA A 87 4.43 20.51 14.52
CA ALA A 87 5.84 20.81 14.78
C ALA A 87 6.69 21.07 13.51
N HIS A 88 6.27 20.52 12.36
CA HIS A 88 7.03 20.54 11.09
C HIS A 88 6.21 21.05 9.90
N ASP A 89 5.21 21.91 10.15
CA ASP A 89 4.24 22.39 9.16
C ASP A 89 4.89 23.02 7.90
N PRO A 90 4.38 22.70 6.69
CA PRO A 90 5.03 23.07 5.43
C PRO A 90 4.83 24.55 5.04
N GLN A 91 5.83 25.11 4.37
CA GLN A 91 5.82 26.44 3.76
C GLN A 91 6.60 26.40 2.42
N ASP A 92 6.02 27.01 1.38
CA ASP A 92 6.60 27.13 0.02
C ASP A 92 6.22 28.45 -0.67
ZN ZN B . -13.29 12.89 -6.50
ZN ZN C . 0.81 -4.26 4.34
ZN ZN D . 9.10 15.36 14.35
N GLY A 1 -30.45 -16.89 17.48
CA GLY A 1 -30.42 -17.15 16.02
C GLY A 1 -31.80 -17.54 15.51
N SER A 2 -32.17 -17.03 14.32
CA SER A 2 -33.50 -17.21 13.69
C SER A 2 -33.39 -17.52 12.19
N SER A 3 -34.39 -18.21 11.64
CA SER A 3 -34.49 -18.57 10.21
C SER A 3 -34.73 -17.34 9.30
N GLY A 4 -34.32 -17.44 8.04
CA GLY A 4 -34.48 -16.38 7.03
C GLY A 4 -34.02 -16.78 5.63
N SER A 5 -34.14 -15.85 4.68
CA SER A 5 -33.78 -16.05 3.26
C SER A 5 -32.27 -16.25 3.04
N SER A 6 -31.91 -16.95 1.95
CA SER A 6 -30.53 -17.26 1.56
C SER A 6 -30.36 -17.31 0.03
N GLY A 7 -29.11 -17.49 -0.44
CA GLY A 7 -28.71 -17.51 -1.85
C GLY A 7 -28.16 -16.16 -2.34
N LYS A 8 -27.27 -16.22 -3.34
CA LYS A 8 -26.44 -15.14 -3.87
C LYS A 8 -26.72 -14.87 -5.36
N PRO A 9 -27.87 -14.27 -5.71
CA PRO A 9 -28.29 -14.02 -7.09
C PRO A 9 -27.44 -13.03 -7.87
N TYR A 10 -26.86 -12.02 -7.20
CA TYR A 10 -26.10 -10.96 -7.86
C TYR A 10 -24.66 -11.42 -8.16
N LYS A 11 -24.35 -11.64 -9.45
CA LYS A 11 -23.06 -12.19 -9.92
C LYS A 11 -22.13 -11.12 -10.49
N CYS A 12 -20.81 -11.32 -10.37
CA CYS A 12 -19.79 -10.51 -11.02
C CYS A 12 -19.69 -10.89 -12.52
N PRO A 13 -19.60 -9.89 -13.43
CA PRO A 13 -19.39 -10.12 -14.85
C PRO A 13 -17.92 -10.45 -15.19
N GLN A 14 -16.99 -10.29 -14.23
CA GLN A 14 -15.55 -10.44 -14.45
C GLN A 14 -14.91 -11.64 -13.73
N CYS A 15 -15.50 -12.10 -12.62
CA CYS A 15 -15.03 -13.29 -11.89
C CYS A 15 -16.15 -14.16 -11.32
N SER A 16 -15.79 -15.23 -10.60
CA SER A 16 -16.71 -16.20 -10.00
C SER A 16 -17.49 -15.68 -8.77
N TYR A 17 -17.28 -14.42 -8.37
CA TYR A 17 -17.94 -13.77 -7.25
C TYR A 17 -19.47 -13.70 -7.37
N ALA A 18 -20.15 -13.84 -6.23
CA ALA A 18 -21.59 -13.66 -6.08
C ALA A 18 -21.96 -13.12 -4.67
N SER A 19 -23.08 -12.42 -4.55
CA SER A 19 -23.65 -12.03 -3.25
C SER A 19 -25.19 -11.94 -3.24
N ALA A 20 -25.79 -12.16 -2.06
CA ALA A 20 -27.20 -11.89 -1.78
C ALA A 20 -27.63 -10.42 -1.90
N ILE A 21 -26.69 -9.46 -1.96
CA ILE A 21 -26.95 -8.01 -1.87
C ILE A 21 -26.36 -7.27 -3.09
N LYS A 22 -27.16 -6.38 -3.70
CA LYS A 22 -26.73 -5.55 -4.86
C LYS A 22 -25.60 -4.58 -4.51
N ALA A 23 -25.63 -3.98 -3.31
CA ALA A 23 -24.56 -3.11 -2.81
C ALA A 23 -23.21 -3.84 -2.66
N ASN A 24 -23.22 -5.13 -2.29
CA ASN A 24 -22.01 -5.96 -2.24
C ASN A 24 -21.45 -6.21 -3.65
N LEU A 25 -22.30 -6.42 -4.66
CA LEU A 25 -21.83 -6.47 -6.05
C LEU A 25 -21.24 -5.12 -6.50
N ASN A 26 -21.91 -4.00 -6.22
CA ASN A 26 -21.39 -2.66 -6.56
C ASN A 26 -19.98 -2.42 -5.98
N VAL A 27 -19.80 -2.78 -4.69
CA VAL A 27 -18.54 -2.55 -3.98
C VAL A 27 -17.41 -3.46 -4.49
N HIS A 28 -17.78 -4.68 -4.86
CA HIS A 28 -16.86 -5.66 -5.38
C HIS A 28 -16.25 -5.26 -6.74
N LEU A 29 -17.05 -4.68 -7.64
CA LEU A 29 -16.61 -4.26 -8.98
C LEU A 29 -15.48 -3.22 -8.95
N ARG A 30 -15.31 -2.50 -7.84
CA ARG A 30 -14.27 -1.48 -7.65
C ARG A 30 -12.84 -2.02 -7.82
N LYS A 31 -12.62 -3.31 -7.54
CA LYS A 31 -11.31 -3.98 -7.71
C LYS A 31 -10.97 -4.36 -9.15
N HIS A 32 -11.97 -4.37 -10.02
CA HIS A 32 -11.86 -4.66 -11.47
C HIS A 32 -11.61 -3.41 -12.33
N THR A 33 -11.24 -2.29 -11.71
CA THR A 33 -10.91 -1.00 -12.34
C THR A 33 -9.87 -0.25 -11.50
N GLY A 34 -9.51 0.96 -11.91
CA GLY A 34 -8.71 1.89 -11.13
C GLY A 34 -7.19 1.68 -11.27
N GLU A 35 -6.45 1.94 -10.19
CA GLU A 35 -4.97 1.93 -10.14
C GLU A 35 -4.43 1.05 -9.01
N LYS A 36 -3.23 0.49 -9.20
CA LYS A 36 -2.54 -0.32 -8.18
C LYS A 36 -1.90 0.57 -7.12
N PHE A 37 -2.47 0.50 -5.94
CA PHE A 37 -1.93 1.07 -4.70
C PHE A 37 -1.23 -0.03 -3.88
N ALA A 38 0.06 0.18 -3.61
CA ALA A 38 0.89 -0.72 -2.79
C ALA A 38 0.95 -0.29 -1.31
N CYS A 39 1.08 -1.27 -0.40
CA CYS A 39 1.33 -1.02 1.01
C CYS A 39 2.72 -0.41 1.25
N ASP A 40 2.79 0.51 2.20
CA ASP A 40 4.04 1.15 2.63
C ASP A 40 4.81 0.26 3.66
N TYR A 41 4.20 -0.86 4.08
CA TYR A 41 4.70 -1.70 5.17
C TYR A 41 4.99 -3.15 4.75
N CYS A 42 4.30 -3.64 3.72
CA CYS A 42 4.58 -4.95 3.09
C CYS A 42 4.48 -4.92 1.56
N SER A 43 4.67 -6.08 0.93
CA SER A 43 4.54 -6.30 -0.52
C SER A 43 3.08 -6.34 -1.03
N PHE A 44 2.09 -6.09 -0.16
CA PHE A 44 0.67 -6.06 -0.51
C PHE A 44 0.34 -4.99 -1.56
N THR A 45 -0.66 -5.29 -2.39
CA THR A 45 -1.23 -4.39 -3.39
C THR A 45 -2.74 -4.57 -3.50
N CYS A 46 -3.43 -3.49 -3.87
CA CYS A 46 -4.87 -3.48 -4.15
C CYS A 46 -5.23 -2.45 -5.23
N LEU A 47 -6.31 -2.72 -5.97
CA LEU A 47 -6.90 -1.79 -6.94
C LEU A 47 -7.84 -0.75 -6.29
N SER A 48 -8.15 -0.91 -5.00
CA SER A 48 -8.97 0.00 -4.19
C SER A 48 -8.18 0.58 -3.02
N LYS A 49 -7.90 1.89 -3.09
CA LYS A 49 -7.21 2.66 -2.04
C LYS A 49 -7.90 2.62 -0.68
N GLY A 50 -9.24 2.55 -0.66
CA GLY A 50 -10.01 2.40 0.56
C GLY A 50 -9.79 1.06 1.27
N HIS A 51 -9.62 -0.04 0.52
CA HIS A 51 -9.23 -1.33 1.08
C HIS A 51 -7.75 -1.35 1.52
N LEU A 52 -6.86 -0.66 0.79
CA LEU A 52 -5.47 -0.48 1.22
C LEU A 52 -5.36 0.27 2.55
N LYS A 53 -6.21 1.30 2.78
CA LYS A 53 -6.30 1.98 4.06
C LYS A 53 -6.71 0.99 5.16
N VAL A 54 -7.76 0.20 4.93
CA VAL A 54 -8.20 -0.83 5.90
C VAL A 54 -7.13 -1.88 6.17
N HIS A 55 -6.37 -2.30 5.16
CA HIS A 55 -5.23 -3.21 5.31
C HIS A 55 -4.18 -2.64 6.27
N ILE A 56 -3.82 -1.37 6.17
CA ILE A 56 -2.86 -0.73 7.10
C ILE A 56 -3.50 -0.52 8.49
N GLU A 57 -4.78 -0.15 8.55
CA GLU A 57 -5.53 0.07 9.79
C GLU A 57 -5.81 -1.22 10.57
N ARG A 58 -5.60 -2.40 9.96
CA ARG A 58 -5.77 -3.73 10.58
C ARG A 58 -4.47 -4.50 10.78
N VAL A 59 -3.57 -4.49 9.79
CA VAL A 59 -2.34 -5.28 9.81
C VAL A 59 -1.17 -4.52 10.45
N HIS A 60 -0.98 -3.25 10.04
CA HIS A 60 0.17 -2.42 10.40
C HIS A 60 -0.17 -1.28 11.39
N LYS A 61 -1.30 -1.41 12.09
CA LYS A 61 -1.84 -0.44 13.06
C LYS A 61 -0.86 -0.21 14.22
N LYS A 62 -0.29 1.00 14.28
CA LYS A 62 0.78 1.43 15.19
C LYS A 62 1.94 0.43 15.31
N ILE A 63 2.41 -0.05 14.16
CA ILE A 63 3.55 -0.97 14.04
C ILE A 63 4.87 -0.30 14.48
N LYS A 64 5.74 -1.07 15.14
CA LYS A 64 7.00 -0.58 15.71
C LYS A 64 8.13 -0.60 14.68
N GLN A 65 8.34 0.55 14.04
CA GLN A 65 9.50 0.83 13.18
C GLN A 65 10.75 1.08 14.04
N HIS A 66 11.95 1.05 13.46
CA HIS A 66 13.19 1.34 14.19
C HIS A 66 14.15 2.31 13.47
N CYS A 67 14.85 3.10 14.27
CA CYS A 67 15.97 3.93 13.86
C CYS A 67 17.20 3.05 13.59
N ARG A 68 17.80 3.18 12.40
CA ARG A 68 19.05 2.47 12.04
C ARG A 68 20.31 3.16 12.55
N PHE A 69 20.17 4.37 13.11
CA PHE A 69 21.30 5.17 13.61
C PHE A 69 21.51 5.03 15.13
N CYS A 70 20.42 4.85 15.91
CA CYS A 70 20.47 4.68 17.38
C CYS A 70 19.63 3.52 17.95
N LYS A 71 19.14 2.62 17.08
CA LYS A 71 18.43 1.35 17.40
C LYS A 71 17.17 1.51 18.29
N LYS A 72 16.63 2.72 18.33
CA LYS A 72 15.39 3.12 19.02
C LYS A 72 14.15 2.68 18.25
N LYS A 73 13.10 2.23 18.95
CA LYS A 73 11.81 1.82 18.36
C LYS A 73 10.76 2.94 18.44
N TYR A 74 9.95 3.03 17.39
CA TYR A 74 8.94 4.06 17.14
C TYR A 74 7.62 3.44 16.66
N SER A 75 6.55 3.55 17.46
CA SER A 75 5.22 2.99 17.19
C SER A 75 4.42 3.76 16.11
N ASP A 76 4.92 4.92 15.68
CA ASP A 76 4.36 5.74 14.60
C ASP A 76 5.49 6.18 13.66
N VAL A 77 5.41 5.81 12.38
CA VAL A 77 6.51 6.05 11.41
C VAL A 77 6.77 7.54 11.19
N LYS A 78 5.74 8.40 11.21
CA LYS A 78 5.89 9.86 11.07
C LYS A 78 6.80 10.46 12.16
N ASN A 79 6.75 9.90 13.38
CA ASN A 79 7.61 10.32 14.48
C ASN A 79 9.04 9.78 14.35
N LEU A 80 9.24 8.62 13.71
CA LEU A 80 10.57 8.13 13.34
C LEU A 80 11.25 9.10 12.35
N ILE A 81 10.52 9.60 11.34
CA ILE A 81 11.05 10.58 10.38
C ILE A 81 11.47 11.86 11.11
N LYS A 82 10.60 12.37 11.99
CA LYS A 82 10.89 13.57 12.79
C LYS A 82 12.13 13.38 13.67
N HIS A 83 12.26 12.23 14.34
CA HIS A 83 13.45 11.85 15.11
C HIS A 83 14.72 11.82 14.25
N ILE A 84 14.67 11.28 13.02
CA ILE A 84 15.81 11.29 12.10
C ILE A 84 16.18 12.72 11.70
N ARG A 85 15.20 13.58 11.40
CA ARG A 85 15.43 15.02 11.11
C ARG A 85 15.88 15.85 12.33
N ASP A 86 15.58 15.39 13.54
CA ASP A 86 15.97 16.07 14.78
C ASP A 86 17.38 15.65 15.27
N ALA A 87 17.70 14.36 15.25
CA ALA A 87 18.92 13.78 15.83
C ALA A 87 19.97 13.32 14.81
N HIS A 88 19.56 12.98 13.58
CA HIS A 88 20.41 12.32 12.57
C HIS A 88 20.39 12.99 11.18
N ASP A 89 20.02 14.27 11.10
CA ASP A 89 19.75 14.99 9.85
C ASP A 89 20.96 14.96 8.88
N PRO A 90 20.79 14.57 7.61
CA PRO A 90 21.90 14.31 6.69
C PRO A 90 22.64 15.57 6.24
N GLN A 91 23.95 15.44 6.05
CA GLN A 91 24.87 16.46 5.56
C GLN A 91 25.91 15.80 4.61
N ASP A 92 26.09 16.37 3.42
CA ASP A 92 27.12 15.96 2.44
C ASP A 92 28.53 16.50 2.76
ZN ZN B . -15.42 -9.88 -9.62
ZN ZN C . 0.77 -4.25 4.34
ZN ZN D . 17.83 7.54 16.10
N GLY A 1 10.40 -13.21 -30.34
CA GLY A 1 10.62 -12.80 -31.75
C GLY A 1 11.80 -11.87 -31.90
N SER A 2 12.41 -11.84 -33.09
CA SER A 2 13.58 -11.01 -33.41
C SER A 2 13.27 -9.50 -33.44
N SER A 3 14.26 -8.67 -33.11
CA SER A 3 14.16 -7.20 -33.14
C SER A 3 14.24 -6.63 -34.57
N GLY A 4 13.73 -5.42 -34.77
CA GLY A 4 13.72 -4.70 -36.05
C GLY A 4 13.21 -3.26 -35.93
N SER A 5 13.49 -2.43 -36.94
CA SER A 5 13.09 -1.02 -37.00
C SER A 5 11.61 -0.80 -37.32
N SER A 6 10.99 0.19 -36.66
CA SER A 6 9.59 0.62 -36.87
C SER A 6 9.40 2.08 -36.43
N GLY A 7 8.39 2.77 -36.99
CA GLY A 7 8.08 4.17 -36.69
C GLY A 7 7.40 4.36 -35.33
N LYS A 8 6.15 3.89 -35.21
CA LYS A 8 5.32 3.88 -33.98
C LYS A 8 5.33 5.24 -33.25
N PRO A 9 4.79 6.30 -33.87
CA PRO A 9 4.82 7.67 -33.34
C PRO A 9 4.11 7.85 -32.00
N TYR A 10 3.09 7.04 -31.73
CA TYR A 10 2.23 7.19 -30.57
C TYR A 10 2.74 6.34 -29.39
N LYS A 11 3.40 6.99 -28.42
CA LYS A 11 4.01 6.37 -27.23
C LYS A 11 3.11 6.49 -26.00
N CYS A 12 3.21 5.54 -25.08
CA CYS A 12 2.59 5.59 -23.76
C CYS A 12 3.39 6.53 -22.84
N PRO A 13 2.74 7.40 -22.05
CA PRO A 13 3.37 8.26 -21.07
C PRO A 13 3.76 7.51 -19.78
N GLN A 14 3.29 6.26 -19.60
CA GLN A 14 3.45 5.49 -18.36
C GLN A 14 4.34 4.24 -18.50
N CYS A 15 4.46 3.67 -19.71
CA CYS A 15 5.34 2.52 -19.96
C CYS A 15 6.03 2.56 -21.34
N SER A 16 6.82 1.53 -21.65
CA SER A 16 7.61 1.40 -22.89
C SER A 16 6.80 1.16 -24.17
N TYR A 17 5.47 1.07 -24.05
CA TYR A 17 4.54 0.85 -25.17
C TYR A 17 4.59 1.96 -26.24
N ALA A 18 4.44 1.55 -27.51
CA ALA A 18 4.23 2.42 -28.65
C ALA A 18 3.41 1.72 -29.75
N SER A 19 2.69 2.48 -30.57
CA SER A 19 1.94 1.97 -31.72
C SER A 19 1.91 2.95 -32.90
N ALA A 20 1.60 2.42 -34.09
CA ALA A 20 1.35 3.20 -35.31
C ALA A 20 -0.14 3.61 -35.47
N ILE A 21 -1.00 3.26 -34.51
CA ILE A 21 -2.43 3.59 -34.48
C ILE A 21 -2.75 4.29 -33.15
N LYS A 22 -3.20 5.55 -33.19
CA LYS A 22 -3.52 6.33 -31.97
C LYS A 22 -4.74 5.84 -31.20
N ALA A 23 -5.68 5.16 -31.88
CA ALA A 23 -6.77 4.43 -31.22
C ALA A 23 -6.25 3.26 -30.36
N ASN A 24 -5.13 2.63 -30.73
CA ASN A 24 -4.46 1.60 -29.93
C ASN A 24 -3.79 2.23 -28.70
N LEU A 25 -3.20 3.41 -28.82
CA LEU A 25 -2.72 4.17 -27.65
C LEU A 25 -3.88 4.53 -26.70
N ASN A 26 -5.01 5.02 -27.21
CA ASN A 26 -6.19 5.31 -26.37
C ASN A 26 -6.64 4.07 -25.58
N VAL A 27 -6.72 2.92 -26.25
CA VAL A 27 -7.20 1.66 -25.64
C VAL A 27 -6.23 1.10 -24.62
N HIS A 28 -4.95 1.27 -24.89
CA HIS A 28 -3.86 0.82 -24.03
C HIS A 28 -3.84 1.53 -22.67
N LEU A 29 -4.07 2.85 -22.65
CA LEU A 29 -4.06 3.68 -21.44
C LEU A 29 -5.09 3.22 -20.39
N ARG A 30 -6.15 2.52 -20.81
CA ARG A 30 -7.24 2.02 -19.95
C ARG A 30 -6.77 1.07 -18.84
N LYS A 31 -5.60 0.42 -19.00
CA LYS A 31 -4.98 -0.42 -17.96
C LYS A 31 -4.29 0.39 -16.85
N HIS A 32 -3.80 1.58 -17.18
CA HIS A 32 -3.04 2.45 -16.27
C HIS A 32 -3.93 3.32 -15.36
N THR A 33 -5.19 3.57 -15.73
CA THR A 33 -6.19 4.24 -14.86
C THR A 33 -6.59 3.36 -13.68
N GLY A 34 -6.54 2.04 -13.87
CA GLY A 34 -6.77 1.00 -12.87
C GLY A 34 -5.59 0.84 -11.91
N GLU A 35 -5.34 1.86 -11.10
CA GLU A 35 -4.15 2.00 -10.23
C GLU A 35 -4.05 0.90 -9.15
N LYS A 36 -2.84 0.38 -8.95
CA LYS A 36 -2.48 -0.50 -7.84
C LYS A 36 -1.95 0.30 -6.66
N PHE A 37 -2.75 0.33 -5.61
CA PHE A 37 -2.45 0.94 -4.32
C PHE A 37 -1.64 -0.04 -3.47
N ALA A 38 -0.35 0.24 -3.30
CA ALA A 38 0.62 -0.62 -2.62
C ALA A 38 0.82 -0.24 -1.14
N CYS A 39 1.04 -1.23 -0.28
CA CYS A 39 1.40 -1.02 1.12
C CYS A 39 2.82 -0.43 1.24
N ASP A 40 2.97 0.51 2.17
CA ASP A 40 4.27 1.09 2.55
C ASP A 40 5.00 0.21 3.59
N TYR A 41 4.33 -0.84 4.09
CA TYR A 41 4.78 -1.67 5.22
C TYR A 41 5.04 -3.12 4.82
N CYS A 42 4.38 -3.63 3.78
CA CYS A 42 4.68 -4.93 3.15
C CYS A 42 4.55 -4.89 1.61
N SER A 43 4.66 -6.05 0.97
CA SER A 43 4.51 -6.26 -0.48
C SER A 43 3.04 -6.26 -0.96
N PHE A 44 2.06 -6.00 -0.07
CA PHE A 44 0.64 -5.99 -0.39
C PHE A 44 0.26 -4.94 -1.46
N THR A 45 -0.75 -5.27 -2.26
CA THR A 45 -1.36 -4.39 -3.26
C THR A 45 -2.87 -4.63 -3.39
N CYS A 46 -3.60 -3.58 -3.74
CA CYS A 46 -5.03 -3.64 -4.07
C CYS A 46 -5.40 -2.67 -5.20
N LEU A 47 -6.52 -2.92 -5.90
CA LEU A 47 -7.05 -2.06 -6.97
C LEU A 47 -7.90 -0.88 -6.44
N SER A 48 -8.09 -0.79 -5.12
CA SER A 48 -8.84 0.28 -4.43
C SER A 48 -8.08 0.85 -3.24
N LYS A 49 -7.98 2.18 -3.20
CA LYS A 49 -7.29 2.94 -2.14
C LYS A 49 -7.88 2.75 -0.74
N GLY A 50 -9.20 2.61 -0.66
CA GLY A 50 -9.90 2.38 0.61
C GLY A 50 -9.60 1.01 1.22
N HIS A 51 -9.41 -0.02 0.40
CA HIS A 51 -8.97 -1.34 0.86
C HIS A 51 -7.50 -1.34 1.30
N LEU A 52 -6.64 -0.55 0.65
CA LEU A 52 -5.27 -0.30 1.14
C LEU A 52 -5.27 0.35 2.53
N LYS A 53 -6.12 1.36 2.75
CA LYS A 53 -6.30 1.97 4.08
C LYS A 53 -6.71 0.91 5.10
N VAL A 54 -7.75 0.12 4.82
CA VAL A 54 -8.20 -0.95 5.74
C VAL A 54 -7.09 -1.97 6.03
N HIS A 55 -6.30 -2.36 5.04
CA HIS A 55 -5.14 -3.24 5.21
C HIS A 55 -4.12 -2.67 6.22
N ILE A 56 -3.76 -1.38 6.11
CA ILE A 56 -2.83 -0.75 7.06
C ILE A 56 -3.50 -0.56 8.43
N GLU A 57 -4.79 -0.22 8.47
CA GLU A 57 -5.59 -0.02 9.68
C GLU A 57 -5.87 -1.32 10.47
N ARG A 58 -5.59 -2.50 9.87
CA ARG A 58 -5.76 -3.82 10.49
C ARG A 58 -4.44 -4.57 10.71
N VAL A 59 -3.52 -4.52 9.75
CA VAL A 59 -2.27 -5.29 9.79
C VAL A 59 -1.14 -4.49 10.45
N HIS A 60 -0.96 -3.23 10.03
CA HIS A 60 0.16 -2.36 10.44
C HIS A 60 -0.24 -1.25 11.44
N LYS A 61 -1.39 -1.42 12.08
CA LYS A 61 -1.96 -0.52 13.08
C LYS A 61 -1.04 -0.39 14.31
N LYS A 62 -0.86 0.85 14.79
CA LYS A 62 -0.06 1.24 15.96
C LYS A 62 1.39 0.74 15.92
N ILE A 63 2.03 0.95 14.77
CA ILE A 63 3.48 0.75 14.55
C ILE A 63 4.22 2.10 14.50
N LYS A 64 5.52 2.08 14.78
CA LYS A 64 6.43 3.23 14.68
C LYS A 64 7.80 2.79 14.18
N GLN A 65 8.29 3.38 13.08
CA GLN A 65 9.65 3.15 12.61
C GLN A 65 10.60 3.90 13.55
N HIS A 66 11.64 3.24 14.06
CA HIS A 66 12.51 3.81 15.10
C HIS A 66 13.99 3.49 14.89
N CYS A 67 14.84 4.47 15.21
CA CYS A 67 16.29 4.38 15.12
C CYS A 67 16.89 3.39 16.13
N ARG A 68 17.89 2.63 15.67
CA ARG A 68 18.68 1.67 16.46
C ARG A 68 19.71 2.33 17.37
N PHE A 69 20.13 3.55 17.03
CA PHE A 69 21.29 4.23 17.63
C PHE A 69 20.94 5.39 18.57
N CYS A 70 19.85 6.12 18.29
CA CYS A 70 19.37 7.27 19.09
C CYS A 70 17.89 7.20 19.52
N LYS A 71 17.20 6.08 19.19
CA LYS A 71 15.79 5.78 19.53
C LYS A 71 14.77 6.82 19.01
N LYS A 72 15.15 7.64 18.04
CA LYS A 72 14.27 8.63 17.37
C LYS A 72 13.20 7.92 16.53
N LYS A 73 11.95 8.40 16.58
CA LYS A 73 10.84 7.87 15.76
C LYS A 73 10.73 8.61 14.43
N TYR A 74 10.34 7.87 13.38
CA TYR A 74 10.30 8.33 11.99
C TYR A 74 8.97 8.02 11.30
N SER A 75 8.38 9.02 10.63
CA SER A 75 7.07 8.93 9.96
C SER A 75 7.11 8.16 8.63
N ASP A 76 8.30 8.05 8.01
CA ASP A 76 8.55 7.35 6.75
C ASP A 76 9.84 6.53 6.85
N VAL A 77 9.80 5.25 6.47
CA VAL A 77 10.95 4.33 6.64
C VAL A 77 12.16 4.75 5.82
N LYS A 78 11.97 5.27 4.59
CA LYS A 78 13.08 5.73 3.73
C LYS A 78 13.88 6.87 4.37
N ASN A 79 13.23 7.73 5.14
CA ASN A 79 13.89 8.80 5.91
C ASN A 79 14.60 8.28 7.16
N LEU A 80 14.16 7.16 7.75
CA LEU A 80 14.91 6.48 8.81
C LEU A 80 16.24 5.94 8.27
N ILE A 81 16.23 5.33 7.07
CA ILE A 81 17.46 4.85 6.42
C ILE A 81 18.42 6.03 6.16
N LYS A 82 17.89 7.11 5.57
CA LYS A 82 18.64 8.34 5.29
C LYS A 82 19.27 8.94 6.55
N HIS A 83 18.53 8.97 7.66
CA HIS A 83 19.02 9.36 8.98
C HIS A 83 20.17 8.48 9.47
N ILE A 84 20.07 7.15 9.34
CA ILE A 84 21.16 6.24 9.69
C ILE A 84 22.40 6.49 8.83
N ARG A 85 22.23 6.66 7.51
CA ARG A 85 23.33 6.97 6.57
C ARG A 85 23.99 8.34 6.79
N ASP A 86 23.27 9.30 7.38
CA ASP A 86 23.76 10.66 7.66
C ASP A 86 24.36 10.83 9.07
N ALA A 87 23.72 10.25 10.09
CA ALA A 87 24.06 10.47 11.51
C ALA A 87 24.81 9.27 12.16
N HIS A 88 24.64 8.05 11.64
CA HIS A 88 25.14 6.81 12.23
C HIS A 88 25.94 5.93 11.24
N ASP A 89 26.52 6.54 10.21
CA ASP A 89 27.24 5.87 9.12
C ASP A 89 28.33 4.88 9.59
N PRO A 90 28.43 3.68 8.97
CA PRO A 90 29.37 2.64 9.37
C PRO A 90 30.81 2.90 8.89
N GLN A 91 31.78 2.31 9.61
CA GLN A 91 33.20 2.31 9.28
C GLN A 91 33.81 0.93 9.55
N ASP A 92 34.61 0.41 8.61
CA ASP A 92 35.33 -0.87 8.72
C ASP A 92 36.66 -0.76 9.51
ZN ZN B . 1.41 1.97 -21.10
ZN ZN C . 0.91 -4.24 4.43
ZN ZN D . 19.38 7.84 15.00
N GLY A 1 -30.29 -22.38 8.02
CA GLY A 1 -29.10 -22.55 7.14
C GLY A 1 -28.18 -23.63 7.69
N SER A 2 -27.74 -24.55 6.82
CA SER A 2 -26.92 -25.72 7.16
C SER A 2 -25.76 -25.93 6.17
N SER A 3 -24.77 -26.75 6.54
CA SER A 3 -23.62 -27.08 5.68
C SER A 3 -24.05 -27.66 4.32
N GLY A 4 -23.64 -27.02 3.23
CA GLY A 4 -23.99 -27.41 1.86
C GLY A 4 -25.44 -27.11 1.41
N SER A 5 -26.23 -26.36 2.21
CA SER A 5 -27.64 -26.05 1.89
C SER A 5 -27.85 -24.99 0.80
N SER A 6 -26.78 -24.31 0.37
CA SER A 6 -26.78 -23.28 -0.68
C SER A 6 -25.59 -23.42 -1.65
N GLY A 7 -25.77 -22.97 -2.90
CA GLY A 7 -24.77 -22.98 -3.97
C GLY A 7 -23.95 -21.68 -4.07
N LYS A 8 -23.43 -21.40 -5.27
CA LYS A 8 -22.66 -20.20 -5.64
C LYS A 8 -21.45 -19.92 -4.71
N PRO A 9 -20.46 -20.84 -4.64
CA PRO A 9 -19.30 -20.74 -3.76
C PRO A 9 -18.38 -19.54 -4.03
N TYR A 10 -18.28 -19.09 -5.28
CA TYR A 10 -17.37 -18.02 -5.68
C TYR A 10 -17.98 -16.63 -5.43
N LYS A 11 -17.56 -15.95 -4.37
CA LYS A 11 -18.06 -14.63 -3.93
C LYS A 11 -17.15 -13.48 -4.38
N CYS A 12 -17.74 -12.30 -4.60
CA CYS A 12 -17.01 -11.06 -4.83
C CYS A 12 -16.49 -10.50 -3.49
N PRO A 13 -15.23 -10.00 -3.44
CA PRO A 13 -14.66 -9.34 -2.28
C PRO A 13 -15.13 -7.88 -2.14
N GLN A 14 -15.81 -7.33 -3.16
CA GLN A 14 -16.19 -5.91 -3.22
C GLN A 14 -17.71 -5.67 -3.14
N CYS A 15 -18.54 -6.63 -3.54
CA CYS A 15 -20.00 -6.54 -3.42
C CYS A 15 -20.68 -7.87 -3.07
N SER A 16 -22.02 -7.87 -2.98
CA SER A 16 -22.86 -9.03 -2.60
C SER A 16 -22.94 -10.14 -3.66
N TYR A 17 -22.25 -9.98 -4.80
CA TYR A 17 -22.23 -10.93 -5.91
C TYR A 17 -21.66 -12.31 -5.54
N ALA A 18 -22.24 -13.36 -6.14
CA ALA A 18 -21.74 -14.73 -6.11
C ALA A 18 -22.08 -15.49 -7.40
N SER A 19 -21.27 -16.50 -7.75
CA SER A 19 -21.52 -17.43 -8.87
C SER A 19 -21.00 -18.84 -8.58
N ALA A 20 -21.37 -19.80 -9.43
CA ALA A 20 -20.96 -21.20 -9.35
C ALA A 20 -19.66 -21.53 -10.12
N ILE A 21 -19.04 -20.54 -10.77
CA ILE A 21 -17.91 -20.70 -11.68
C ILE A 21 -16.83 -19.63 -11.38
N LYS A 22 -15.55 -20.04 -11.37
CA LYS A 22 -14.39 -19.14 -11.17
C LYS A 22 -14.28 -18.06 -12.26
N ALA A 23 -14.48 -18.43 -13.52
CA ALA A 23 -14.51 -17.50 -14.66
C ALA A 23 -15.63 -16.44 -14.54
N ASN A 24 -16.79 -16.80 -13.97
CA ASN A 24 -17.89 -15.87 -13.70
C ASN A 24 -17.58 -14.88 -12.56
N LEU A 25 -16.62 -15.18 -11.69
CA LEU A 25 -16.07 -14.20 -10.75
C LEU A 25 -15.00 -13.31 -11.41
N ASN A 26 -14.13 -13.87 -12.27
CA ASN A 26 -13.10 -13.09 -12.96
C ASN A 26 -13.71 -12.04 -13.90
N VAL A 27 -14.75 -12.40 -14.64
CA VAL A 27 -15.49 -11.46 -15.51
C VAL A 27 -16.16 -10.34 -14.72
N HIS A 28 -16.56 -10.65 -13.49
CA HIS A 28 -17.31 -9.74 -12.64
C HIS A 28 -16.39 -8.68 -12.01
N LEU A 29 -15.19 -9.07 -11.57
CA LEU A 29 -14.20 -8.18 -10.96
C LEU A 29 -13.73 -7.06 -11.91
N ARG A 30 -13.88 -7.25 -13.22
CA ARG A 30 -13.58 -6.26 -14.28
C ARG A 30 -14.18 -4.87 -14.02
N LYS A 31 -15.40 -4.81 -13.47
CA LYS A 31 -16.12 -3.55 -13.16
C LYS A 31 -15.57 -2.82 -11.92
N HIS A 32 -14.89 -3.56 -11.04
CA HIS A 32 -14.32 -3.09 -9.78
C HIS A 32 -12.84 -2.64 -9.90
N THR A 33 -12.28 -2.61 -11.11
CA THR A 33 -10.84 -2.32 -11.33
C THR A 33 -10.48 -0.85 -11.15
N GLY A 34 -9.18 -0.59 -10.95
CA GLY A 34 -8.63 0.71 -10.60
C GLY A 34 -7.09 0.71 -10.59
N GLU A 35 -6.50 1.81 -10.10
CA GLU A 35 -5.04 1.94 -9.98
C GLU A 35 -4.45 1.00 -8.91
N LYS A 36 -3.25 0.47 -9.17
CA LYS A 36 -2.52 -0.37 -8.20
C LYS A 36 -1.86 0.48 -7.13
N PHE A 37 -2.39 0.36 -5.91
CA PHE A 37 -1.80 0.90 -4.70
C PHE A 37 -1.07 -0.20 -3.93
N ALA A 38 0.23 -0.04 -3.75
CA ALA A 38 1.05 -0.89 -2.89
C ALA A 38 1.05 -0.42 -1.42
N CYS A 39 1.12 -1.36 -0.48
CA CYS A 39 1.32 -1.06 0.94
C CYS A 39 2.68 -0.39 1.20
N ASP A 40 2.70 0.57 2.12
CA ASP A 40 3.92 1.24 2.56
C ASP A 40 4.72 0.42 3.59
N TYR A 41 4.17 -0.73 4.01
CA TYR A 41 4.69 -1.54 5.12
C TYR A 41 5.01 -3.00 4.74
N CYS A 42 4.32 -3.54 3.73
CA CYS A 42 4.63 -4.85 3.12
C CYS A 42 4.53 -4.85 1.57
N SER A 43 4.74 -6.03 0.98
CA SER A 43 4.63 -6.29 -0.47
C SER A 43 3.17 -6.36 -0.98
N PHE A 44 2.17 -6.13 -0.12
CA PHE A 44 0.75 -6.15 -0.49
C PHE A 44 0.41 -5.10 -1.56
N THR A 45 -0.60 -5.42 -2.38
CA THR A 45 -1.16 -4.53 -3.41
C THR A 45 -2.69 -4.68 -3.52
N CYS A 46 -3.34 -3.60 -3.94
CA CYS A 46 -4.80 -3.53 -4.08
C CYS A 46 -5.23 -2.56 -5.20
N LEU A 47 -6.42 -2.80 -5.78
CA LEU A 47 -7.04 -1.94 -6.79
C LEU A 47 -7.91 -0.82 -6.18
N SER A 48 -8.05 -0.78 -4.85
CA SER A 48 -8.83 0.21 -4.09
C SER A 48 -8.00 0.85 -2.99
N LYS A 49 -8.03 2.18 -2.95
CA LYS A 49 -7.35 3.03 -1.96
C LYS A 49 -7.99 2.90 -0.57
N GLY A 50 -9.31 2.71 -0.52
CA GLY A 50 -10.06 2.47 0.72
C GLY A 50 -9.76 1.09 1.32
N HIS A 51 -9.68 0.04 0.50
CA HIS A 51 -9.30 -1.30 0.98
C HIS A 51 -7.82 -1.36 1.41
N LEU A 52 -6.93 -0.60 0.76
CA LEU A 52 -5.54 -0.46 1.23
C LEU A 52 -5.44 0.28 2.58
N LYS A 53 -6.25 1.31 2.81
CA LYS A 53 -6.36 1.97 4.11
C LYS A 53 -6.79 0.95 5.17
N VAL A 54 -7.82 0.14 4.91
CA VAL A 54 -8.25 -0.91 5.85
C VAL A 54 -7.16 -1.94 6.11
N HIS A 55 -6.40 -2.36 5.09
CA HIS A 55 -5.23 -3.24 5.25
C HIS A 55 -4.20 -2.67 6.23
N ILE A 56 -3.86 -1.38 6.14
CA ILE A 56 -2.91 -0.75 7.06
C ILE A 56 -3.51 -0.57 8.46
N GLU A 57 -4.79 -0.17 8.55
CA GLU A 57 -5.54 0.04 9.80
C GLU A 57 -5.80 -1.25 10.59
N ARG A 58 -5.62 -2.41 9.96
CA ARG A 58 -5.77 -3.75 10.58
C ARG A 58 -4.48 -4.53 10.74
N VAL A 59 -3.59 -4.50 9.75
CA VAL A 59 -2.36 -5.30 9.74
C VAL A 59 -1.18 -4.54 10.37
N HIS A 60 -0.99 -3.27 9.96
CA HIS A 60 0.14 -2.42 10.38
C HIS A 60 -0.23 -1.38 11.45
N LYS A 61 -1.35 -1.60 12.13
CA LYS A 61 -1.81 -0.82 13.29
C LYS A 61 -0.94 -1.09 14.52
N LYS A 62 -0.66 -0.04 15.29
CA LYS A 62 0.25 0.00 16.45
C LYS A 62 1.65 -0.58 16.15
N ILE A 63 2.23 -0.13 15.03
CA ILE A 63 3.60 -0.45 14.60
C ILE A 63 4.64 0.27 15.48
N LYS A 64 5.83 -0.34 15.65
CA LYS A 64 6.96 0.26 16.37
C LYS A 64 7.55 1.44 15.59
N GLN A 65 7.82 2.53 16.29
CA GLN A 65 8.41 3.78 15.77
C GLN A 65 9.85 3.96 16.28
N HIS A 66 10.62 4.88 15.71
CA HIS A 66 11.97 5.20 16.21
C HIS A 66 12.24 6.70 16.38
N CYS A 67 13.12 7.03 17.32
CA CYS A 67 13.59 8.38 17.62
C CYS A 67 14.53 8.94 16.53
N ARG A 68 14.28 10.17 16.09
CA ARG A 68 15.11 10.87 15.10
C ARG A 68 16.37 11.52 15.69
N PHE A 69 16.57 11.43 17.00
CA PHE A 69 17.73 12.01 17.70
C PHE A 69 18.71 10.95 18.24
N CYS A 70 18.21 9.78 18.70
CA CYS A 70 19.03 8.69 19.27
C CYS A 70 18.76 7.28 18.70
N LYS A 71 17.86 7.16 17.70
CA LYS A 71 17.48 5.91 17.01
C LYS A 71 17.00 4.77 17.92
N LYS A 72 16.51 5.10 19.11
CA LYS A 72 15.81 4.19 20.04
C LYS A 72 14.43 3.80 19.49
N LYS A 73 14.02 2.54 19.67
CA LYS A 73 12.69 2.04 19.25
C LYS A 73 11.63 2.20 20.35
N TYR A 74 10.41 2.53 19.94
CA TYR A 74 9.24 2.76 20.80
C TYR A 74 8.00 2.04 20.27
N SER A 75 7.38 1.19 21.10
CA SER A 75 6.20 0.38 20.74
C SER A 75 4.86 1.11 20.89
N ASP A 76 4.88 2.34 21.43
CA ASP A 76 3.76 3.28 21.50
C ASP A 76 4.23 4.65 21.06
N VAL A 77 3.61 5.24 20.03
CA VAL A 77 4.02 6.54 19.48
C VAL A 77 3.90 7.65 20.52
N LYS A 78 2.87 7.62 21.39
CA LYS A 78 2.70 8.60 22.49
C LYS A 78 3.90 8.60 23.46
N ASN A 79 4.52 7.44 23.69
CA ASN A 79 5.73 7.34 24.49
C ASN A 79 6.99 7.78 23.73
N LEU A 80 7.03 7.68 22.40
CA LEU A 80 8.09 8.30 21.59
C LEU A 80 8.06 9.83 21.74
N ILE A 81 6.86 10.44 21.71
CA ILE A 81 6.69 11.88 21.94
C ILE A 81 7.18 12.26 23.34
N LYS A 82 6.74 11.51 24.36
CA LYS A 82 7.14 11.71 25.77
C LYS A 82 8.67 11.61 25.96
N HIS A 83 9.33 10.67 25.26
CA HIS A 83 10.79 10.55 25.21
C HIS A 83 11.45 11.78 24.56
N ILE A 84 10.93 12.29 23.45
CA ILE A 84 11.45 13.52 22.82
C ILE A 84 11.27 14.73 23.75
N ARG A 85 10.10 14.86 24.39
CA ARG A 85 9.78 15.92 25.38
C ARG A 85 10.65 15.87 26.65
N ASP A 86 11.22 14.72 26.99
CA ASP A 86 12.15 14.56 28.10
C ASP A 86 13.61 14.75 27.70
N ALA A 87 14.03 13.93 26.73
CA ALA A 87 15.43 13.72 26.44
C ALA A 87 16.00 14.68 25.37
N HIS A 88 15.14 15.19 24.49
CA HIS A 88 15.49 15.97 23.29
C HIS A 88 14.67 17.28 23.17
N ASP A 89 14.22 17.82 24.30
CA ASP A 89 13.24 18.91 24.39
C ASP A 89 13.60 20.17 23.56
N PRO A 90 12.65 20.73 22.77
CA PRO A 90 12.86 21.95 22.00
C PRO A 90 12.80 23.20 22.90
N GLN A 91 13.64 24.19 22.59
CA GLN A 91 13.69 25.48 23.30
C GLN A 91 13.87 26.63 22.29
N ASP A 92 13.00 27.65 22.37
CA ASP A 92 12.98 28.86 21.53
C ASP A 92 12.57 30.13 22.31
ZN ZN B . -18.60 -7.38 -7.19
ZN ZN C . 0.81 -4.20 4.36
ZN ZN D . 15.74 9.75 21.50
N GLY A 1 -12.30 -40.76 4.36
CA GLY A 1 -11.93 -39.53 3.63
C GLY A 1 -13.09 -38.99 2.79
N SER A 2 -12.79 -38.19 1.77
CA SER A 2 -13.76 -37.60 0.83
C SER A 2 -13.17 -37.41 -0.58
N SER A 3 -14.03 -37.35 -1.60
CA SER A 3 -13.66 -37.18 -3.01
C SER A 3 -14.78 -36.47 -3.81
N GLY A 4 -14.45 -35.92 -4.98
CA GLY A 4 -15.37 -35.20 -5.86
C GLY A 4 -14.78 -34.85 -7.23
N SER A 5 -15.63 -34.30 -8.11
CA SER A 5 -15.25 -33.89 -9.47
C SER A 5 -14.45 -32.57 -9.52
N SER A 6 -13.74 -32.33 -10.62
CA SER A 6 -12.88 -31.15 -10.86
C SER A 6 -12.93 -30.66 -12.32
N GLY A 7 -12.48 -29.42 -12.55
CA GLY A 7 -12.49 -28.76 -13.86
C GLY A 7 -11.86 -27.36 -13.83
N LYS A 8 -12.15 -26.55 -14.86
CA LYS A 8 -11.66 -25.17 -15.04
C LYS A 8 -10.14 -25.02 -14.81
N PRO A 9 -9.30 -25.67 -15.63
CA PRO A 9 -7.85 -25.72 -15.44
C PRO A 9 -7.13 -24.37 -15.53
N TYR A 10 -7.67 -23.42 -16.30
CA TYR A 10 -7.05 -22.12 -16.51
C TYR A 10 -7.37 -21.15 -15.37
N LYS A 11 -6.44 -21.06 -14.40
CA LYS A 11 -6.53 -20.21 -13.19
C LYS A 11 -5.92 -18.83 -13.43
N CYS A 12 -6.45 -17.82 -12.74
CA CYS A 12 -5.88 -16.49 -12.67
C CYS A 12 -4.66 -16.47 -11.71
N PRO A 13 -3.53 -15.85 -12.10
CA PRO A 13 -2.38 -15.65 -11.23
C PRO A 13 -2.58 -14.50 -10.24
N GLN A 14 -3.68 -13.75 -10.35
CA GLN A 14 -3.93 -12.50 -9.62
C GLN A 14 -5.11 -12.62 -8.62
N CYS A 15 -6.10 -13.47 -8.91
CA CYS A 15 -7.24 -13.73 -8.01
C CYS A 15 -7.72 -15.21 -8.05
N SER A 16 -8.82 -15.50 -7.34
CA SER A 16 -9.40 -16.86 -7.20
C SER A 16 -10.12 -17.39 -8.47
N TYR A 17 -10.15 -16.61 -9.55
CA TYR A 17 -10.82 -16.95 -10.81
C TYR A 17 -10.24 -18.20 -11.51
N ALA A 18 -11.11 -18.94 -12.19
CA ALA A 18 -10.75 -20.04 -13.09
C ALA A 18 -11.76 -20.19 -14.24
N SER A 19 -11.31 -20.73 -15.37
CA SER A 19 -12.16 -21.09 -16.53
C SER A 19 -11.65 -22.35 -17.26
N ALA A 20 -12.49 -22.92 -18.13
CA ALA A 20 -12.17 -24.07 -18.99
C ALA A 20 -11.48 -23.71 -20.32
N ILE A 21 -11.27 -22.41 -20.60
CA ILE A 21 -10.80 -21.88 -21.89
C ILE A 21 -9.70 -20.84 -21.68
N LYS A 22 -8.60 -20.92 -22.47
CA LYS A 22 -7.47 -19.97 -22.42
C LYS A 22 -7.88 -18.54 -22.79
N ALA A 23 -8.74 -18.37 -23.79
CA ALA A 23 -9.32 -17.07 -24.17
C ALA A 23 -10.12 -16.42 -23.03
N ASN A 24 -10.84 -17.21 -22.22
CA ASN A 24 -11.56 -16.70 -21.05
C ASN A 24 -10.61 -16.28 -19.91
N LEU A 25 -9.41 -16.86 -19.82
CA LEU A 25 -8.37 -16.35 -18.93
C LEU A 25 -7.71 -15.07 -19.48
N ASN A 26 -7.40 -15.01 -20.78
CA ASN A 26 -6.85 -13.81 -21.42
C ASN A 26 -7.75 -12.58 -21.20
N VAL A 27 -9.06 -12.77 -21.40
CA VAL A 27 -10.06 -11.69 -21.30
C VAL A 27 -10.23 -11.20 -19.87
N HIS A 28 -10.12 -12.12 -18.92
CA HIS A 28 -10.27 -11.87 -17.50
C HIS A 28 -9.15 -10.99 -16.94
N LEU A 29 -7.89 -11.21 -17.36
CA LEU A 29 -6.72 -10.46 -16.88
C LEU A 29 -6.81 -8.95 -17.17
N ARG A 30 -7.62 -8.55 -18.16
CA ARG A 30 -7.83 -7.15 -18.56
C ARG A 30 -8.35 -6.27 -17.41
N LYS A 31 -9.14 -6.83 -16.49
CA LYS A 31 -9.72 -6.09 -15.34
C LYS A 31 -8.71 -5.75 -14.24
N HIS A 32 -7.60 -6.50 -14.20
CA HIS A 32 -6.49 -6.31 -13.25
C HIS A 32 -5.45 -5.27 -13.71
N THR A 33 -5.66 -4.62 -14.87
CA THR A 33 -4.81 -3.53 -15.38
C THR A 33 -5.13 -2.18 -14.72
N GLY A 34 -4.25 -1.18 -14.89
CA GLY A 34 -4.42 0.16 -14.34
C GLY A 34 -3.98 0.31 -12.88
N GLU A 35 -4.70 1.15 -12.12
CA GLU A 35 -4.33 1.59 -10.75
C GLU A 35 -4.12 0.45 -9.74
N LYS A 36 -3.01 0.59 -9.02
CA LYS A 36 -2.55 -0.25 -7.91
C LYS A 36 -2.05 0.60 -6.74
N PHE A 37 -2.72 0.42 -5.62
CA PHE A 37 -2.41 1.00 -4.33
C PHE A 37 -1.59 -0.01 -3.50
N ALA A 38 -0.30 0.29 -3.34
CA ALA A 38 0.67 -0.57 -2.64
C ALA A 38 0.83 -0.21 -1.16
N CYS A 39 1.05 -1.21 -0.31
CA CYS A 39 1.38 -1.01 1.09
C CYS A 39 2.78 -0.43 1.26
N ASP A 40 2.91 0.50 2.22
CA ASP A 40 4.19 1.09 2.63
C ASP A 40 4.93 0.21 3.65
N TYR A 41 4.29 -0.89 4.09
CA TYR A 41 4.74 -1.73 5.20
C TYR A 41 5.00 -3.19 4.80
N CYS A 42 4.32 -3.68 3.75
CA CYS A 42 4.60 -4.99 3.12
C CYS A 42 4.49 -4.93 1.58
N SER A 43 4.64 -6.10 0.93
CA SER A 43 4.51 -6.29 -0.52
C SER A 43 3.05 -6.28 -1.03
N PHE A 44 2.07 -6.02 -0.17
CA PHE A 44 0.64 -5.96 -0.51
C PHE A 44 0.32 -4.91 -1.57
N THR A 45 -0.64 -5.23 -2.43
CA THR A 45 -1.24 -4.34 -3.42
C THR A 45 -2.74 -4.61 -3.58
N CYS A 46 -3.49 -3.57 -3.95
CA CYS A 46 -4.92 -3.64 -4.25
C CYS A 46 -5.35 -2.65 -5.34
N LEU A 47 -6.46 -2.94 -6.02
CA LEU A 47 -7.11 -2.03 -6.98
C LEU A 47 -7.95 -0.93 -6.31
N SER A 48 -8.05 -0.95 -4.97
CA SER A 48 -8.78 0.03 -4.14
C SER A 48 -7.87 0.69 -3.09
N LYS A 49 -7.85 2.02 -3.11
CA LYS A 49 -7.23 2.89 -2.10
C LYS A 49 -7.90 2.74 -0.73
N GLY A 50 -9.23 2.53 -0.72
CA GLY A 50 -10.00 2.30 0.51
C GLY A 50 -9.64 0.96 1.17
N HIS A 51 -9.44 -0.10 0.39
CA HIS A 51 -8.98 -1.38 0.93
C HIS A 51 -7.51 -1.33 1.38
N LEU A 52 -6.64 -0.58 0.70
CA LEU A 52 -5.28 -0.31 1.18
C LEU A 52 -5.30 0.38 2.56
N LYS A 53 -6.17 1.37 2.76
CA LYS A 53 -6.33 2.03 4.06
C LYS A 53 -6.73 1.01 5.14
N VAL A 54 -7.76 0.21 4.88
CA VAL A 54 -8.21 -0.84 5.83
C VAL A 54 -7.12 -1.87 6.11
N HIS A 55 -6.35 -2.26 5.10
CA HIS A 55 -5.19 -3.16 5.26
C HIS A 55 -4.16 -2.62 6.25
N ILE A 56 -3.79 -1.34 6.16
CA ILE A 56 -2.84 -0.73 7.10
C ILE A 56 -3.49 -0.54 8.48
N GLU A 57 -4.76 -0.15 8.53
CA GLU A 57 -5.54 0.05 9.77
C GLU A 57 -5.82 -1.25 10.54
N ARG A 58 -5.63 -2.41 9.91
CA ARG A 58 -5.80 -3.75 10.52
C ARG A 58 -4.49 -4.52 10.73
N VAL A 59 -3.57 -4.48 9.76
CA VAL A 59 -2.34 -5.28 9.79
C VAL A 59 -1.19 -4.52 10.44
N HIS A 60 -0.98 -3.26 10.04
CA HIS A 60 0.17 -2.43 10.43
C HIS A 60 -0.17 -1.31 11.43
N LYS A 61 -1.32 -1.44 12.10
CA LYS A 61 -1.86 -0.49 13.09
C LYS A 61 -0.90 -0.34 14.27
N LYS A 62 -0.40 0.88 14.46
CA LYS A 62 0.58 1.30 15.47
C LYS A 62 1.79 0.37 15.58
N ILE A 63 2.37 0.04 14.42
CA ILE A 63 3.56 -0.82 14.29
C ILE A 63 4.80 -0.17 14.95
N LYS A 64 5.61 -0.97 15.65
CA LYS A 64 6.69 -0.50 16.53
C LYS A 64 7.87 0.13 15.78
N GLN A 65 8.30 -0.50 14.70
CA GLN A 65 9.36 -0.07 13.78
C GLN A 65 10.77 0.11 14.38
N HIS A 66 11.79 -0.01 13.53
CA HIS A 66 13.17 0.37 13.85
C HIS A 66 13.86 1.06 12.65
N CYS A 67 14.83 1.92 12.97
CA CYS A 67 15.60 2.73 12.04
C CYS A 67 16.52 1.87 11.14
N ARG A 68 16.46 2.09 9.82
CA ARG A 68 17.37 1.41 8.89
C ARG A 68 18.81 1.92 8.96
N PHE A 69 19.03 3.13 9.49
CA PHE A 69 20.36 3.74 9.58
C PHE A 69 21.12 3.36 10.86
N CYS A 70 20.45 3.34 12.02
CA CYS A 70 21.07 3.10 13.33
C CYS A 70 20.45 1.96 14.17
N LYS A 71 19.47 1.23 13.61
CA LYS A 71 18.81 0.03 14.18
C LYS A 71 18.06 0.26 15.50
N LYS A 72 17.81 1.52 15.86
CA LYS A 72 17.00 1.96 17.01
C LYS A 72 15.52 1.74 16.77
N LYS A 73 14.91 1.02 17.70
CA LYS A 73 13.47 0.75 17.80
C LYS A 73 12.73 2.01 18.30
N TYR A 74 11.52 2.29 17.78
CA TYR A 74 10.81 3.54 18.08
C TYR A 74 9.41 3.41 18.71
N SER A 75 8.92 2.18 18.92
CA SER A 75 7.60 1.82 19.49
C SER A 75 6.36 2.38 18.76
N ASP A 76 6.56 3.25 17.77
CA ASP A 76 5.60 3.73 16.78
C ASP A 76 6.40 4.17 15.55
N VAL A 77 5.99 3.77 14.34
CA VAL A 77 6.55 4.31 13.09
C VAL A 77 6.50 5.84 13.06
N LYS A 78 5.45 6.46 13.60
CA LYS A 78 5.30 7.93 13.63
C LYS A 78 6.42 8.62 14.42
N ASN A 79 6.96 7.98 15.45
CA ASN A 79 8.12 8.49 16.19
C ASN A 79 9.42 8.32 15.38
N LEU A 80 9.55 7.22 14.64
CA LEU A 80 10.73 6.94 13.80
C LEU A 80 10.91 8.00 12.69
N ILE A 81 9.81 8.46 12.07
CA ILE A 81 9.88 9.47 11.00
C ILE A 81 10.56 10.75 11.50
N LYS A 82 10.13 11.23 12.69
CA LYS A 82 10.73 12.40 13.34
C LYS A 82 12.20 12.18 13.71
N HIS A 83 12.57 10.99 14.20
CA HIS A 83 13.96 10.61 14.42
C HIS A 83 14.79 10.66 13.13
N ILE A 84 14.28 10.13 12.01
CA ILE A 84 14.97 10.21 10.71
C ILE A 84 15.14 11.66 10.28
N ARG A 85 14.08 12.48 10.39
CA ARG A 85 14.14 13.91 10.04
C ARG A 85 15.08 14.75 10.92
N ASP A 86 15.30 14.35 12.16
CA ASP A 86 16.19 15.07 13.10
C ASP A 86 17.65 14.56 13.11
N ALA A 87 17.87 13.25 12.99
CA ALA A 87 19.19 12.61 13.13
C ALA A 87 19.82 12.15 11.79
N HIS A 88 19.00 11.90 10.76
CA HIS A 88 19.40 11.37 9.46
C HIS A 88 18.80 12.18 8.28
N ASP A 89 18.52 13.48 8.53
CA ASP A 89 17.74 14.42 7.70
C ASP A 89 17.68 14.13 6.17
N PRO A 90 16.52 13.67 5.66
CA PRO A 90 16.26 13.49 4.23
C PRO A 90 16.31 14.79 3.41
N GLN A 91 16.51 14.64 2.10
CA GLN A 91 16.53 15.74 1.11
C GLN A 91 15.13 16.21 0.67
N ASP A 92 14.05 15.55 1.15
CA ASP A 92 12.64 15.81 0.82
C ASP A 92 11.73 15.82 2.07
ZN ZN B . -8.20 -12.54 -11.82
ZN ZN C . 0.82 -4.25 4.39
ZN ZN D . 18.35 6.27 13.29
N GLY A 1 20.60 -34.36 -11.78
CA GLY A 1 21.53 -33.58 -10.95
C GLY A 1 20.79 -32.74 -9.91
N SER A 2 21.50 -32.29 -8.86
CA SER A 2 20.95 -31.48 -7.77
C SER A 2 20.52 -30.07 -8.21
N SER A 3 19.48 -29.52 -7.57
CA SER A 3 18.93 -28.19 -7.87
C SER A 3 19.87 -27.03 -7.50
N GLY A 4 19.86 -25.97 -8.29
CA GLY A 4 20.65 -24.74 -8.06
C GLY A 4 20.52 -23.72 -9.20
N SER A 5 20.70 -22.44 -8.88
CA SER A 5 20.66 -21.31 -9.83
C SER A 5 21.43 -20.09 -9.32
N SER A 6 21.79 -19.16 -10.21
CA SER A 6 22.54 -17.93 -9.91
C SER A 6 22.24 -16.80 -10.91
N GLY A 7 22.68 -15.58 -10.58
CA GLY A 7 22.59 -14.41 -11.47
C GLY A 7 21.19 -13.77 -11.52
N LYS A 8 20.39 -14.15 -12.53
CA LYS A 8 19.11 -13.51 -12.89
C LYS A 8 19.20 -11.97 -12.97
N PRO A 9 20.03 -11.42 -13.87
CA PRO A 9 20.33 -9.99 -13.97
C PRO A 9 19.14 -9.07 -14.23
N TYR A 10 18.13 -9.57 -14.95
CA TYR A 10 16.93 -8.83 -15.31
C TYR A 10 15.92 -8.87 -14.16
N LYS A 11 15.87 -7.79 -13.39
CA LYS A 11 15.17 -7.70 -12.09
C LYS A 11 14.01 -6.69 -12.12
N CYS A 12 12.93 -6.98 -11.40
CA CYS A 12 11.73 -6.16 -11.39
C CYS A 12 11.96 -4.90 -10.53
N PRO A 13 11.59 -3.70 -11.02
CA PRO A 13 11.63 -2.47 -10.25
C PRO A 13 10.43 -2.35 -9.28
N GLN A 14 9.48 -3.30 -9.34
CA GLN A 14 8.19 -3.24 -8.63
C GLN A 14 8.03 -4.35 -7.57
N CYS A 15 8.68 -5.50 -7.75
CA CYS A 15 8.70 -6.59 -6.77
C CYS A 15 10.05 -7.33 -6.71
N SER A 16 10.12 -8.43 -5.94
CA SER A 16 11.31 -9.26 -5.73
C SER A 16 11.66 -10.17 -6.92
N TYR A 17 10.87 -10.15 -8.00
CA TYR A 17 11.06 -10.97 -9.20
C TYR A 17 12.39 -10.72 -9.93
N ALA A 18 12.94 -11.78 -10.52
CA ALA A 18 14.11 -11.74 -11.40
C ALA A 18 14.09 -12.84 -12.48
N SER A 19 14.82 -12.63 -13.57
CA SER A 19 15.03 -13.59 -14.66
C SER A 19 16.42 -13.45 -15.29
N ALA A 20 16.89 -14.52 -15.95
CA ALA A 20 18.08 -14.52 -16.81
C ALA A 20 17.81 -14.01 -18.24
N ILE A 21 16.55 -13.67 -18.58
CA ILE A 21 16.12 -13.30 -19.94
C ILE A 21 15.36 -11.97 -19.92
N LYS A 22 15.72 -11.06 -20.84
CA LYS A 22 15.08 -9.73 -21.01
C LYS A 22 13.57 -9.82 -21.28
N ALA A 23 13.16 -10.69 -22.20
CA ALA A 23 11.74 -10.89 -22.53
C ALA A 23 10.91 -11.41 -21.35
N ASN A 24 11.50 -12.22 -20.46
CA ASN A 24 10.84 -12.71 -19.24
C ASN A 24 10.69 -11.63 -18.15
N LEU A 25 11.43 -10.53 -18.23
CA LEU A 25 11.16 -9.32 -17.43
C LEU A 25 10.06 -8.46 -18.08
N ASN A 26 10.05 -8.31 -19.41
CA ASN A 26 9.08 -7.49 -20.13
C ASN A 26 7.65 -8.06 -20.03
N VAL A 27 7.52 -9.39 -20.09
CA VAL A 27 6.24 -10.09 -19.87
C VAL A 27 5.72 -9.93 -18.44
N HIS A 28 6.64 -9.81 -17.48
CA HIS A 28 6.34 -9.81 -16.06
C HIS A 28 5.74 -8.47 -15.59
N LEU A 29 6.23 -7.35 -16.12
CA LEU A 29 5.73 -6.00 -15.80
C LEU A 29 4.24 -5.82 -16.19
N ARG A 30 3.72 -6.66 -17.10
CA ARG A 30 2.31 -6.69 -17.53
C ARG A 30 1.32 -6.99 -16.39
N LYS A 31 1.78 -7.63 -15.33
CA LYS A 31 0.99 -7.96 -14.10
C LYS A 31 0.75 -6.72 -13.24
N HIS A 32 1.75 -5.83 -13.18
CA HIS A 32 1.77 -4.65 -12.31
C HIS A 32 1.00 -3.42 -12.86
N THR A 33 0.38 -3.52 -14.04
CA THR A 33 -0.35 -2.42 -14.70
C THR A 33 -1.72 -2.11 -14.06
N GLY A 34 -2.34 -1.00 -14.47
CA GLY A 34 -3.61 -0.51 -13.93
C GLY A 34 -3.45 0.21 -12.58
N GLU A 35 -4.59 0.54 -11.94
CA GLU A 35 -4.60 1.23 -10.65
C GLU A 35 -4.39 0.24 -9.49
N LYS A 36 -3.11 0.11 -9.13
CA LYS A 36 -2.62 -0.72 -8.01
C LYS A 36 -2.08 0.14 -6.88
N PHE A 37 -2.73 0.01 -5.73
CA PHE A 37 -2.47 0.74 -4.49
C PHE A 37 -1.64 -0.16 -3.56
N ALA A 38 -0.35 0.14 -3.42
CA ALA A 38 0.63 -0.67 -2.67
C ALA A 38 0.76 -0.27 -1.20
N CYS A 39 1.00 -1.26 -0.33
CA CYS A 39 1.33 -1.03 1.06
C CYS A 39 2.71 -0.37 1.25
N ASP A 40 2.79 0.53 2.21
CA ASP A 40 4.03 1.19 2.62
C ASP A 40 4.81 0.34 3.66
N TYR A 41 4.21 -0.77 4.13
CA TYR A 41 4.73 -1.60 5.22
C TYR A 41 5.04 -3.04 4.79
N CYS A 42 4.38 -3.55 3.74
CA CYS A 42 4.70 -4.85 3.11
C CYS A 42 4.57 -4.81 1.58
N SER A 43 4.78 -5.97 0.93
CA SER A 43 4.66 -6.17 -0.52
C SER A 43 3.21 -6.22 -1.02
N PHE A 44 2.21 -5.99 -0.15
CA PHE A 44 0.79 -6.03 -0.48
C PHE A 44 0.37 -4.98 -1.53
N THR A 45 -0.62 -5.36 -2.33
CA THR A 45 -1.29 -4.48 -3.30
C THR A 45 -2.79 -4.76 -3.38
N CYS A 46 -3.56 -3.72 -3.69
CA CYS A 46 -5.00 -3.80 -3.93
C CYS A 46 -5.46 -2.87 -5.06
N LEU A 47 -6.70 -3.04 -5.53
CA LEU A 47 -7.32 -2.24 -6.59
C LEU A 47 -8.08 -0.99 -6.10
N SER A 48 -8.00 -0.67 -4.81
CA SER A 48 -8.59 0.52 -4.19
C SER A 48 -7.73 1.06 -3.04
N LYS A 49 -7.60 2.39 -3.01
CA LYS A 49 -7.03 3.17 -1.90
C LYS A 49 -7.78 2.96 -0.58
N GLY A 50 -9.11 2.73 -0.63
CA GLY A 50 -9.93 2.45 0.53
C GLY A 50 -9.62 1.07 1.15
N HIS A 51 -9.45 0.04 0.31
CA HIS A 51 -9.03 -1.29 0.76
C HIS A 51 -7.57 -1.30 1.24
N LEU A 52 -6.68 -0.50 0.62
CA LEU A 52 -5.32 -0.28 1.09
C LEU A 52 -5.29 0.36 2.49
N LYS A 53 -6.14 1.38 2.75
CA LYS A 53 -6.30 1.97 4.08
C LYS A 53 -6.73 0.89 5.07
N VAL A 54 -7.75 0.09 4.77
CA VAL A 54 -8.22 -0.99 5.67
C VAL A 54 -7.10 -2.01 5.95
N HIS A 55 -6.31 -2.38 4.95
CA HIS A 55 -5.14 -3.25 5.13
C HIS A 55 -4.13 -2.69 6.14
N ILE A 56 -3.77 -1.41 6.05
CA ILE A 56 -2.85 -0.78 7.00
C ILE A 56 -3.50 -0.61 8.39
N GLU A 57 -4.77 -0.24 8.43
CA GLU A 57 -5.58 -0.04 9.65
C GLU A 57 -5.87 -1.33 10.42
N ARG A 58 -5.63 -2.50 9.82
CA ARG A 58 -5.80 -3.83 10.45
C ARG A 58 -4.51 -4.60 10.65
N VAL A 59 -3.59 -4.54 9.68
CA VAL A 59 -2.34 -5.33 9.72
C VAL A 59 -1.21 -4.53 10.40
N HIS A 60 -1.04 -3.25 10.02
CA HIS A 60 0.10 -2.41 10.42
C HIS A 60 -0.26 -1.29 11.42
N LYS A 61 -1.40 -1.42 12.10
CA LYS A 61 -1.91 -0.45 13.09
C LYS A 61 -1.03 -0.47 14.35
N LYS A 62 -0.43 0.67 14.68
CA LYS A 62 0.55 0.87 15.77
C LYS A 62 1.69 -0.16 15.76
N ILE A 63 2.25 -0.39 14.57
CA ILE A 63 3.40 -1.28 14.33
C ILE A 63 4.72 -0.65 14.79
N LYS A 64 5.72 -1.50 15.08
CA LYS A 64 7.11 -1.09 15.38
C LYS A 64 7.90 -0.75 14.10
N GLN A 65 8.88 0.13 14.25
CA GLN A 65 9.85 0.55 13.23
C GLN A 65 11.27 0.40 13.79
N HIS A 66 12.31 0.39 12.94
CA HIS A 66 13.71 0.50 13.38
C HIS A 66 14.57 1.37 12.46
N CYS A 67 15.60 1.98 13.04
CA CYS A 67 16.58 2.85 12.38
C CYS A 67 17.56 2.06 11.51
N ARG A 68 17.74 2.49 10.26
CA ARG A 68 18.68 1.88 9.31
C ARG A 68 20.15 2.27 9.53
N PHE A 69 20.42 3.19 10.46
CA PHE A 69 21.77 3.63 10.81
C PHE A 69 22.30 3.02 12.12
N CYS A 70 21.44 2.86 13.14
CA CYS A 70 21.82 2.40 14.49
C CYS A 70 20.95 1.24 15.07
N LYS A 71 20.00 0.70 14.29
CA LYS A 71 19.09 -0.41 14.65
C LYS A 71 18.20 -0.16 15.88
N LYS A 72 18.10 1.09 16.35
CA LYS A 72 17.21 1.51 17.45
C LYS A 72 15.74 1.35 17.04
N LYS A 73 14.89 0.81 17.92
CA LYS A 73 13.45 0.62 17.66
C LYS A 73 12.62 1.84 18.05
N TYR A 74 11.60 2.12 17.24
CA TYR A 74 10.70 3.29 17.35
C TYR A 74 9.23 2.87 17.19
N SER A 75 8.39 3.24 18.16
CA SER A 75 6.95 2.86 18.18
C SER A 75 6.05 3.78 17.34
N ASP A 76 6.59 4.90 16.84
CA ASP A 76 5.94 5.82 15.91
C ASP A 76 6.96 6.26 14.84
N VAL A 77 6.59 6.13 13.56
CA VAL A 77 7.48 6.43 12.43
C VAL A 77 7.89 7.90 12.39
N LYS A 78 7.01 8.84 12.75
CA LYS A 78 7.30 10.29 12.76
C LYS A 78 8.50 10.63 13.65
N ASN A 79 8.63 9.95 14.80
CA ASN A 79 9.76 10.12 15.71
C ASN A 79 11.03 9.40 15.21
N LEU A 80 10.90 8.36 14.37
CA LEU A 80 12.04 7.77 13.68
C LEU A 80 12.65 8.75 12.65
N ILE A 81 11.81 9.46 11.88
CA ILE A 81 12.27 10.47 10.92
C ILE A 81 13.04 11.58 11.65
N LYS A 82 12.46 12.06 12.75
CA LYS A 82 13.06 13.06 13.65
C LYS A 82 14.39 12.57 14.22
N HIS A 83 14.46 11.32 14.70
CA HIS A 83 15.71 10.70 15.15
C HIS A 83 16.77 10.65 14.04
N ILE A 84 16.38 10.27 12.82
CA ILE A 84 17.27 10.28 11.66
C ILE A 84 17.79 11.71 11.41
N ARG A 85 16.91 12.71 11.32
CA ARG A 85 17.29 14.12 11.09
C ARG A 85 18.17 14.71 12.20
N ASP A 86 18.00 14.30 13.45
CA ASP A 86 18.74 14.83 14.59
C ASP A 86 20.09 14.12 14.84
N ALA A 87 20.14 12.79 14.64
CA ALA A 87 21.31 11.96 14.97
C ALA A 87 22.18 11.56 13.77
N HIS A 88 21.58 11.39 12.58
CA HIS A 88 22.26 10.80 11.40
C HIS A 88 22.37 11.70 10.17
N ASP A 89 21.21 12.19 9.79
CA ASP A 89 20.78 13.02 8.64
C ASP A 89 21.32 12.56 7.25
N PRO A 90 20.44 12.10 6.33
CA PRO A 90 20.83 11.56 5.02
C PRO A 90 21.32 12.65 4.02
N GLN A 91 21.83 12.20 2.86
CA GLN A 91 22.39 13.04 1.79
C GLN A 91 23.59 13.90 2.24
N ASP A 92 24.42 13.36 3.14
CA ASP A 92 25.68 13.97 3.64
C ASP A 92 26.81 14.02 2.58
ZN ZN B . 7.39 -7.59 -10.51
ZN ZN C . 0.90 -4.27 4.38
ZN ZN D . 19.45 5.83 14.48
#